data_9GGO
# 
_entry.id   9GGO 
# 
_audit_conform.dict_name       mmcif_pdbx.dic 
_audit_conform.dict_version    5.401 
_audit_conform.dict_location   http://mmcif.pdb.org/dictionaries/ascii/mmcif_pdbx.dic 
# 
loop_
_database_2.database_id 
_database_2.database_code 
_database_2.pdbx_database_accession 
_database_2.pdbx_DOI 
PDB   9GGO         pdb_00009ggo 10.2210/pdb9ggo/pdb 
WWPDB D_1292140532 ?            ?                   
# 
loop_
_pdbx_audit_revision_history.ordinal 
_pdbx_audit_revision_history.data_content_type 
_pdbx_audit_revision_history.major_revision 
_pdbx_audit_revision_history.minor_revision 
_pdbx_audit_revision_history.revision_date 
1 'Structure model' 1 0 2025-01-15 
2 'Structure model' 1 1 2025-02-05 
# 
_pdbx_audit_revision_details.ordinal             1 
_pdbx_audit_revision_details.revision_ordinal    1 
_pdbx_audit_revision_details.data_content_type   'Structure model' 
_pdbx_audit_revision_details.provider            repository 
_pdbx_audit_revision_details.type                'Initial release' 
_pdbx_audit_revision_details.description         ? 
_pdbx_audit_revision_details.details             ? 
# 
_pdbx_audit_revision_group.ordinal             1 
_pdbx_audit_revision_group.revision_ordinal    2 
_pdbx_audit_revision_group.data_content_type   'Structure model' 
_pdbx_audit_revision_group.group               'Database references' 
# 
loop_
_pdbx_audit_revision_category.ordinal 
_pdbx_audit_revision_category.revision_ordinal 
_pdbx_audit_revision_category.data_content_type 
_pdbx_audit_revision_category.category 
1 2 'Structure model' citation        
2 2 'Structure model' citation_author 
# 
loop_
_pdbx_audit_revision_item.ordinal 
_pdbx_audit_revision_item.revision_ordinal 
_pdbx_audit_revision_item.data_content_type 
_pdbx_audit_revision_item.item 
1  2 'Structure model' '_citation.country'                 
2  2 'Structure model' '_citation.journal_abbrev'          
3  2 'Structure model' '_citation.journal_id_ISSN'         
4  2 'Structure model' '_citation.journal_volume'          
5  2 'Structure model' '_citation.page_first'              
6  2 'Structure model' '_citation.page_last'               
7  2 'Structure model' '_citation.pdbx_database_id_PubMed' 
8  2 'Structure model' '_citation.title'                   
9  2 'Structure model' '_citation_author.identifier_ORCID' 
10 2 'Structure model' '_citation_author.name'             
# 
_pdbx_database_status.status_code                     REL 
_pdbx_database_status.status_code_sf                  REL 
_pdbx_database_status.status_code_mr                  ? 
_pdbx_database_status.entry_id                        9GGO 
_pdbx_database_status.recvd_initial_deposition_date   2024-08-13 
_pdbx_database_status.SG_entry                        N 
_pdbx_database_status.deposit_site                    PDBE 
_pdbx_database_status.process_site                    PDBE 
_pdbx_database_status.status_code_cs                  ? 
_pdbx_database_status.status_code_nmr_data            ? 
_pdbx_database_status.methods_development_category    ? 
_pdbx_database_status.pdb_format_compatible           Y 
# 
_pdbx_contact_author.id                 2 
_pdbx_contact_author.email              irmi.sinning@bzh.uni-heidelberg.de 
_pdbx_contact_author.name_first         Irmgard 
_pdbx_contact_author.name_last          Sinning 
_pdbx_contact_author.name_mi            ? 
_pdbx_contact_author.role               'principal investigator/group leader' 
_pdbx_contact_author.identifier_ORCID   0000-0001-9127-4477 
# 
loop_
_audit_author.name 
_audit_author.pdbx_ordinal 
_audit_author.identifier_ORCID 
'Schwan, M.'  1 0000-0003-3089-6963 
'Kopp, J.'    2 0000-0001-5633-7399 
'Sinning, I.' 3 0000-0001-9127-4477 
# 
_citation.abstract                  ? 
_citation.abstract_id_CAS           ? 
_citation.book_id_ISBN              ? 
_citation.book_publisher            ? 
_citation.book_publisher_city       ? 
_citation.book_title                ? 
_citation.coordinate_linkage        ? 
_citation.country                   US 
_citation.database_id_Medline       ? 
_citation.details                   ? 
_citation.id                        primary 
_citation.journal_abbrev            'Acs Cent.Sci.' 
_citation.journal_id_ASTM           ? 
_citation.journal_id_CSD            ? 
_citation.journal_id_ISSN           2374-7951 
_citation.journal_full              ? 
_citation.journal_issue             ? 
_citation.journal_volume            11 
_citation.language                  ? 
_citation.page_first                157 
_citation.page_last                 166 
_citation.title                     'Strand-Swapped SH3 Domain Dimer with Superoxide Dismutase Activity.' 
_citation.year                      2025 
_citation.database_id_CSD           ? 
_citation.pdbx_database_id_DOI      10.1021/acscentsci.4c01347 
_citation.pdbx_database_id_PubMed   39866698 
_citation.pdbx_database_id_patent   ? 
_citation.unpublished_flag          ? 
# 
loop_
_citation_author.citation_id 
_citation_author.name 
_citation_author.ordinal 
_citation_author.identifier_ORCID 
primary 'Hage, F.R.'           1 ? 
primary 'Schwan, M.'           2 ? 
primary 'Conde Gonzalez, M.R.' 3 ? 
primary 'Huber, J.'            4 ? 
primary 'Germer, S.'           5 ? 
primary 'Macri, M.'            6 ? 
primary 'Kopp, J.'             7 ? 
primary 'Sinning, I.'          8 ? 
primary 'Thomas, F.'           9 ? 
# 
loop_
_entity.id 
_entity.type 
_entity.src_method 
_entity.pdbx_description 
_entity.formula_weight 
_entity.pdbx_number_of_molecules 
_entity.pdbx_ec 
_entity.pdbx_mutation 
_entity.pdbx_fragment 
_entity.details 
1 polymer     syn 'SH3-like protein' 6813.684 1  ? ? ? ? 
2 non-polymer syn 'COPPER (II) ION'  63.546   2  ? ? ? ? 
3 non-polymer syn 1,2-ETHANEDIOL     62.068   2  ? ? ? ? 
4 water       nat water              18.015   20 ? ? ? ? 
# 
_entity_poly.entity_id                      1 
_entity_poly.type                           'polypeptide(L)' 
_entity_poly.nstd_linkage                   no 
_entity_poly.nstd_monomer                   no 
_entity_poly.pdbx_seq_one_letter_code       AEYVRALFDHTGHDEQELPFKKGEILRIRDKPEEQLWNAENVEGKRGLIHVVLVEKYG 
_entity_poly.pdbx_seq_one_letter_code_can   AEYVRALFDHTGHDEQELPFKKGEILRIRDKPEEQLWNAENVEGKRGLIHVVLVEKYG 
_entity_poly.pdbx_strand_id                 A 
_entity_poly.pdbx_target_identifier         ? 
# 
loop_
_pdbx_entity_nonpoly.entity_id 
_pdbx_entity_nonpoly.name 
_pdbx_entity_nonpoly.comp_id 
2 'COPPER (II) ION' CU  
3 1,2-ETHANEDIOL    EDO 
4 water             HOH 
# 
loop_
_entity_poly_seq.entity_id 
_entity_poly_seq.num 
_entity_poly_seq.mon_id 
_entity_poly_seq.hetero 
1 1  ALA n 
1 2  GLU n 
1 3  TYR n 
1 4  VAL n 
1 5  ARG n 
1 6  ALA n 
1 7  LEU n 
1 8  PHE n 
1 9  ASP n 
1 10 HIS n 
1 11 THR n 
1 12 GLY n 
1 13 HIS n 
1 14 ASP n 
1 15 GLU n 
1 16 GLN n 
1 17 GLU n 
1 18 LEU n 
1 19 PRO n 
1 20 PHE n 
1 21 LYS n 
1 22 LYS n 
1 23 GLY n 
1 24 GLU n 
1 25 ILE n 
1 26 LEU n 
1 27 ARG n 
1 28 ILE n 
1 29 ARG n 
1 30 ASP n 
1 31 LYS n 
1 32 PRO n 
1 33 GLU n 
1 34 GLU n 
1 35 GLN n 
1 36 LEU n 
1 37 TRP n 
1 38 ASN n 
1 39 ALA n 
1 40 GLU n 
1 41 ASN n 
1 42 VAL n 
1 43 GLU n 
1 44 GLY n 
1 45 LYS n 
1 46 ARG n 
1 47 GLY n 
1 48 LEU n 
1 49 ILE n 
1 50 HIS n 
1 51 VAL n 
1 52 VAL n 
1 53 LEU n 
1 54 VAL n 
1 55 GLU n 
1 56 LYS n 
1 57 TYR n 
1 58 GLY n 
# 
_pdbx_entity_src_syn.entity_id              1 
_pdbx_entity_src_syn.pdbx_src_id            1 
_pdbx_entity_src_syn.pdbx_alt_source_flag   sample 
_pdbx_entity_src_syn.pdbx_beg_seq_num       1 
_pdbx_entity_src_syn.pdbx_end_seq_num       58 
_pdbx_entity_src_syn.organism_scientific    'Homo sapiens' 
_pdbx_entity_src_syn.organism_common_name   ? 
_pdbx_entity_src_syn.ncbi_taxonomy_id       9606 
_pdbx_entity_src_syn.details                ? 
# 
loop_
_chem_comp.id 
_chem_comp.type 
_chem_comp.mon_nstd_flag 
_chem_comp.name 
_chem_comp.pdbx_synonyms 
_chem_comp.formula 
_chem_comp.formula_weight 
ALA 'L-peptide linking' y ALANINE           ?                 'C3 H7 N O2'     89.093  
ARG 'L-peptide linking' y ARGININE          ?                 'C6 H15 N4 O2 1' 175.209 
ASN 'L-peptide linking' y ASPARAGINE        ?                 'C4 H8 N2 O3'    132.118 
ASP 'L-peptide linking' y 'ASPARTIC ACID'   ?                 'C4 H7 N O4'     133.103 
CU  non-polymer         . 'COPPER (II) ION' ?                 'Cu 2'           63.546  
EDO non-polymer         . 1,2-ETHANEDIOL    'ETHYLENE GLYCOL' 'C2 H6 O2'       62.068  
GLN 'L-peptide linking' y GLUTAMINE         ?                 'C5 H10 N2 O3'   146.144 
GLU 'L-peptide linking' y 'GLUTAMIC ACID'   ?                 'C5 H9 N O4'     147.129 
GLY 'peptide linking'   y GLYCINE           ?                 'C2 H5 N O2'     75.067  
HIS 'L-peptide linking' y HISTIDINE         ?                 'C6 H10 N3 O2 1' 156.162 
HOH non-polymer         . WATER             ?                 'H2 O'           18.015  
ILE 'L-peptide linking' y ISOLEUCINE        ?                 'C6 H13 N O2'    131.173 
LEU 'L-peptide linking' y LEUCINE           ?                 'C6 H13 N O2'    131.173 
LYS 'L-peptide linking' y LYSINE            ?                 'C6 H15 N2 O2 1' 147.195 
PHE 'L-peptide linking' y PHENYLALANINE     ?                 'C9 H11 N O2'    165.189 
PRO 'L-peptide linking' y PROLINE           ?                 'C5 H9 N O2'     115.130 
THR 'L-peptide linking' y THREONINE         ?                 'C4 H9 N O3'     119.119 
TRP 'L-peptide linking' y TRYPTOPHAN        ?                 'C11 H12 N2 O2'  204.225 
TYR 'L-peptide linking' y TYROSINE          ?                 'C9 H11 N O3'    181.189 
VAL 'L-peptide linking' y VALINE            ?                 'C5 H11 N O2'    117.146 
# 
loop_
_pdbx_poly_seq_scheme.asym_id 
_pdbx_poly_seq_scheme.entity_id 
_pdbx_poly_seq_scheme.seq_id 
_pdbx_poly_seq_scheme.mon_id 
_pdbx_poly_seq_scheme.ndb_seq_num 
_pdbx_poly_seq_scheme.pdb_seq_num 
_pdbx_poly_seq_scheme.auth_seq_num 
_pdbx_poly_seq_scheme.pdb_mon_id 
_pdbx_poly_seq_scheme.auth_mon_id 
_pdbx_poly_seq_scheme.pdb_strand_id 
_pdbx_poly_seq_scheme.pdb_ins_code 
_pdbx_poly_seq_scheme.hetero 
A 1 1  ALA 1  1  1  ALA ALA A . n 
A 1 2  GLU 2  2  2  GLU GLU A . n 
A 1 3  TYR 3  3  3  TYR TYR A . n 
A 1 4  VAL 4  4  4  VAL VAL A . n 
A 1 5  ARG 5  5  5  ARG ARG A . n 
A 1 6  ALA 6  6  6  ALA ALA A . n 
A 1 7  LEU 7  7  7  LEU LEU A . n 
A 1 8  PHE 8  8  8  PHE PHE A . n 
A 1 9  ASP 9  9  9  ASP ASP A . n 
A 1 10 HIS 10 10 10 HIS HIS A . n 
A 1 11 THR 11 11 11 THR THR A . n 
A 1 12 GLY 12 12 12 GLY GLY A . n 
A 1 13 HIS 13 13 13 HIS HIS A . n 
A 1 14 ASP 14 14 14 ASP ASP A . n 
A 1 15 GLU 15 15 15 GLU GLU A . n 
A 1 16 GLN 16 16 16 GLN GLN A . n 
A 1 17 GLU 17 17 17 GLU GLU A . n 
A 1 18 LEU 18 18 18 LEU LEU A . n 
A 1 19 PRO 19 19 19 PRO PRO A . n 
A 1 20 PHE 20 20 20 PHE PHE A . n 
A 1 21 LYS 21 21 21 LYS LYS A . n 
A 1 22 LYS 22 22 22 LYS LYS A . n 
A 1 23 GLY 23 23 23 GLY GLY A . n 
A 1 24 GLU 24 24 24 GLU GLU A . n 
A 1 25 ILE 25 25 25 ILE ILE A . n 
A 1 26 LEU 26 26 26 LEU LEU A . n 
A 1 27 ARG 27 27 27 ARG ARG A . n 
A 1 28 ILE 28 28 28 ILE ILE A . n 
A 1 29 ARG 29 29 29 ARG ARG A . n 
A 1 30 ASP 30 30 30 ASP ASP A . n 
A 1 31 LYS 31 31 31 LYS LYS A . n 
A 1 32 PRO 32 32 32 PRO PRO A . n 
A 1 33 GLU 33 33 33 GLU GLU A . n 
A 1 34 GLU 34 34 34 GLU GLU A . n 
A 1 35 GLN 35 35 35 GLN GLN A . n 
A 1 36 LEU 36 36 36 LEU LEU A . n 
A 1 37 TRP 37 37 37 TRP TRP A . n 
A 1 38 ASN 38 38 38 ASN ASN A . n 
A 1 39 ALA 39 39 39 ALA ALA A . n 
A 1 40 GLU 40 40 40 GLU GLU A . n 
A 1 41 ASN 41 41 41 ASN ASN A . n 
A 1 42 VAL 42 42 42 VAL VAL A . n 
A 1 43 GLU 43 43 43 GLU GLU A . n 
A 1 44 GLY 44 44 44 GLY GLY A . n 
A 1 45 LYS 45 45 45 LYS LYS A . n 
A 1 46 ARG 46 46 46 ARG ARG A . n 
A 1 47 GLY 47 47 47 GLY GLY A . n 
A 1 48 LEU 48 48 48 LEU LEU A . n 
A 1 49 ILE 49 49 49 ILE ILE A . n 
A 1 50 HIS 50 50 50 HIS HIS A . n 
A 1 51 VAL 51 51 51 VAL VAL A . n 
A 1 52 VAL 52 52 52 VAL VAL A . n 
A 1 53 LEU 53 53 53 LEU LEU A . n 
A 1 54 VAL 54 54 54 VAL VAL A . n 
A 1 55 GLU 55 55 55 GLU GLU A . n 
A 1 56 LYS 56 56 56 LYS LYS A . n 
A 1 57 TYR 57 57 57 TYR TYR A . n 
A 1 58 GLY 58 58 58 GLY GLY A . n 
# 
_pdbx_entity_instance_feature.ordinal        1 
_pdbx_entity_instance_feature.comp_id        CU 
_pdbx_entity_instance_feature.asym_id        ? 
_pdbx_entity_instance_feature.seq_num        ? 
_pdbx_entity_instance_feature.auth_comp_id   CU 
_pdbx_entity_instance_feature.auth_asym_id   ? 
_pdbx_entity_instance_feature.auth_seq_num   ? 
_pdbx_entity_instance_feature.feature_type   'SUBJECT OF INVESTIGATION' 
_pdbx_entity_instance_feature.details        ? 
# 
loop_
_pdbx_nonpoly_scheme.asym_id 
_pdbx_nonpoly_scheme.entity_id 
_pdbx_nonpoly_scheme.mon_id 
_pdbx_nonpoly_scheme.ndb_seq_num 
_pdbx_nonpoly_scheme.pdb_seq_num 
_pdbx_nonpoly_scheme.auth_seq_num 
_pdbx_nonpoly_scheme.pdb_mon_id 
_pdbx_nonpoly_scheme.auth_mon_id 
_pdbx_nonpoly_scheme.pdb_strand_id 
_pdbx_nonpoly_scheme.pdb_ins_code 
B 2 CU  1  101 61  CU  CU  A . 
C 2 CU  1  102 62  CU  CU  A . 
D 3 EDO 1  103 101 EDO EDO A . 
E 3 EDO 1  104 102 EDO EDO A . 
F 4 HOH 1  201 2   HOH HOH A . 
F 4 HOH 2  202 19  HOH HOH A . 
F 4 HOH 3  203 6   HOH HOH A . 
F 4 HOH 4  204 17  HOH HOH A . 
F 4 HOH 5  205 7   HOH HOH A . 
F 4 HOH 6  206 18  HOH HOH A . 
F 4 HOH 7  207 10  HOH HOH A . 
F 4 HOH 8  208 14  HOH HOH A . 
F 4 HOH 9  209 5   HOH HOH A . 
F 4 HOH 10 210 3   HOH HOH A . 
F 4 HOH 11 211 11  HOH HOH A . 
F 4 HOH 12 212 24  HOH HOH A . 
F 4 HOH 13 213 4   HOH HOH A . 
F 4 HOH 14 214 9   HOH HOH A . 
F 4 HOH 15 215 1   HOH HOH A . 
F 4 HOH 16 216 25  HOH HOH A . 
F 4 HOH 17 217 12  HOH HOH A . 
F 4 HOH 18 218 22  HOH HOH A . 
F 4 HOH 19 219 13  HOH HOH A . 
F 4 HOH 20 220 21  HOH HOH A . 
# 
loop_
_software.citation_id 
_software.classification 
_software.compiler_name 
_software.compiler_version 
_software.contact_author 
_software.contact_author_email 
_software.date 
_software.description 
_software.dependencies 
_software.hardware 
_software.language 
_software.location 
_software.mods 
_software.name 
_software.os 
_software.os_version 
_software.type 
_software.version 
_software.pdbx_ordinal 
? refinement       ? ? ? ? ? ? ? ? ? ? ? PHENIX  ? ? ? 1.21_5207 1 
? 'data reduction' ? ? ? ? ? ? ? ? ? ? ? XDS     ? ? ? 20230630  2 
? 'data scaling'   ? ? ? ? ? ? ? ? ? ? ? Aimless ? ? ? 1.12.16   3 
? phasing          ? ? ? ? ? ? ? ? ? ? ? PHASER  ? ? ? 2.8.3     4 
# 
_cell.angle_alpha                  90.000 
_cell.angle_alpha_esd              ? 
_cell.angle_beta                   90.000 
_cell.angle_beta_esd               ? 
_cell.angle_gamma                  120.000 
_cell.angle_gamma_esd              ? 
_cell.entry_id                     9GGO 
_cell.details                      ? 
_cell.formula_units_Z              ? 
_cell.length_a                     56.509 
_cell.length_a_esd                 ? 
_cell.length_b                     56.509 
_cell.length_b_esd                 ? 
_cell.length_c                     58.778 
_cell.length_c_esd                 ? 
_cell.volume                       162547.644 
_cell.volume_esd                   ? 
_cell.Z_PDB                        6 
_cell.reciprocal_angle_alpha       ? 
_cell.reciprocal_angle_beta        ? 
_cell.reciprocal_angle_gamma       ? 
_cell.reciprocal_angle_alpha_esd   ? 
_cell.reciprocal_angle_beta_esd    ? 
_cell.reciprocal_angle_gamma_esd   ? 
_cell.reciprocal_length_a          ? 
_cell.reciprocal_length_b          ? 
_cell.reciprocal_length_c          ? 
_cell.reciprocal_length_a_esd      ? 
_cell.reciprocal_length_b_esd      ? 
_cell.reciprocal_length_c_esd      ? 
_cell.pdbx_unique_axis             ? 
_cell.pdbx_esd_method              ? 
# 
_symmetry.entry_id                         9GGO 
_symmetry.cell_setting                     ? 
_symmetry.Int_Tables_number                152 
_symmetry.space_group_name_Hall            
;P 31 2"
;
_symmetry.space_group_name_H-M             'P 31 2 1' 
_symmetry.pdbx_full_space_group_name_H-M   ? 
# 
_exptl.absorpt_coefficient_mu     ? 
_exptl.absorpt_correction_T_max   ? 
_exptl.absorpt_correction_T_min   ? 
_exptl.absorpt_correction_type    ? 
_exptl.absorpt_process_details    ? 
_exptl.entry_id                   9GGO 
_exptl.crystals_number            1 
_exptl.details                    ? 
_exptl.method                     'X-RAY DIFFRACTION' 
_exptl.method_details             ? 
# 
_exptl_crystal.colour                       ? 
_exptl_crystal.density_diffrn               ? 
_exptl_crystal.density_Matthews             3.98 
_exptl_crystal.density_method               ? 
_exptl_crystal.density_percent_sol          69.06 
_exptl_crystal.description                  ? 
_exptl_crystal.F_000                        ? 
_exptl_crystal.id                           1 
_exptl_crystal.preparation                  ? 
_exptl_crystal.size_max                     ? 
_exptl_crystal.size_mid                     ? 
_exptl_crystal.size_min                     ? 
_exptl_crystal.size_rad                     ? 
_exptl_crystal.colour_lustre                ? 
_exptl_crystal.colour_modifier              ? 
_exptl_crystal.colour_primary               ? 
_exptl_crystal.density_meas                 ? 
_exptl_crystal.density_meas_esd             ? 
_exptl_crystal.density_meas_gt              ? 
_exptl_crystal.density_meas_lt              ? 
_exptl_crystal.density_meas_temp            ? 
_exptl_crystal.density_meas_temp_esd        ? 
_exptl_crystal.density_meas_temp_gt         ? 
_exptl_crystal.density_meas_temp_lt         ? 
_exptl_crystal.pdbx_crystal_image_url       ? 
_exptl_crystal.pdbx_crystal_image_format    ? 
_exptl_crystal.pdbx_mosaicity               ? 
_exptl_crystal.pdbx_mosaicity_esd           ? 
_exptl_crystal.pdbx_mosaic_method           ? 
_exptl_crystal.pdbx_mosaic_block_size       ? 
_exptl_crystal.pdbx_mosaic_block_size_esd   ? 
# 
_exptl_crystal_grow.apparatus       ? 
_exptl_crystal_grow.atmosphere      ? 
_exptl_crystal_grow.crystal_id      1 
_exptl_crystal_grow.details         ? 
_exptl_crystal_grow.method          'VAPOR DIFFUSION, SITTING DROP' 
_exptl_crystal_grow.method_ref      ? 
_exptl_crystal_grow.pH              8.5 
_exptl_crystal_grow.pressure        ? 
_exptl_crystal_grow.pressure_esd    ? 
_exptl_crystal_grow.seeding         ? 
_exptl_crystal_grow.seeding_ref     ? 
_exptl_crystal_grow.temp_details    ? 
_exptl_crystal_grow.temp_esd        ? 
_exptl_crystal_grow.time            ? 
_exptl_crystal_grow.pdbx_details    
;Reservoir: 1.26 M ammonium sulfate, 0.1 M CHES pH 9.5, 0.2 M sodium chloride. Drops contained 300 nL reservoir solution and 300 nL concentrated protein.
;
_exptl_crystal_grow.pdbx_pH_range   ? 
_exptl_crystal_grow.temp            291.15 
# 
_diffrn.ambient_environment              ? 
_diffrn.ambient_temp                     100 
_diffrn.ambient_temp_details             ? 
_diffrn.ambient_temp_esd                 ? 
_diffrn.crystal_id                       1 
_diffrn.crystal_support                  ? 
_diffrn.crystal_treatment                ? 
_diffrn.details                          ? 
_diffrn.id                               1 
_diffrn.ambient_pressure                 ? 
_diffrn.ambient_pressure_esd             ? 
_diffrn.ambient_pressure_gt              ? 
_diffrn.ambient_pressure_lt              ? 
_diffrn.ambient_temp_gt                  ? 
_diffrn.ambient_temp_lt                  ? 
_diffrn.pdbx_serial_crystal_experiment   N 
# 
_diffrn_detector.details                      ? 
_diffrn_detector.detector                     PIXEL 
_diffrn_detector.diffrn_id                    1 
_diffrn_detector.type                         'DECTRIS EIGER2 S 16M' 
_diffrn_detector.area_resol_mean              ? 
_diffrn_detector.dtime                        ? 
_diffrn_detector.pdbx_frames_total            ? 
_diffrn_detector.pdbx_collection_time_total   ? 
_diffrn_detector.pdbx_collection_date         2023-09-23 
_diffrn_detector.pdbx_frequency               ? 
_diffrn_detector.id                           ? 
_diffrn_detector.number_of_axes               ? 
# 
_diffrn_radiation.collimation                      ? 
_diffrn_radiation.diffrn_id                        1 
_diffrn_radiation.filter_edge                      ? 
_diffrn_radiation.inhomogeneity                    ? 
_diffrn_radiation.monochromator                    'Si(1,1,1)' 
_diffrn_radiation.polarisn_norm                    ? 
_diffrn_radiation.polarisn_ratio                   ? 
_diffrn_radiation.probe                            ? 
_diffrn_radiation.type                             ? 
_diffrn_radiation.xray_symbol                      ? 
_diffrn_radiation.wavelength_id                    1 
_diffrn_radiation.pdbx_monochromatic_or_laue_m_l   M 
_diffrn_radiation.pdbx_wavelength_list             ? 
_diffrn_radiation.pdbx_wavelength                  ? 
_diffrn_radiation.pdbx_diffrn_protocol             'SINGLE WAVELENGTH' 
_diffrn_radiation.pdbx_analyzer                    ? 
_diffrn_radiation.pdbx_scattering_type             x-ray 
# 
_diffrn_radiation_wavelength.id           1 
_diffrn_radiation_wavelength.wavelength   1.3694 
_diffrn_radiation_wavelength.wt           1.0 
# 
_diffrn_source.current                     ? 
_diffrn_source.details                     ? 
_diffrn_source.diffrn_id                   1 
_diffrn_source.power                       ? 
_diffrn_source.size                        ? 
_diffrn_source.source                      SYNCHROTRON 
_diffrn_source.target                      ? 
_diffrn_source.type                        'ESRF BEAMLINE ID23-1' 
_diffrn_source.voltage                     ? 
_diffrn_source.take-off_angle              ? 
_diffrn_source.pdbx_wavelength_list        1.3694 
_diffrn_source.pdbx_wavelength             ? 
_diffrn_source.pdbx_synchrotron_beamline   ID23-1 
_diffrn_source.pdbx_synchrotron_site       ESRF 
# 
_reflns.B_iso_Wilson_estimate                          37.98 
_reflns.entry_id                                       9GGO 
_reflns.data_reduction_details                         ? 
_reflns.data_reduction_method                          ? 
_reflns.d_resolution_high                              2.00 
_reflns.d_resolution_low                               37.61 
_reflns.details                                        ? 
_reflns.limit_h_max                                    ? 
_reflns.limit_h_min                                    ? 
_reflns.limit_k_max                                    ? 
_reflns.limit_k_min                                    ? 
_reflns.limit_l_max                                    ? 
_reflns.limit_l_min                                    ? 
_reflns.number_all                                     ? 
_reflns.number_obs                                     15348 
_reflns.observed_criterion                             ? 
_reflns.observed_criterion_F_max                       ? 
_reflns.observed_criterion_F_min                       ? 
_reflns.observed_criterion_I_max                       ? 
_reflns.observed_criterion_I_min                       ? 
_reflns.observed_criterion_sigma_F                     ? 
_reflns.observed_criterion_sigma_I                     ? 
_reflns.percent_possible_obs                           100 
_reflns.R_free_details                                 ? 
_reflns.Rmerge_F_all                                   ? 
_reflns.Rmerge_F_obs                                   ? 
_reflns.Friedel_coverage                               ? 
_reflns.number_gt                                      ? 
_reflns.threshold_expression                           ? 
_reflns.pdbx_redundancy                                20.9 
_reflns.pdbx_netI_over_av_sigmaI                       ? 
_reflns.pdbx_netI_over_sigmaI                          12.3 
_reflns.pdbx_res_netI_over_av_sigmaI_2                 ? 
_reflns.pdbx_res_netI_over_sigmaI_2                    ? 
_reflns.pdbx_chi_squared                               ? 
_reflns.pdbx_scaling_rejects                           ? 
_reflns.pdbx_d_res_high_opt                            ? 
_reflns.pdbx_d_res_low_opt                             ? 
_reflns.pdbx_d_res_opt_method                          ? 
_reflns.phase_calculation_details                      ? 
_reflns.pdbx_Rrim_I_all                                ? 
_reflns.pdbx_Rpim_I_all                                0.038 
_reflns.pdbx_d_opt                                     ? 
_reflns.pdbx_number_measured_all                       ? 
_reflns.pdbx_diffrn_id                                 1 
_reflns.pdbx_ordinal                                   1 
_reflns.pdbx_CC_half                                   0.999 
_reflns.pdbx_CC_star                                   ? 
_reflns.pdbx_R_split                                   ? 
_reflns.pdbx_Rmerge_I_obs                              0.162 
_reflns.pdbx_Rmerge_I_all                              ? 
_reflns.pdbx_Rsym_value                                ? 
_reflns.pdbx_CC_split_method                           ? 
_reflns.pdbx_aniso_diffraction_limit_axis_1_ortho[1]   ? 
_reflns.pdbx_aniso_diffraction_limit_axis_1_ortho[2]   ? 
_reflns.pdbx_aniso_diffraction_limit_axis_1_ortho[3]   ? 
_reflns.pdbx_aniso_diffraction_limit_axis_2_ortho[1]   ? 
_reflns.pdbx_aniso_diffraction_limit_axis_2_ortho[2]   ? 
_reflns.pdbx_aniso_diffraction_limit_axis_2_ortho[3]   ? 
_reflns.pdbx_aniso_diffraction_limit_axis_3_ortho[1]   ? 
_reflns.pdbx_aniso_diffraction_limit_axis_3_ortho[2]   ? 
_reflns.pdbx_aniso_diffraction_limit_axis_3_ortho[3]   ? 
_reflns.pdbx_aniso_diffraction_limit_1                 ? 
_reflns.pdbx_aniso_diffraction_limit_2                 ? 
_reflns.pdbx_aniso_diffraction_limit_3                 ? 
_reflns.pdbx_aniso_B_tensor_eigenvector_1_ortho[1]     ? 
_reflns.pdbx_aniso_B_tensor_eigenvector_1_ortho[2]     ? 
_reflns.pdbx_aniso_B_tensor_eigenvector_1_ortho[3]     ? 
_reflns.pdbx_aniso_B_tensor_eigenvector_2_ortho[1]     ? 
_reflns.pdbx_aniso_B_tensor_eigenvector_2_ortho[2]     ? 
_reflns.pdbx_aniso_B_tensor_eigenvector_2_ortho[3]     ? 
_reflns.pdbx_aniso_B_tensor_eigenvector_3_ortho[1]     ? 
_reflns.pdbx_aniso_B_tensor_eigenvector_3_ortho[2]     ? 
_reflns.pdbx_aniso_B_tensor_eigenvector_3_ortho[3]     ? 
_reflns.pdbx_aniso_B_tensor_eigenvalue_1               ? 
_reflns.pdbx_aniso_B_tensor_eigenvalue_2               ? 
_reflns.pdbx_aniso_B_tensor_eigenvalue_3               ? 
_reflns.pdbx_orthogonalization_convention              ? 
_reflns.pdbx_percent_possible_ellipsoidal              ? 
_reflns.pdbx_percent_possible_spherical                ? 
_reflns.pdbx_percent_possible_ellipsoidal_anomalous    ? 
_reflns.pdbx_percent_possible_spherical_anomalous      ? 
_reflns.pdbx_redundancy_anomalous                      ? 
_reflns.pdbx_CC_half_anomalous                         ? 
_reflns.pdbx_absDiff_over_sigma_anomalous              ? 
_reflns.pdbx_percent_possible_anomalous                ? 
_reflns.pdbx_observed_signal_threshold                 ? 
_reflns.pdbx_signal_type                               ? 
_reflns.pdbx_signal_details                            ? 
_reflns.pdbx_signal_software_id                        ? 
# 
_reflns_shell.d_res_high                                    2.00 
_reflns_shell.d_res_low                                     2.05 
_reflns_shell.meanI_over_sigI_all                           ? 
_reflns_shell.meanI_over_sigI_obs                           1.5 
_reflns_shell.number_measured_all                           ? 
_reflns_shell.number_measured_obs                           ? 
_reflns_shell.number_possible                               ? 
_reflns_shell.number_unique_all                             ? 
_reflns_shell.number_unique_obs                             1092 
_reflns_shell.percent_possible_obs                          ? 
_reflns_shell.Rmerge_F_all                                  ? 
_reflns_shell.Rmerge_F_obs                                  ? 
_reflns_shell.meanI_over_sigI_gt                            ? 
_reflns_shell.meanI_over_uI_all                             ? 
_reflns_shell.meanI_over_uI_gt                              ? 
_reflns_shell.number_measured_gt                            ? 
_reflns_shell.number_unique_gt                              ? 
_reflns_shell.percent_possible_gt                           ? 
_reflns_shell.Rmerge_F_gt                                   ? 
_reflns_shell.Rmerge_I_gt                                   ? 
_reflns_shell.pdbx_redundancy                               ? 
_reflns_shell.pdbx_chi_squared                              ? 
_reflns_shell.pdbx_netI_over_sigmaI_all                     ? 
_reflns_shell.pdbx_netI_over_sigmaI_obs                     ? 
_reflns_shell.pdbx_Rrim_I_all                               ? 
_reflns_shell.pdbx_Rpim_I_all                               0.653 
_reflns_shell.pdbx_rejects                                  ? 
_reflns_shell.pdbx_ordinal                                  1 
_reflns_shell.pdbx_diffrn_id                                1 
_reflns_shell.pdbx_CC_half                                  0.833 
_reflns_shell.pdbx_CC_star                                  ? 
_reflns_shell.pdbx_R_split                                  ? 
_reflns_shell.percent_possible_all                          100 
_reflns_shell.Rmerge_I_all                                  ? 
_reflns_shell.Rmerge_I_obs                                  2.814 
_reflns_shell.pdbx_Rsym_value                               ? 
_reflns_shell.pdbx_percent_possible_ellipsoidal             ? 
_reflns_shell.pdbx_percent_possible_spherical               ? 
_reflns_shell.pdbx_percent_possible_ellipsoidal_anomalous   ? 
_reflns_shell.pdbx_percent_possible_spherical_anomalous     ? 
_reflns_shell.pdbx_redundancy_anomalous                     ? 
_reflns_shell.pdbx_CC_half_anomalous                        ? 
_reflns_shell.pdbx_absDiff_over_sigma_anomalous             ? 
_reflns_shell.pdbx_percent_possible_anomalous               ? 
# 
_refine.aniso_B[1][1]                            ? 
_refine.aniso_B[1][2]                            ? 
_refine.aniso_B[1][3]                            ? 
_refine.aniso_B[2][2]                            ? 
_refine.aniso_B[2][3]                            ? 
_refine.aniso_B[3][3]                            ? 
_refine.B_iso_max                                ? 
_refine.B_iso_mean                               48.01 
_refine.B_iso_min                                ? 
_refine.correlation_coeff_Fo_to_Fc               ? 
_refine.correlation_coeff_Fo_to_Fc_free          ? 
_refine.details                                  ? 
_refine.diff_density_max                         ? 
_refine.diff_density_max_esd                     ? 
_refine.diff_density_min                         ? 
_refine.diff_density_min_esd                     ? 
_refine.diff_density_rms                         ? 
_refine.diff_density_rms_esd                     ? 
_refine.entry_id                                 9GGO 
_refine.pdbx_refine_id                           'X-RAY DIFFRACTION' 
_refine.ls_abs_structure_details                 ? 
_refine.ls_abs_structure_Flack                   ? 
_refine.ls_abs_structure_Flack_esd               ? 
_refine.ls_abs_structure_Rogers                  ? 
_refine.ls_abs_structure_Rogers_esd              ? 
_refine.ls_d_res_high                            2.00 
_refine.ls_d_res_low                             37.61 
_refine.ls_extinction_coef                       ? 
_refine.ls_extinction_coef_esd                   ? 
_refine.ls_extinction_expression                 ? 
_refine.ls_extinction_method                     ? 
_refine.ls_goodness_of_fit_all                   ? 
_refine.ls_goodness_of_fit_all_esd               ? 
_refine.ls_goodness_of_fit_obs                   ? 
_refine.ls_goodness_of_fit_obs_esd               ? 
_refine.ls_hydrogen_treatment                    ? 
_refine.ls_matrix_type                           ? 
_refine.ls_number_constraints                    ? 
_refine.ls_number_parameters                     ? 
_refine.ls_number_reflns_all                     ? 
_refine.ls_number_reflns_obs                     14168 
_refine.ls_number_reflns_R_free                  705 
_refine.ls_number_reflns_R_work                  13463 
_refine.ls_number_restraints                     ? 
_refine.ls_percent_reflns_obs                    99.78 
_refine.ls_percent_reflns_R_free                 4.98 
_refine.ls_R_factor_all                          ? 
_refine.ls_R_factor_obs                          0.2046 
_refine.ls_R_factor_R_free                       0.2274 
_refine.ls_R_factor_R_free_error                 ? 
_refine.ls_R_factor_R_free_error_details         ? 
_refine.ls_R_factor_R_work                       0.2034 
_refine.ls_R_Fsqd_factor_obs                     ? 
_refine.ls_R_I_factor_obs                        ? 
_refine.ls_redundancy_reflns_all                 ? 
_refine.ls_redundancy_reflns_obs                 ? 
_refine.ls_restrained_S_all                      ? 
_refine.ls_restrained_S_obs                      ? 
_refine.ls_shift_over_esd_max                    ? 
_refine.ls_shift_over_esd_mean                   ? 
_refine.ls_structure_factor_coef                 ? 
_refine.ls_weighting_details                     ? 
_refine.ls_weighting_scheme                      ? 
_refine.ls_wR_factor_all                         ? 
_refine.ls_wR_factor_obs                         ? 
_refine.ls_wR_factor_R_free                      ? 
_refine.ls_wR_factor_R_work                      ? 
_refine.occupancy_max                            ? 
_refine.occupancy_min                            ? 
_refine.solvent_model_details                    'FLAT BULK SOLVENT MODEL' 
_refine.solvent_model_param_bsol                 ? 
_refine.solvent_model_param_ksol                 ? 
_refine.pdbx_R_complete                          ? 
_refine.ls_R_factor_gt                           ? 
_refine.ls_goodness_of_fit_gt                    ? 
_refine.ls_goodness_of_fit_ref                   ? 
_refine.ls_shift_over_su_max                     ? 
_refine.ls_shift_over_su_max_lt                  ? 
_refine.ls_shift_over_su_mean                    ? 
_refine.ls_shift_over_su_mean_lt                 ? 
_refine.pdbx_ls_sigma_I                          ? 
_refine.pdbx_ls_sigma_F                          1.33 
_refine.pdbx_ls_sigma_Fsqd                       ? 
_refine.pdbx_data_cutoff_high_absF               ? 
_refine.pdbx_data_cutoff_high_rms_absF           ? 
_refine.pdbx_data_cutoff_low_absF                ? 
_refine.pdbx_isotropic_thermal_model             ? 
_refine.pdbx_ls_cross_valid_method               'FREE R-VALUE' 
_refine.pdbx_method_to_determine_struct          'MOLECULAR REPLACEMENT' 
_refine.pdbx_starting_model                      ? 
_refine.pdbx_stereochemistry_target_values       'GeoStd + Monomer Library + CDL v1.2' 
_refine.pdbx_R_Free_selection_details            ? 
_refine.pdbx_stereochem_target_val_spec_case     ? 
_refine.pdbx_overall_ESU_R                       ? 
_refine.pdbx_overall_ESU_R_Free                  ? 
_refine.pdbx_solvent_vdw_probe_radii             1.1000 
_refine.pdbx_solvent_ion_probe_radii             ? 
_refine.pdbx_solvent_shrinkage_radii             0.9000 
_refine.pdbx_real_space_R                        ? 
_refine.pdbx_density_correlation                 ? 
_refine.pdbx_pd_number_of_powder_patterns        ? 
_refine.pdbx_pd_number_of_points                 ? 
_refine.pdbx_pd_meas_number_of_points            ? 
_refine.pdbx_pd_proc_ls_prof_R_factor            ? 
_refine.pdbx_pd_proc_ls_prof_wR_factor           ? 
_refine.pdbx_pd_Marquardt_correlation_coeff      ? 
_refine.pdbx_pd_Fsqrd_R_factor                   ? 
_refine.pdbx_pd_ls_matrix_band_width             ? 
_refine.pdbx_overall_phase_error                 36.5019 
_refine.pdbx_overall_SU_R_free_Cruickshank_DPI   ? 
_refine.pdbx_overall_SU_R_free_Blow_DPI          ? 
_refine.pdbx_overall_SU_R_Blow_DPI               ? 
_refine.pdbx_TLS_residual_ADP_flag               ? 
_refine.pdbx_diffrn_id                           1 
_refine.overall_SU_B                             ? 
_refine.overall_SU_ML                            0.1802 
_refine.overall_SU_R_Cruickshank_DPI             ? 
_refine.overall_SU_R_free                        ? 
_refine.overall_FOM_free_R_set                   ? 
_refine.overall_FOM_work_R_set                   ? 
_refine.pdbx_average_fsc_overall                 ? 
_refine.pdbx_average_fsc_work                    ? 
_refine.pdbx_average_fsc_free                    ? 
# 
_refine_hist.pdbx_refine_id                   'X-RAY DIFFRACTION' 
_refine_hist.cycle_id                         LAST 
_refine_hist.details                          ? 
_refine_hist.d_res_high                       2.00 
_refine_hist.d_res_low                        37.61 
_refine_hist.number_atoms_solvent             20 
_refine_hist.number_atoms_total               511 
_refine_hist.number_reflns_all                ? 
_refine_hist.number_reflns_obs                ? 
_refine_hist.number_reflns_R_free             ? 
_refine_hist.number_reflns_R_work             ? 
_refine_hist.R_factor_all                     ? 
_refine_hist.R_factor_obs                     ? 
_refine_hist.R_factor_R_free                  ? 
_refine_hist.R_factor_R_work                  ? 
_refine_hist.pdbx_number_residues_total       ? 
_refine_hist.pdbx_B_iso_mean_ligand           ? 
_refine_hist.pdbx_B_iso_mean_solvent          ? 
_refine_hist.pdbx_number_atoms_protein        481 
_refine_hist.pdbx_number_atoms_nucleic_acid   0 
_refine_hist.pdbx_number_atoms_ligand         10 
_refine_hist.pdbx_number_atoms_lipid          ? 
_refine_hist.pdbx_number_atoms_carb           ? 
_refine_hist.pdbx_pseudo_atom_details         ? 
# 
loop_
_refine_ls_restr.pdbx_refine_id 
_refine_ls_restr.criterion 
_refine_ls_restr.dev_ideal 
_refine_ls_restr.dev_ideal_target 
_refine_ls_restr.number 
_refine_ls_restr.rejects 
_refine_ls_restr.type 
_refine_ls_restr.weight 
_refine_ls_restr.pdbx_restraint_function 
'X-RAY DIFFRACTION' ? 0.0040  ? 497 ? f_bond_d           ? ? 
'X-RAY DIFFRACTION' ? 0.6403  ? 664 ? f_angle_d          ? ? 
'X-RAY DIFFRACTION' ? 0.0436  ? 68  ? f_chiral_restr     ? ? 
'X-RAY DIFFRACTION' ? 0.0048  ? 87  ? f_plane_restr      ? ? 
'X-RAY DIFFRACTION' ? 15.2028 ? 190 ? f_dihedral_angle_d ? ? 
# 
loop_
_refine_ls_shell.pdbx_refine_id 
_refine_ls_shell.d_res_high 
_refine_ls_shell.d_res_low 
_refine_ls_shell.number_reflns_all 
_refine_ls_shell.number_reflns_obs 
_refine_ls_shell.number_reflns_R_free 
_refine_ls_shell.number_reflns_R_work 
_refine_ls_shell.percent_reflns_obs 
_refine_ls_shell.percent_reflns_R_free 
_refine_ls_shell.R_factor_all 
_refine_ls_shell.R_factor_obs 
_refine_ls_shell.R_factor_R_free_error 
_refine_ls_shell.R_factor_R_work 
_refine_ls_shell.redundancy_reflns_all 
_refine_ls_shell.redundancy_reflns_obs 
_refine_ls_shell.wR_factor_all 
_refine_ls_shell.wR_factor_obs 
_refine_ls_shell.wR_factor_R_free 
_refine_ls_shell.wR_factor_R_work 
_refine_ls_shell.pdbx_R_complete 
_refine_ls_shell.pdbx_total_number_of_bins_used 
_refine_ls_shell.pdbx_phase_error 
_refine_ls_shell.pdbx_fsc_work 
_refine_ls_shell.pdbx_fsc_free 
_refine_ls_shell.R_factor_R_free 
'X-RAY DIFFRACTION' 2.00 2.15  . . 110 2741 99.76 . . . . 0.3375 . . . . . . . . . . . 0.3532 
'X-RAY DIFFRACTION' 2.16 2.37  . . 186 2640 99.89 . . . . 0.3094 . . . . . . . . . . . 0.3057 
'X-RAY DIFFRACTION' 2.37 2.71  . . 166 2689 99.93 . . . . 0.2759 . . . . . . . . . . . 0.3211 
'X-RAY DIFFRACTION' 2.72 3.42  . . 114 2688 99.64 . . . . 0.2093 . . . . . . . . . . . 0.1925 
'X-RAY DIFFRACTION' 3.42 37.61 . . 129 2705 99.68 . . . . 0.1500 . . . . . . . . . . . 0.1844 
# 
_struct.entry_id                     9GGO 
_struct.title                        'Strand-swapped dimer of engineered copper binding SH3-like protein' 
_struct.pdbx_model_details           ? 
_struct.pdbx_formula_weight          ? 
_struct.pdbx_formula_weight_method   ? 
_struct.pdbx_model_type_details      ? 
_struct.pdbx_CASP_flag               N 
# 
_struct_keywords.entry_id        9GGO 
_struct_keywords.text            'protein design, metal binding site, SH3-like domain, METAL BINDING PROTEIN' 
_struct_keywords.pdbx_keywords   'METAL BINDING PROTEIN' 
# 
loop_
_struct_asym.id 
_struct_asym.pdbx_blank_PDB_chainid_flag 
_struct_asym.pdbx_modified 
_struct_asym.entity_id 
_struct_asym.details 
A N N 1 ? 
B N N 2 ? 
C N N 2 ? 
D N N 3 ? 
E N N 3 ? 
F N N 4 ? 
# 
_struct_ref.id                         1 
_struct_ref.db_name                    PDB 
_struct_ref.db_code                    9GGO 
_struct_ref.pdbx_db_accession          9GGO 
_struct_ref.pdbx_db_isoform            ? 
_struct_ref.entity_id                  1 
_struct_ref.pdbx_seq_one_letter_code   ? 
_struct_ref.pdbx_align_begin           1 
# 
_struct_ref_seq.align_id                      1 
_struct_ref_seq.ref_id                        1 
_struct_ref_seq.pdbx_PDB_id_code              9GGO 
_struct_ref_seq.pdbx_strand_id                A 
_struct_ref_seq.seq_align_beg                 1 
_struct_ref_seq.pdbx_seq_align_beg_ins_code   ? 
_struct_ref_seq.seq_align_end                 58 
_struct_ref_seq.pdbx_seq_align_end_ins_code   ? 
_struct_ref_seq.pdbx_db_accession             9GGO 
_struct_ref_seq.db_align_beg                  1 
_struct_ref_seq.pdbx_db_align_beg_ins_code    ? 
_struct_ref_seq.db_align_end                  58 
_struct_ref_seq.pdbx_db_align_end_ins_code    ? 
_struct_ref_seq.pdbx_auth_seq_align_beg       1 
_struct_ref_seq.pdbx_auth_seq_align_end       58 
# 
_pdbx_struct_assembly.id                   1 
_pdbx_struct_assembly.details              author_defined_assembly 
_pdbx_struct_assembly.method_details       ? 
_pdbx_struct_assembly.oligomeric_details   dimeric 
_pdbx_struct_assembly.oligomeric_count     2 
# 
loop_
_pdbx_struct_assembly_prop.biol_id 
_pdbx_struct_assembly_prop.type 
_pdbx_struct_assembly_prop.value 
_pdbx_struct_assembly_prop.details 
1 'ABSA (A^2)' 6340 ? 
1 MORE         -61  ? 
1 'SSA (A^2)'  6930 ? 
# 
_pdbx_struct_assembly_gen.assembly_id       1 
_pdbx_struct_assembly_gen.oper_expression   1,2 
_pdbx_struct_assembly_gen.asym_id_list      A,B,C,D,E,F 
# 
_pdbx_struct_assembly_auth_evidence.id                     1 
_pdbx_struct_assembly_auth_evidence.assembly_id            1 
_pdbx_struct_assembly_auth_evidence.experimental_support   'gel filtration' 
_pdbx_struct_assembly_auth_evidence.details                ? 
# 
loop_
_pdbx_struct_oper_list.id 
_pdbx_struct_oper_list.type 
_pdbx_struct_oper_list.name 
_pdbx_struct_oper_list.symmetry_operation 
_pdbx_struct_oper_list.matrix[1][1] 
_pdbx_struct_oper_list.matrix[1][2] 
_pdbx_struct_oper_list.matrix[1][3] 
_pdbx_struct_oper_list.vector[1] 
_pdbx_struct_oper_list.matrix[2][1] 
_pdbx_struct_oper_list.matrix[2][2] 
_pdbx_struct_oper_list.matrix[2][3] 
_pdbx_struct_oper_list.vector[2] 
_pdbx_struct_oper_list.matrix[3][1] 
_pdbx_struct_oper_list.matrix[3][2] 
_pdbx_struct_oper_list.matrix[3][3] 
_pdbx_struct_oper_list.vector[3] 
1 'identity operation'         1_555 x,y,z          1.0000000000 0.0000000000  0.0000000000  0.0000000000 0.0000000000  1.0000000000  0.0000000000 0.0000000000 0.0000000000  0.0000000000 1.0000000000  0.0000000000 
2 'crystal symmetry operation' 6_554 -x,-x+y,-z-2/3 0.1776680968 -0.9835618177 -0.0322521038 4.0900440157 -0.9835618177 -0.1785513662 0.0269362293 4.7207699367 -0.0322521038 0.0269362293 -0.9991167306 5.3808983558 
# 
_struct_conf.conf_type_id            HELX_P 
_struct_conf.id                      HELX_P1 
_struct_conf.pdbx_PDB_helix_id       AA1 
_struct_conf.beg_label_comp_id       LYS 
_struct_conf.beg_label_asym_id       A 
_struct_conf.beg_label_seq_id        31 
_struct_conf.pdbx_beg_PDB_ins_code   ? 
_struct_conf.end_label_comp_id       GLU 
_struct_conf.end_label_asym_id       A 
_struct_conf.end_label_seq_id        34 
_struct_conf.pdbx_end_PDB_ins_code   ? 
_struct_conf.beg_auth_comp_id        LYS 
_struct_conf.beg_auth_asym_id        A 
_struct_conf.beg_auth_seq_id         31 
_struct_conf.end_auth_comp_id        GLU 
_struct_conf.end_auth_asym_id        A 
_struct_conf.end_auth_seq_id         34 
_struct_conf.pdbx_PDB_helix_class    5 
_struct_conf.details                 ? 
_struct_conf.pdbx_PDB_helix_length   4 
# 
_struct_conf_type.id          HELX_P 
_struct_conf_type.criteria    ? 
_struct_conf_type.reference   ? 
# 
loop_
_struct_conn.id 
_struct_conn.conn_type_id 
_struct_conn.pdbx_leaving_atom_flag 
_struct_conn.pdbx_PDB_id 
_struct_conn.ptnr1_label_asym_id 
_struct_conn.ptnr1_label_comp_id 
_struct_conn.ptnr1_label_seq_id 
_struct_conn.ptnr1_label_atom_id 
_struct_conn.pdbx_ptnr1_label_alt_id 
_struct_conn.pdbx_ptnr1_PDB_ins_code 
_struct_conn.pdbx_ptnr1_standard_comp_id 
_struct_conn.ptnr1_symmetry 
_struct_conn.ptnr2_label_asym_id 
_struct_conn.ptnr2_label_comp_id 
_struct_conn.ptnr2_label_seq_id 
_struct_conn.ptnr2_label_atom_id 
_struct_conn.pdbx_ptnr2_label_alt_id 
_struct_conn.pdbx_ptnr2_PDB_ins_code 
_struct_conn.ptnr1_auth_asym_id 
_struct_conn.ptnr1_auth_comp_id 
_struct_conn.ptnr1_auth_seq_id 
_struct_conn.ptnr2_auth_asym_id 
_struct_conn.ptnr2_auth_comp_id 
_struct_conn.ptnr2_auth_seq_id 
_struct_conn.ptnr2_symmetry 
_struct_conn.pdbx_ptnr3_label_atom_id 
_struct_conn.pdbx_ptnr3_label_seq_id 
_struct_conn.pdbx_ptnr3_label_comp_id 
_struct_conn.pdbx_ptnr3_label_asym_id 
_struct_conn.pdbx_ptnr3_label_alt_id 
_struct_conn.pdbx_ptnr3_PDB_ins_code 
_struct_conn.details 
_struct_conn.pdbx_dist_value 
_struct_conn.pdbx_value_order 
_struct_conn.pdbx_role 
metalc1 metalc ? ? A HIS 10 NE2 ? ? ? 1_555 B CU . CU ? ? A HIS 10 A CU 101 1_555 ? ? ? ? ? ? ? 2.064 ? ? 
metalc2 metalc ? ? A HIS 13 NE2 ? ? ? 1_555 B CU . CU ? ? A HIS 13 A CU 101 1_555 ? ? ? ? ? ? ? 2.146 ? ? 
metalc3 metalc ? ? A GLU 15 OE1 ? ? ? 1_555 C CU . CU ? ? A GLU 15 A CU 102 1_555 ? ? ? ? ? ? ? 2.545 ? ? 
metalc4 metalc ? ? A GLU 17 OE2 ? ? ? 1_555 C CU . CU ? ? A GLU 17 A CU 102 6_554 ? ? ? ? ? ? ? 2.324 ? ? 
metalc5 metalc ? ? A HIS 50 NE2 ? ? ? 1_555 C CU . CU ? ? A HIS 50 A CU 102 1_555 ? ? ? ? ? ? ? 2.079 ? ? 
# 
_struct_conn_type.id          metalc 
_struct_conn_type.criteria    ? 
_struct_conn_type.reference   ? 
# 
loop_
_pdbx_struct_conn_angle.id 
_pdbx_struct_conn_angle.ptnr1_label_atom_id 
_pdbx_struct_conn_angle.ptnr1_label_alt_id 
_pdbx_struct_conn_angle.ptnr1_label_asym_id 
_pdbx_struct_conn_angle.ptnr1_label_comp_id 
_pdbx_struct_conn_angle.ptnr1_label_seq_id 
_pdbx_struct_conn_angle.ptnr1_auth_atom_id 
_pdbx_struct_conn_angle.ptnr1_auth_asym_id 
_pdbx_struct_conn_angle.ptnr1_auth_comp_id 
_pdbx_struct_conn_angle.ptnr1_auth_seq_id 
_pdbx_struct_conn_angle.ptnr1_PDB_ins_code 
_pdbx_struct_conn_angle.ptnr1_symmetry 
_pdbx_struct_conn_angle.ptnr2_label_atom_id 
_pdbx_struct_conn_angle.ptnr2_label_alt_id 
_pdbx_struct_conn_angle.ptnr2_label_asym_id 
_pdbx_struct_conn_angle.ptnr2_label_comp_id 
_pdbx_struct_conn_angle.ptnr2_label_seq_id 
_pdbx_struct_conn_angle.ptnr2_auth_atom_id 
_pdbx_struct_conn_angle.ptnr2_auth_asym_id 
_pdbx_struct_conn_angle.ptnr2_auth_comp_id 
_pdbx_struct_conn_angle.ptnr2_auth_seq_id 
_pdbx_struct_conn_angle.ptnr2_PDB_ins_code 
_pdbx_struct_conn_angle.ptnr2_symmetry 
_pdbx_struct_conn_angle.ptnr3_label_atom_id 
_pdbx_struct_conn_angle.ptnr3_label_alt_id 
_pdbx_struct_conn_angle.ptnr3_label_asym_id 
_pdbx_struct_conn_angle.ptnr3_label_comp_id 
_pdbx_struct_conn_angle.ptnr3_label_seq_id 
_pdbx_struct_conn_angle.ptnr3_auth_atom_id 
_pdbx_struct_conn_angle.ptnr3_auth_asym_id 
_pdbx_struct_conn_angle.ptnr3_auth_comp_id 
_pdbx_struct_conn_angle.ptnr3_auth_seq_id 
_pdbx_struct_conn_angle.ptnr3_PDB_ins_code 
_pdbx_struct_conn_angle.ptnr3_symmetry 
_pdbx_struct_conn_angle.value 
_pdbx_struct_conn_angle.value_esd 
1 NE2 ? A HIS 10 ? A HIS 10 ? 1_555 CU ? B CU . ? A CU 101 ? 1_555 NE2 ? A HIS 13 ? A HIS 13 ? 1_555 112.5 ? 
2 OE1 ? A GLU 15 ? A GLU 15 ? 1_555 CU ? C CU . ? A CU 102 ? 1_555 OE2 ? A GLU 17 ? A GLU 17 ? 1_555 41.8  ? 
3 OE1 ? A GLU 15 ? A GLU 15 ? 1_555 CU ? C CU . ? A CU 102 ? 1_555 NE2 ? A HIS 50 ? A HIS 50 ? 1_555 130.3 ? 
4 OE2 ? A GLU 17 ? A GLU 17 ? 1_555 CU ? C CU . ? A CU 102 ? 1_555 NE2 ? A HIS 50 ? A HIS 50 ? 1_555 97.4  ? 
# 
loop_
_struct_sheet.id 
_struct_sheet.type 
_struct_sheet.number_strands 
_struct_sheet.details 
AA1 ? 2 ? 
AA2 ? 2 ? 
# 
loop_
_struct_sheet_order.sheet_id 
_struct_sheet_order.range_id_1 
_struct_sheet_order.range_id_2 
_struct_sheet_order.offset 
_struct_sheet_order.sense 
AA1 1 2 ? anti-parallel 
AA2 1 2 ? anti-parallel 
# 
loop_
_struct_sheet_range.sheet_id 
_struct_sheet_range.id 
_struct_sheet_range.beg_label_comp_id 
_struct_sheet_range.beg_label_asym_id 
_struct_sheet_range.beg_label_seq_id 
_struct_sheet_range.pdbx_beg_PDB_ins_code 
_struct_sheet_range.end_label_comp_id 
_struct_sheet_range.end_label_asym_id 
_struct_sheet_range.end_label_seq_id 
_struct_sheet_range.pdbx_end_PDB_ins_code 
_struct_sheet_range.beg_auth_comp_id 
_struct_sheet_range.beg_auth_asym_id 
_struct_sheet_range.beg_auth_seq_id 
_struct_sheet_range.end_auth_comp_id 
_struct_sheet_range.end_auth_asym_id 
_struct_sheet_range.end_auth_seq_id 
AA1 1 VAL A 4  ? ALA A 6  ? VAL A 4  ALA A 6  
AA1 2 VAL A 54 ? LYS A 56 ? VAL A 54 LYS A 56 
AA2 1 LEU A 36 ? GLU A 40 ? LEU A 36 GLU A 40 
AA2 2 ARG A 46 ? HIS A 50 ? ARG A 46 HIS A 50 
# 
loop_
_pdbx_struct_sheet_hbond.sheet_id 
_pdbx_struct_sheet_hbond.range_id_1 
_pdbx_struct_sheet_hbond.range_id_2 
_pdbx_struct_sheet_hbond.range_1_label_atom_id 
_pdbx_struct_sheet_hbond.range_1_label_comp_id 
_pdbx_struct_sheet_hbond.range_1_label_asym_id 
_pdbx_struct_sheet_hbond.range_1_label_seq_id 
_pdbx_struct_sheet_hbond.range_1_PDB_ins_code 
_pdbx_struct_sheet_hbond.range_1_auth_atom_id 
_pdbx_struct_sheet_hbond.range_1_auth_comp_id 
_pdbx_struct_sheet_hbond.range_1_auth_asym_id 
_pdbx_struct_sheet_hbond.range_1_auth_seq_id 
_pdbx_struct_sheet_hbond.range_2_label_atom_id 
_pdbx_struct_sheet_hbond.range_2_label_comp_id 
_pdbx_struct_sheet_hbond.range_2_label_asym_id 
_pdbx_struct_sheet_hbond.range_2_label_seq_id 
_pdbx_struct_sheet_hbond.range_2_PDB_ins_code 
_pdbx_struct_sheet_hbond.range_2_auth_atom_id 
_pdbx_struct_sheet_hbond.range_2_auth_comp_id 
_pdbx_struct_sheet_hbond.range_2_auth_asym_id 
_pdbx_struct_sheet_hbond.range_2_auth_seq_id 
AA1 1 2 N ARG A 5  ? N ARG A 5  O GLU A 55 ? O GLU A 55 
AA2 1 2 N ALA A 39 ? N ALA A 39 O GLY A 47 ? O GLY A 47 
# 
_pdbx_entry_details.entry_id                   9GGO 
_pdbx_entry_details.has_ligand_of_interest     Y 
_pdbx_entry_details.compound_details           ? 
_pdbx_entry_details.source_details             ? 
_pdbx_entry_details.nonpolymer_details         ? 
_pdbx_entry_details.sequence_details           ? 
_pdbx_entry_details.has_protein_modification   N 
# 
_pdbx_validate_torsion.id              1 
_pdbx_validate_torsion.PDB_model_num   1 
_pdbx_validate_torsion.auth_comp_id    HIS 
_pdbx_validate_torsion.auth_asym_id    A 
_pdbx_validate_torsion.auth_seq_id     13 
_pdbx_validate_torsion.PDB_ins_code    ? 
_pdbx_validate_torsion.label_alt_id    ? 
_pdbx_validate_torsion.phi             -179.60 
_pdbx_validate_torsion.psi             -176.65 
# 
loop_
_space_group_symop.id 
_space_group_symop.operation_xyz 
1 x,y,z          
2 -y,x-y,z+1/3   
3 -x+y,-x,z+2/3  
4 x-y,-y,-z+2/3  
5 -x,-x+y,-z+1/3 
6 y,x,-z         
# 
loop_
_pdbx_refine_tls.id 
_pdbx_refine_tls.pdbx_refine_id 
_pdbx_refine_tls.details 
_pdbx_refine_tls.method 
_pdbx_refine_tls.origin_x 
_pdbx_refine_tls.origin_y 
_pdbx_refine_tls.origin_z 
_pdbx_refine_tls.T[1][1] 
_pdbx_refine_tls.T[1][1]_esd 
_pdbx_refine_tls.T[1][2] 
_pdbx_refine_tls.T[1][2]_esd 
_pdbx_refine_tls.T[1][3] 
_pdbx_refine_tls.T[1][3]_esd 
_pdbx_refine_tls.T[2][2] 
_pdbx_refine_tls.T[2][2]_esd 
_pdbx_refine_tls.T[2][3] 
_pdbx_refine_tls.T[2][3]_esd 
_pdbx_refine_tls.T[3][3] 
_pdbx_refine_tls.T[3][3]_esd 
_pdbx_refine_tls.L[1][1] 
_pdbx_refine_tls.L[1][1]_esd 
_pdbx_refine_tls.L[1][2] 
_pdbx_refine_tls.L[1][2]_esd 
_pdbx_refine_tls.L[1][3] 
_pdbx_refine_tls.L[1][3]_esd 
_pdbx_refine_tls.L[2][2] 
_pdbx_refine_tls.L[2][2]_esd 
_pdbx_refine_tls.L[2][3] 
_pdbx_refine_tls.L[2][3]_esd 
_pdbx_refine_tls.L[3][3] 
_pdbx_refine_tls.L[3][3]_esd 
_pdbx_refine_tls.S[1][1] 
_pdbx_refine_tls.S[1][1]_esd 
_pdbx_refine_tls.S[1][2] 
_pdbx_refine_tls.S[1][2]_esd 
_pdbx_refine_tls.S[1][3] 
_pdbx_refine_tls.S[1][3]_esd 
_pdbx_refine_tls.S[2][1] 
_pdbx_refine_tls.S[2][1]_esd 
_pdbx_refine_tls.S[2][2] 
_pdbx_refine_tls.S[2][2]_esd 
_pdbx_refine_tls.S[2][3] 
_pdbx_refine_tls.S[2][3]_esd 
_pdbx_refine_tls.S[3][1] 
_pdbx_refine_tls.S[3][1]_esd 
_pdbx_refine_tls.S[3][2] 
_pdbx_refine_tls.S[3][2]_esd 
_pdbx_refine_tls.S[3][3] 
_pdbx_refine_tls.S[3][3]_esd 
1 'X-RAY DIFFRACTION' ? refined -7.4261029754  -5.6249453799 -5.4619057374 0.332845439668 ? -0.015049676144 ? -0.014050011472 ? 0.416542560951 ? -0.034076716891 ? 0.374918475429 ? 0.470207195699 ? 0.095206412014  ? -0.298086159835 ? 0.214069078720 ? -0.26364382989 ? 0.402318696090 ? 0.121269216330  ? 0.094062541837  ? 0.155294303528 ? 0.008720809232  ? 0.244407410953  ? 0.306054323923  ? 0.06583229462   ? -0.610177778328 ? -0.321338925634 ? 
2 'X-RAY DIFFRACTION' ? refined 9.2757647935   -4.1060795178 -0.9836760637 0.502661912172 ? -0.053097675401 ? 0.0543396940    ? 0.571937875612 ? -0.005689969040 ? 0.696931977718 ? 0.072245334677 ? 0.109952884284  ? 0.067367090072  ? 0.189452115247 ? 0.083384686523 ? 0.075350309162 ? 0.076876254655  ? -0.025918023330 ? 0.318164007461 ? 0.000137838709  ? 0.179820917759  ? -0.128427769839 ? -0.070769545428 ? 0.232118108531  ? 0.107044863165  ? 
3 'X-RAY DIFFRACTION' ? refined 10.08617453120 11.466880778  5.3508093173  0.439419999548 ? -0.067926966592 ? -0.037355737632 ? 0.421227342639 ? -0.0016820291   ? 0.38110491651  ? 0.153357775937 ? 0.203320511888  ? -0.006283026514 ? 0.273936513736 ? 0.001319846960 ? 0.0035696433   ? -0.124888112900 ? 0.279754001439  ? 0.144657490825 ? -0.222977273268 ? 0.138914640503  ? -0.043549593902 ? -0.105322600930 ? 0.176122176682  ? 0.063837063431  ? 
4 'X-RAY DIFFRACTION' ? refined -4.1872414564  -2.9426317584 -1.171649113  0.418667119239 ? -0.032581642906 ? -0.013864139821 ? 0.381181531979 ? 0.060907318055  ? 0.402573567657 ? 0.186021495442 ? -0.101309152528 ? -0.060413787893 ? 0.226822406342 ? 0.009208221088 ? 0.373819191015 ? -0.060553464930 ? -0.077651299033 ? 0.085671059958 ? 0.203498754036  ? -0.013758245664 ? 0.087168932986  ? -0.089450452185 ? -0.113343143663 ? -0.048952538052 ? 
# 
loop_
_pdbx_refine_tls_group.id 
_pdbx_refine_tls_group.pdbx_refine_id 
_pdbx_refine_tls_group.refine_tls_id 
_pdbx_refine_tls_group.beg_label_asym_id 
_pdbx_refine_tls_group.beg_label_seq_id 
_pdbx_refine_tls_group.beg_auth_asym_id 
_pdbx_refine_tls_group.beg_auth_seq_id 
_pdbx_refine_tls_group.beg_PDB_ins_code 
_pdbx_refine_tls_group.end_label_asym_id 
_pdbx_refine_tls_group.end_label_seq_id 
_pdbx_refine_tls_group.end_auth_asym_id 
_pdbx_refine_tls_group.end_auth_seq_id 
_pdbx_refine_tls_group.end_PDB_ins_code 
_pdbx_refine_tls_group.selection 
_pdbx_refine_tls_group.selection_details 
1 'X-RAY DIFFRACTION' 1 A 1  A 1  ? A 11 A 11 ? ? 
;chain 'A' and (resid 1 through 11 )
;
2 'X-RAY DIFFRACTION' 2 A 12 A 12 ? A 16 A 16 ? ? 
;chain 'A' and (resid 12 through 16 )
;
3 'X-RAY DIFFRACTION' 3 A 17 A 17 ? A 31 A 31 ? ? 
;chain 'A' and (resid 17 through 31 )
;
4 'X-RAY DIFFRACTION' 4 A 32 A 32 ? A 58 A 58 ? ? 
;chain 'A' and (resid 32 through 58 )
;
# 
loop_
_chem_comp_atom.comp_id 
_chem_comp_atom.atom_id 
_chem_comp_atom.type_symbol 
_chem_comp_atom.pdbx_aromatic_flag 
_chem_comp_atom.pdbx_stereo_config 
_chem_comp_atom.pdbx_ordinal 
ALA N    N  N N 1   
ALA CA   C  N S 2   
ALA C    C  N N 3   
ALA O    O  N N 4   
ALA CB   C  N N 5   
ALA OXT  O  N N 6   
ALA H    H  N N 7   
ALA H2   H  N N 8   
ALA HA   H  N N 9   
ALA HB1  H  N N 10  
ALA HB2  H  N N 11  
ALA HB3  H  N N 12  
ALA HXT  H  N N 13  
ARG N    N  N N 14  
ARG CA   C  N S 15  
ARG C    C  N N 16  
ARG O    O  N N 17  
ARG CB   C  N N 18  
ARG CG   C  N N 19  
ARG CD   C  N N 20  
ARG NE   N  N N 21  
ARG CZ   C  N N 22  
ARG NH1  N  N N 23  
ARG NH2  N  N N 24  
ARG OXT  O  N N 25  
ARG H    H  N N 26  
ARG H2   H  N N 27  
ARG HA   H  N N 28  
ARG HB2  H  N N 29  
ARG HB3  H  N N 30  
ARG HG2  H  N N 31  
ARG HG3  H  N N 32  
ARG HD2  H  N N 33  
ARG HD3  H  N N 34  
ARG HE   H  N N 35  
ARG HH11 H  N N 36  
ARG HH12 H  N N 37  
ARG HH21 H  N N 38  
ARG HH22 H  N N 39  
ARG HXT  H  N N 40  
ASN N    N  N N 41  
ASN CA   C  N S 42  
ASN C    C  N N 43  
ASN O    O  N N 44  
ASN CB   C  N N 45  
ASN CG   C  N N 46  
ASN OD1  O  N N 47  
ASN ND2  N  N N 48  
ASN OXT  O  N N 49  
ASN H    H  N N 50  
ASN H2   H  N N 51  
ASN HA   H  N N 52  
ASN HB2  H  N N 53  
ASN HB3  H  N N 54  
ASN HD21 H  N N 55  
ASN HD22 H  N N 56  
ASN HXT  H  N N 57  
ASP N    N  N N 58  
ASP CA   C  N S 59  
ASP C    C  N N 60  
ASP O    O  N N 61  
ASP CB   C  N N 62  
ASP CG   C  N N 63  
ASP OD1  O  N N 64  
ASP OD2  O  N N 65  
ASP OXT  O  N N 66  
ASP H    H  N N 67  
ASP H2   H  N N 68  
ASP HA   H  N N 69  
ASP HB2  H  N N 70  
ASP HB3  H  N N 71  
ASP HD2  H  N N 72  
ASP HXT  H  N N 73  
CU  CU   CU N N 74  
EDO C1   C  N N 75  
EDO O1   O  N N 76  
EDO C2   C  N N 77  
EDO O2   O  N N 78  
EDO H11  H  N N 79  
EDO H12  H  N N 80  
EDO HO1  H  N N 81  
EDO H21  H  N N 82  
EDO H22  H  N N 83  
EDO HO2  H  N N 84  
GLN N    N  N N 85  
GLN CA   C  N S 86  
GLN C    C  N N 87  
GLN O    O  N N 88  
GLN CB   C  N N 89  
GLN CG   C  N N 90  
GLN CD   C  N N 91  
GLN OE1  O  N N 92  
GLN NE2  N  N N 93  
GLN OXT  O  N N 94  
GLN H    H  N N 95  
GLN H2   H  N N 96  
GLN HA   H  N N 97  
GLN HB2  H  N N 98  
GLN HB3  H  N N 99  
GLN HG2  H  N N 100 
GLN HG3  H  N N 101 
GLN HE21 H  N N 102 
GLN HE22 H  N N 103 
GLN HXT  H  N N 104 
GLU N    N  N N 105 
GLU CA   C  N S 106 
GLU C    C  N N 107 
GLU O    O  N N 108 
GLU CB   C  N N 109 
GLU CG   C  N N 110 
GLU CD   C  N N 111 
GLU OE1  O  N N 112 
GLU OE2  O  N N 113 
GLU OXT  O  N N 114 
GLU H    H  N N 115 
GLU H2   H  N N 116 
GLU HA   H  N N 117 
GLU HB2  H  N N 118 
GLU HB3  H  N N 119 
GLU HG2  H  N N 120 
GLU HG3  H  N N 121 
GLU HE2  H  N N 122 
GLU HXT  H  N N 123 
GLY N    N  N N 124 
GLY CA   C  N N 125 
GLY C    C  N N 126 
GLY O    O  N N 127 
GLY OXT  O  N N 128 
GLY H    H  N N 129 
GLY H2   H  N N 130 
GLY HA2  H  N N 131 
GLY HA3  H  N N 132 
GLY HXT  H  N N 133 
HIS N    N  N N 134 
HIS CA   C  N S 135 
HIS C    C  N N 136 
HIS O    O  N N 137 
HIS CB   C  N N 138 
HIS CG   C  Y N 139 
HIS ND1  N  Y N 140 
HIS CD2  C  Y N 141 
HIS CE1  C  Y N 142 
HIS NE2  N  Y N 143 
HIS OXT  O  N N 144 
HIS H    H  N N 145 
HIS H2   H  N N 146 
HIS HA   H  N N 147 
HIS HB2  H  N N 148 
HIS HB3  H  N N 149 
HIS HD1  H  N N 150 
HIS HD2  H  N N 151 
HIS HE1  H  N N 152 
HIS HE2  H  N N 153 
HIS HXT  H  N N 154 
HOH O    O  N N 155 
HOH H1   H  N N 156 
HOH H2   H  N N 157 
ILE N    N  N N 158 
ILE CA   C  N S 159 
ILE C    C  N N 160 
ILE O    O  N N 161 
ILE CB   C  N S 162 
ILE CG1  C  N N 163 
ILE CG2  C  N N 164 
ILE CD1  C  N N 165 
ILE OXT  O  N N 166 
ILE H    H  N N 167 
ILE H2   H  N N 168 
ILE HA   H  N N 169 
ILE HB   H  N N 170 
ILE HG12 H  N N 171 
ILE HG13 H  N N 172 
ILE HG21 H  N N 173 
ILE HG22 H  N N 174 
ILE HG23 H  N N 175 
ILE HD11 H  N N 176 
ILE HD12 H  N N 177 
ILE HD13 H  N N 178 
ILE HXT  H  N N 179 
LEU N    N  N N 180 
LEU CA   C  N S 181 
LEU C    C  N N 182 
LEU O    O  N N 183 
LEU CB   C  N N 184 
LEU CG   C  N N 185 
LEU CD1  C  N N 186 
LEU CD2  C  N N 187 
LEU OXT  O  N N 188 
LEU H    H  N N 189 
LEU H2   H  N N 190 
LEU HA   H  N N 191 
LEU HB2  H  N N 192 
LEU HB3  H  N N 193 
LEU HG   H  N N 194 
LEU HD11 H  N N 195 
LEU HD12 H  N N 196 
LEU HD13 H  N N 197 
LEU HD21 H  N N 198 
LEU HD22 H  N N 199 
LEU HD23 H  N N 200 
LEU HXT  H  N N 201 
LYS N    N  N N 202 
LYS CA   C  N S 203 
LYS C    C  N N 204 
LYS O    O  N N 205 
LYS CB   C  N N 206 
LYS CG   C  N N 207 
LYS CD   C  N N 208 
LYS CE   C  N N 209 
LYS NZ   N  N N 210 
LYS OXT  O  N N 211 
LYS H    H  N N 212 
LYS H2   H  N N 213 
LYS HA   H  N N 214 
LYS HB2  H  N N 215 
LYS HB3  H  N N 216 
LYS HG2  H  N N 217 
LYS HG3  H  N N 218 
LYS HD2  H  N N 219 
LYS HD3  H  N N 220 
LYS HE2  H  N N 221 
LYS HE3  H  N N 222 
LYS HZ1  H  N N 223 
LYS HZ2  H  N N 224 
LYS HZ3  H  N N 225 
LYS HXT  H  N N 226 
PHE N    N  N N 227 
PHE CA   C  N S 228 
PHE C    C  N N 229 
PHE O    O  N N 230 
PHE CB   C  N N 231 
PHE CG   C  Y N 232 
PHE CD1  C  Y N 233 
PHE CD2  C  Y N 234 
PHE CE1  C  Y N 235 
PHE CE2  C  Y N 236 
PHE CZ   C  Y N 237 
PHE OXT  O  N N 238 
PHE H    H  N N 239 
PHE H2   H  N N 240 
PHE HA   H  N N 241 
PHE HB2  H  N N 242 
PHE HB3  H  N N 243 
PHE HD1  H  N N 244 
PHE HD2  H  N N 245 
PHE HE1  H  N N 246 
PHE HE2  H  N N 247 
PHE HZ   H  N N 248 
PHE HXT  H  N N 249 
PRO N    N  N N 250 
PRO CA   C  N S 251 
PRO C    C  N N 252 
PRO O    O  N N 253 
PRO CB   C  N N 254 
PRO CG   C  N N 255 
PRO CD   C  N N 256 
PRO OXT  O  N N 257 
PRO H    H  N N 258 
PRO HA   H  N N 259 
PRO HB2  H  N N 260 
PRO HB3  H  N N 261 
PRO HG2  H  N N 262 
PRO HG3  H  N N 263 
PRO HD2  H  N N 264 
PRO HD3  H  N N 265 
PRO HXT  H  N N 266 
THR N    N  N N 267 
THR CA   C  N S 268 
THR C    C  N N 269 
THR O    O  N N 270 
THR CB   C  N R 271 
THR OG1  O  N N 272 
THR CG2  C  N N 273 
THR OXT  O  N N 274 
THR H    H  N N 275 
THR H2   H  N N 276 
THR HA   H  N N 277 
THR HB   H  N N 278 
THR HG1  H  N N 279 
THR HG21 H  N N 280 
THR HG22 H  N N 281 
THR HG23 H  N N 282 
THR HXT  H  N N 283 
TRP N    N  N N 284 
TRP CA   C  N S 285 
TRP C    C  N N 286 
TRP O    O  N N 287 
TRP CB   C  N N 288 
TRP CG   C  Y N 289 
TRP CD1  C  Y N 290 
TRP CD2  C  Y N 291 
TRP NE1  N  Y N 292 
TRP CE2  C  Y N 293 
TRP CE3  C  Y N 294 
TRP CZ2  C  Y N 295 
TRP CZ3  C  Y N 296 
TRP CH2  C  Y N 297 
TRP OXT  O  N N 298 
TRP H    H  N N 299 
TRP H2   H  N N 300 
TRP HA   H  N N 301 
TRP HB2  H  N N 302 
TRP HB3  H  N N 303 
TRP HD1  H  N N 304 
TRP HE1  H  N N 305 
TRP HE3  H  N N 306 
TRP HZ2  H  N N 307 
TRP HZ3  H  N N 308 
TRP HH2  H  N N 309 
TRP HXT  H  N N 310 
TYR N    N  N N 311 
TYR CA   C  N S 312 
TYR C    C  N N 313 
TYR O    O  N N 314 
TYR CB   C  N N 315 
TYR CG   C  Y N 316 
TYR CD1  C  Y N 317 
TYR CD2  C  Y N 318 
TYR CE1  C  Y N 319 
TYR CE2  C  Y N 320 
TYR CZ   C  Y N 321 
TYR OH   O  N N 322 
TYR OXT  O  N N 323 
TYR H    H  N N 324 
TYR H2   H  N N 325 
TYR HA   H  N N 326 
TYR HB2  H  N N 327 
TYR HB3  H  N N 328 
TYR HD1  H  N N 329 
TYR HD2  H  N N 330 
TYR HE1  H  N N 331 
TYR HE2  H  N N 332 
TYR HH   H  N N 333 
TYR HXT  H  N N 334 
VAL N    N  N N 335 
VAL CA   C  N S 336 
VAL C    C  N N 337 
VAL O    O  N N 338 
VAL CB   C  N N 339 
VAL CG1  C  N N 340 
VAL CG2  C  N N 341 
VAL OXT  O  N N 342 
VAL H    H  N N 343 
VAL H2   H  N N 344 
VAL HA   H  N N 345 
VAL HB   H  N N 346 
VAL HG11 H  N N 347 
VAL HG12 H  N N 348 
VAL HG13 H  N N 349 
VAL HG21 H  N N 350 
VAL HG22 H  N N 351 
VAL HG23 H  N N 352 
VAL HXT  H  N N 353 
# 
loop_
_chem_comp_bond.comp_id 
_chem_comp_bond.atom_id_1 
_chem_comp_bond.atom_id_2 
_chem_comp_bond.value_order 
_chem_comp_bond.pdbx_aromatic_flag 
_chem_comp_bond.pdbx_stereo_config 
_chem_comp_bond.pdbx_ordinal 
ALA N   CA   sing N N 1   
ALA N   H    sing N N 2   
ALA N   H2   sing N N 3   
ALA CA  C    sing N N 4   
ALA CA  CB   sing N N 5   
ALA CA  HA   sing N N 6   
ALA C   O    doub N N 7   
ALA C   OXT  sing N N 8   
ALA CB  HB1  sing N N 9   
ALA CB  HB2  sing N N 10  
ALA CB  HB3  sing N N 11  
ALA OXT HXT  sing N N 12  
ARG N   CA   sing N N 13  
ARG N   H    sing N N 14  
ARG N   H2   sing N N 15  
ARG CA  C    sing N N 16  
ARG CA  CB   sing N N 17  
ARG CA  HA   sing N N 18  
ARG C   O    doub N N 19  
ARG C   OXT  sing N N 20  
ARG CB  CG   sing N N 21  
ARG CB  HB2  sing N N 22  
ARG CB  HB3  sing N N 23  
ARG CG  CD   sing N N 24  
ARG CG  HG2  sing N N 25  
ARG CG  HG3  sing N N 26  
ARG CD  NE   sing N N 27  
ARG CD  HD2  sing N N 28  
ARG CD  HD3  sing N N 29  
ARG NE  CZ   sing N N 30  
ARG NE  HE   sing N N 31  
ARG CZ  NH1  sing N N 32  
ARG CZ  NH2  doub N N 33  
ARG NH1 HH11 sing N N 34  
ARG NH1 HH12 sing N N 35  
ARG NH2 HH21 sing N N 36  
ARG NH2 HH22 sing N N 37  
ARG OXT HXT  sing N N 38  
ASN N   CA   sing N N 39  
ASN N   H    sing N N 40  
ASN N   H2   sing N N 41  
ASN CA  C    sing N N 42  
ASN CA  CB   sing N N 43  
ASN CA  HA   sing N N 44  
ASN C   O    doub N N 45  
ASN C   OXT  sing N N 46  
ASN CB  CG   sing N N 47  
ASN CB  HB2  sing N N 48  
ASN CB  HB3  sing N N 49  
ASN CG  OD1  doub N N 50  
ASN CG  ND2  sing N N 51  
ASN ND2 HD21 sing N N 52  
ASN ND2 HD22 sing N N 53  
ASN OXT HXT  sing N N 54  
ASP N   CA   sing N N 55  
ASP N   H    sing N N 56  
ASP N   H2   sing N N 57  
ASP CA  C    sing N N 58  
ASP CA  CB   sing N N 59  
ASP CA  HA   sing N N 60  
ASP C   O    doub N N 61  
ASP C   OXT  sing N N 62  
ASP CB  CG   sing N N 63  
ASP CB  HB2  sing N N 64  
ASP CB  HB3  sing N N 65  
ASP CG  OD1  doub N N 66  
ASP CG  OD2  sing N N 67  
ASP OD2 HD2  sing N N 68  
ASP OXT HXT  sing N N 69  
EDO C1  O1   sing N N 70  
EDO C1  C2   sing N N 71  
EDO C1  H11  sing N N 72  
EDO C1  H12  sing N N 73  
EDO O1  HO1  sing N N 74  
EDO C2  O2   sing N N 75  
EDO C2  H21  sing N N 76  
EDO C2  H22  sing N N 77  
EDO O2  HO2  sing N N 78  
GLN N   CA   sing N N 79  
GLN N   H    sing N N 80  
GLN N   H2   sing N N 81  
GLN CA  C    sing N N 82  
GLN CA  CB   sing N N 83  
GLN CA  HA   sing N N 84  
GLN C   O    doub N N 85  
GLN C   OXT  sing N N 86  
GLN CB  CG   sing N N 87  
GLN CB  HB2  sing N N 88  
GLN CB  HB3  sing N N 89  
GLN CG  CD   sing N N 90  
GLN CG  HG2  sing N N 91  
GLN CG  HG3  sing N N 92  
GLN CD  OE1  doub N N 93  
GLN CD  NE2  sing N N 94  
GLN NE2 HE21 sing N N 95  
GLN NE2 HE22 sing N N 96  
GLN OXT HXT  sing N N 97  
GLU N   CA   sing N N 98  
GLU N   H    sing N N 99  
GLU N   H2   sing N N 100 
GLU CA  C    sing N N 101 
GLU CA  CB   sing N N 102 
GLU CA  HA   sing N N 103 
GLU C   O    doub N N 104 
GLU C   OXT  sing N N 105 
GLU CB  CG   sing N N 106 
GLU CB  HB2  sing N N 107 
GLU CB  HB3  sing N N 108 
GLU CG  CD   sing N N 109 
GLU CG  HG2  sing N N 110 
GLU CG  HG3  sing N N 111 
GLU CD  OE1  doub N N 112 
GLU CD  OE2  sing N N 113 
GLU OE2 HE2  sing N N 114 
GLU OXT HXT  sing N N 115 
GLY N   CA   sing N N 116 
GLY N   H    sing N N 117 
GLY N   H2   sing N N 118 
GLY CA  C    sing N N 119 
GLY CA  HA2  sing N N 120 
GLY CA  HA3  sing N N 121 
GLY C   O    doub N N 122 
GLY C   OXT  sing N N 123 
GLY OXT HXT  sing N N 124 
HIS N   CA   sing N N 125 
HIS N   H    sing N N 126 
HIS N   H2   sing N N 127 
HIS CA  C    sing N N 128 
HIS CA  CB   sing N N 129 
HIS CA  HA   sing N N 130 
HIS C   O    doub N N 131 
HIS C   OXT  sing N N 132 
HIS CB  CG   sing N N 133 
HIS CB  HB2  sing N N 134 
HIS CB  HB3  sing N N 135 
HIS CG  ND1  sing Y N 136 
HIS CG  CD2  doub Y N 137 
HIS ND1 CE1  doub Y N 138 
HIS ND1 HD1  sing N N 139 
HIS CD2 NE2  sing Y N 140 
HIS CD2 HD2  sing N N 141 
HIS CE1 NE2  sing Y N 142 
HIS CE1 HE1  sing N N 143 
HIS NE2 HE2  sing N N 144 
HIS OXT HXT  sing N N 145 
HOH O   H1   sing N N 146 
HOH O   H2   sing N N 147 
ILE N   CA   sing N N 148 
ILE N   H    sing N N 149 
ILE N   H2   sing N N 150 
ILE CA  C    sing N N 151 
ILE CA  CB   sing N N 152 
ILE CA  HA   sing N N 153 
ILE C   O    doub N N 154 
ILE C   OXT  sing N N 155 
ILE CB  CG1  sing N N 156 
ILE CB  CG2  sing N N 157 
ILE CB  HB   sing N N 158 
ILE CG1 CD1  sing N N 159 
ILE CG1 HG12 sing N N 160 
ILE CG1 HG13 sing N N 161 
ILE CG2 HG21 sing N N 162 
ILE CG2 HG22 sing N N 163 
ILE CG2 HG23 sing N N 164 
ILE CD1 HD11 sing N N 165 
ILE CD1 HD12 sing N N 166 
ILE CD1 HD13 sing N N 167 
ILE OXT HXT  sing N N 168 
LEU N   CA   sing N N 169 
LEU N   H    sing N N 170 
LEU N   H2   sing N N 171 
LEU CA  C    sing N N 172 
LEU CA  CB   sing N N 173 
LEU CA  HA   sing N N 174 
LEU C   O    doub N N 175 
LEU C   OXT  sing N N 176 
LEU CB  CG   sing N N 177 
LEU CB  HB2  sing N N 178 
LEU CB  HB3  sing N N 179 
LEU CG  CD1  sing N N 180 
LEU CG  CD2  sing N N 181 
LEU CG  HG   sing N N 182 
LEU CD1 HD11 sing N N 183 
LEU CD1 HD12 sing N N 184 
LEU CD1 HD13 sing N N 185 
LEU CD2 HD21 sing N N 186 
LEU CD2 HD22 sing N N 187 
LEU CD2 HD23 sing N N 188 
LEU OXT HXT  sing N N 189 
LYS N   CA   sing N N 190 
LYS N   H    sing N N 191 
LYS N   H2   sing N N 192 
LYS CA  C    sing N N 193 
LYS CA  CB   sing N N 194 
LYS CA  HA   sing N N 195 
LYS C   O    doub N N 196 
LYS C   OXT  sing N N 197 
LYS CB  CG   sing N N 198 
LYS CB  HB2  sing N N 199 
LYS CB  HB3  sing N N 200 
LYS CG  CD   sing N N 201 
LYS CG  HG2  sing N N 202 
LYS CG  HG3  sing N N 203 
LYS CD  CE   sing N N 204 
LYS CD  HD2  sing N N 205 
LYS CD  HD3  sing N N 206 
LYS CE  NZ   sing N N 207 
LYS CE  HE2  sing N N 208 
LYS CE  HE3  sing N N 209 
LYS NZ  HZ1  sing N N 210 
LYS NZ  HZ2  sing N N 211 
LYS NZ  HZ3  sing N N 212 
LYS OXT HXT  sing N N 213 
PHE N   CA   sing N N 214 
PHE N   H    sing N N 215 
PHE N   H2   sing N N 216 
PHE CA  C    sing N N 217 
PHE CA  CB   sing N N 218 
PHE CA  HA   sing N N 219 
PHE C   O    doub N N 220 
PHE C   OXT  sing N N 221 
PHE CB  CG   sing N N 222 
PHE CB  HB2  sing N N 223 
PHE CB  HB3  sing N N 224 
PHE CG  CD1  doub Y N 225 
PHE CG  CD2  sing Y N 226 
PHE CD1 CE1  sing Y N 227 
PHE CD1 HD1  sing N N 228 
PHE CD2 CE2  doub Y N 229 
PHE CD2 HD2  sing N N 230 
PHE CE1 CZ   doub Y N 231 
PHE CE1 HE1  sing N N 232 
PHE CE2 CZ   sing Y N 233 
PHE CE2 HE2  sing N N 234 
PHE CZ  HZ   sing N N 235 
PHE OXT HXT  sing N N 236 
PRO N   CA   sing N N 237 
PRO N   CD   sing N N 238 
PRO N   H    sing N N 239 
PRO CA  C    sing N N 240 
PRO CA  CB   sing N N 241 
PRO CA  HA   sing N N 242 
PRO C   O    doub N N 243 
PRO C   OXT  sing N N 244 
PRO CB  CG   sing N N 245 
PRO CB  HB2  sing N N 246 
PRO CB  HB3  sing N N 247 
PRO CG  CD   sing N N 248 
PRO CG  HG2  sing N N 249 
PRO CG  HG3  sing N N 250 
PRO CD  HD2  sing N N 251 
PRO CD  HD3  sing N N 252 
PRO OXT HXT  sing N N 253 
THR N   CA   sing N N 254 
THR N   H    sing N N 255 
THR N   H2   sing N N 256 
THR CA  C    sing N N 257 
THR CA  CB   sing N N 258 
THR CA  HA   sing N N 259 
THR C   O    doub N N 260 
THR C   OXT  sing N N 261 
THR CB  OG1  sing N N 262 
THR CB  CG2  sing N N 263 
THR CB  HB   sing N N 264 
THR OG1 HG1  sing N N 265 
THR CG2 HG21 sing N N 266 
THR CG2 HG22 sing N N 267 
THR CG2 HG23 sing N N 268 
THR OXT HXT  sing N N 269 
TRP N   CA   sing N N 270 
TRP N   H    sing N N 271 
TRP N   H2   sing N N 272 
TRP CA  C    sing N N 273 
TRP CA  CB   sing N N 274 
TRP CA  HA   sing N N 275 
TRP C   O    doub N N 276 
TRP C   OXT  sing N N 277 
TRP CB  CG   sing N N 278 
TRP CB  HB2  sing N N 279 
TRP CB  HB3  sing N N 280 
TRP CG  CD1  doub Y N 281 
TRP CG  CD2  sing Y N 282 
TRP CD1 NE1  sing Y N 283 
TRP CD1 HD1  sing N N 284 
TRP CD2 CE2  doub Y N 285 
TRP CD2 CE3  sing Y N 286 
TRP NE1 CE2  sing Y N 287 
TRP NE1 HE1  sing N N 288 
TRP CE2 CZ2  sing Y N 289 
TRP CE3 CZ3  doub Y N 290 
TRP CE3 HE3  sing N N 291 
TRP CZ2 CH2  doub Y N 292 
TRP CZ2 HZ2  sing N N 293 
TRP CZ3 CH2  sing Y N 294 
TRP CZ3 HZ3  sing N N 295 
TRP CH2 HH2  sing N N 296 
TRP OXT HXT  sing N N 297 
TYR N   CA   sing N N 298 
TYR N   H    sing N N 299 
TYR N   H2   sing N N 300 
TYR CA  C    sing N N 301 
TYR CA  CB   sing N N 302 
TYR CA  HA   sing N N 303 
TYR C   O    doub N N 304 
TYR C   OXT  sing N N 305 
TYR CB  CG   sing N N 306 
TYR CB  HB2  sing N N 307 
TYR CB  HB3  sing N N 308 
TYR CG  CD1  doub Y N 309 
TYR CG  CD2  sing Y N 310 
TYR CD1 CE1  sing Y N 311 
TYR CD1 HD1  sing N N 312 
TYR CD2 CE2  doub Y N 313 
TYR CD2 HD2  sing N N 314 
TYR CE1 CZ   doub Y N 315 
TYR CE1 HE1  sing N N 316 
TYR CE2 CZ   sing Y N 317 
TYR CE2 HE2  sing N N 318 
TYR CZ  OH   sing N N 319 
TYR OH  HH   sing N N 320 
TYR OXT HXT  sing N N 321 
VAL N   CA   sing N N 322 
VAL N   H    sing N N 323 
VAL N   H2   sing N N 324 
VAL CA  C    sing N N 325 
VAL CA  CB   sing N N 326 
VAL CA  HA   sing N N 327 
VAL C   O    doub N N 328 
VAL C   OXT  sing N N 329 
VAL CB  CG1  sing N N 330 
VAL CB  CG2  sing N N 331 
VAL CB  HB   sing N N 332 
VAL CG1 HG11 sing N N 333 
VAL CG1 HG12 sing N N 334 
VAL CG1 HG13 sing N N 335 
VAL CG2 HG21 sing N N 336 
VAL CG2 HG22 sing N N 337 
VAL CG2 HG23 sing N N 338 
VAL OXT HXT  sing N N 339 
# 
_pdbx_audit_support.funding_organization   'German Research Foundation (DFG)' 
_pdbx_audit_support.country                Germany 
_pdbx_audit_support.grant_number           'SI 586-6' 
_pdbx_audit_support.ordinal                1 
# 
_pdbx_initial_refinement_model.id               1 
_pdbx_initial_refinement_model.entity_id_list   ? 
_pdbx_initial_refinement_model.type             'in silico model' 
_pdbx_initial_refinement_model.source_name      Other 
_pdbx_initial_refinement_model.accession_code   ? 
_pdbx_initial_refinement_model.details          colabfold 
# 
_space_group.name_H-M_alt     'P 31 2 1' 
_space_group.name_Hall        
;P 31 2"
;
_space_group.IT_number        152 
_space_group.crystal_system   trigonal 
_space_group.id               1 
# 
_atom_sites.entry_id                    9GGO 
_atom_sites.Cartn_transf_matrix[1][1]   ? 
_atom_sites.Cartn_transf_matrix[1][2]   ? 
_atom_sites.Cartn_transf_matrix[1][3]   ? 
_atom_sites.Cartn_transf_matrix[2][1]   ? 
_atom_sites.Cartn_transf_matrix[2][2]   ? 
_atom_sites.Cartn_transf_matrix[2][3]   ? 
_atom_sites.Cartn_transf_matrix[3][1]   ? 
_atom_sites.Cartn_transf_matrix[3][2]   ? 
_atom_sites.Cartn_transf_matrix[3][3]   ? 
_atom_sites.Cartn_transf_vector[1]      ? 
_atom_sites.Cartn_transf_vector[2]      ? 
_atom_sites.Cartn_transf_vector[3]      ? 
_atom_sites.Cartn_transform_axes        ? 
_atom_sites.fract_transf_matrix[1][1]   0.00971502 
_atom_sites.fract_transf_matrix[1][2]   0.01117073 
_atom_sites.fract_transf_matrix[1][3]   0.01408434 
_atom_sites.fract_transf_matrix[2][1]   -0.00872174 
_atom_sites.fract_transf_matrix[2][2]   0.01692660 
_atom_sites.fract_transf_matrix[2][3]   0.00741417 
_atom_sites.fract_transf_matrix[3][1]   -0.00731984 
_atom_sites.fract_transf_matrix[3][2]   -0.00916842 
_atom_sites.fract_transf_matrix[3][3]   0.01232080 
_atom_sites.fract_transf_vector[1]      -0.084123 
_atom_sites.fract_transf_vector[2]      0.421012 
_atom_sites.fract_transf_vector[3]      -0.329868 
_atom_sites.solution_primary            ? 
_atom_sites.solution_secondary          ? 
_atom_sites.solution_hydrogens          ? 
_atom_sites.special_details             ? 
# 
loop_
_atom_type.symbol 
_atom_type.scat_dispersion_real 
_atom_type.scat_dispersion_imag 
_atom_type.scat_Cromer_Mann_a1 
_atom_type.scat_Cromer_Mann_a2 
_atom_type.scat_Cromer_Mann_a3 
_atom_type.scat_Cromer_Mann_a4 
_atom_type.scat_Cromer_Mann_b1 
_atom_type.scat_Cromer_Mann_b2 
_atom_type.scat_Cromer_Mann_b3 
_atom_type.scat_Cromer_Mann_b4 
_atom_type.scat_Cromer_Mann_c 
_atom_type.scat_source 
_atom_type.scat_dispersion_source 
C  ? ? 3.54356  2.42580 ? ? 25.62398 1.50364  ? ? 0.0 
;2-Gaussian fit: Grosse-Kunstleve RW, Sauter NK, Adams PD: Newsletter of the IUCr Commission on Crystallographic Computing 2004, 3, 22-31.
;
? 
CU ? ? 23.42449 5.47274 ? ? 2.18335  24.96234 ? ? 0.0 
;2-Gaussian fit: Grosse-Kunstleve RW, Sauter NK, Adams PD: Newsletter of the IUCr Commission on Crystallographic Computing 2004, 3, 22-31.
;
? 
H  ? ? 0.51345  0.48472 ? ? 24.73122 6.32584  ? ? 0.0 
;2-Gaussian fit: Grosse-Kunstleve RW, Sauter NK, Adams PD: Newsletter of the IUCr Commission on Crystallographic Computing 2004, 3, 22-31.
;
? 
N  ? ? 4.01032  2.96436 ? ? 19.97189 1.75589  ? ? 0.0 
;2-Gaussian fit: Grosse-Kunstleve RW, Sauter NK, Adams PD: Newsletter of the IUCr Commission on Crystallographic Computing 2004, 3, 22-31.
;
? 
O  ? ? 4.49882  3.47563 ? ? 15.80542 1.70748  ? ? 0.0 
;2-Gaussian fit: Grosse-Kunstleve RW, Sauter NK, Adams PD: Newsletter of the IUCr Commission on Crystallographic Computing 2004, 3, 22-31.
;
? 
# 
loop_
_atom_site.group_PDB 
_atom_site.id 
_atom_site.type_symbol 
_atom_site.label_atom_id 
_atom_site.label_alt_id 
_atom_site.label_comp_id 
_atom_site.label_asym_id 
_atom_site.label_entity_id 
_atom_site.label_seq_id 
_atom_site.pdbx_PDB_ins_code 
_atom_site.Cartn_x 
_atom_site.Cartn_y 
_atom_site.Cartn_z 
_atom_site.occupancy 
_atom_site.B_iso_or_equiv 
_atom_site.pdbx_formal_charge 
_atom_site.auth_seq_id 
_atom_site.auth_comp_id 
_atom_site.auth_asym_id 
_atom_site.auth_atom_id 
_atom_site.pdbx_PDB_model_num 
ATOM   1   N  N   . ALA A 1 1  ? -13.70612 1.40213   0.25844   1.000 86.41492  ? 1   ALA A N   1 
ATOM   2   C  CA  . ALA A 1 1  ? -14.13810 1.74463   1.60839   1.000 102.88066 ? 1   ALA A CA  1 
ATOM   3   C  C   . ALA A 1 1  ? -13.56715 0.75834   2.62089   1.000 89.52736  ? 1   ALA A C   1 
ATOM   4   O  O   . ALA A 1 1  ? -12.61467 1.06469   3.33713   1.000 84.43386  ? 1   ALA A O   1 
ATOM   5   C  CB  . ALA A 1 1  ? -15.65628 1.77264   1.68845   1.000 89.28134  ? 1   ALA A CB  1 
ATOM   6   N  N   . GLU A 1 2  ? -14.16353 -0.42941  2.67935   1.000 76.37234  ? 2   GLU A N   1 
ATOM   7   C  CA  . GLU A 1 2  ? -13.66787 -1.50561  3.52272   1.000 41.30671  ? 2   GLU A CA  1 
ATOM   8   C  C   . GLU A 1 2  ? -12.97002 -2.60399  2.74137   1.000 39.77705  ? 2   GLU A C   1 
ATOM   9   O  O   . GLU A 1 2  ? -12.02178 -3.19959  3.25368   1.000 44.92250  ? 2   GLU A O   1 
ATOM   10  C  CB  . GLU A 1 2  ? -14.81800 -2.12268  4.32909   1.000 61.35642  ? 2   GLU A CB  1 
ATOM   11  C  CG  . GLU A 1 2  ? -15.55211 -1.13544  5.22150   1.000 76.51713  ? 2   GLU A CG  1 
ATOM   12  C  CD  . GLU A 1 2  ? -14.82539 -0.87380  6.52528   1.000 99.17492  ? 2   GLU A CD  1 
ATOM   13  O  OE1 . GLU A 1 2  ? -14.34515 -1.84858  7.14248   1.000 94.27998  ? 2   GLU A OE1 1 
ATOM   14  O  OE2 . GLU A 1 2  ? -14.73384 0.30501   6.93163   1.000 95.09482  ? 2   GLU A OE2 1 
ATOM   15  N  N   . TYR A 1 3  ? -13.40113 -2.87291  1.51239   1.000 36.45221  ? 3   TYR A N   1 
ATOM   16  C  CA  . TYR A 1 3  ? -12.85722 -3.95955  0.71455   1.000 35.24157  ? 3   TYR A CA  1 
ATOM   17  C  C   . TYR A 1 3  ? -12.51191 -3.45013  -0.67503  1.000 36.02160  ? 3   TYR A C   1 
ATOM   18  O  O   . TYR A 1 3  ? -13.12502 -2.50494  -1.17500  1.000 44.62682  ? 3   TYR A O   1 
ATOM   19  C  CB  . TYR A 1 3  ? -13.85304 -5.12110  0.62408   1.000 37.38029  ? 3   TYR A CB  1 
ATOM   20  C  CG  . TYR A 1 3  ? -14.31967 -5.59789  1.98122   1.000 35.10658  ? 3   TYR A CG  1 
ATOM   21  C  CD1 . TYR A 1 3  ? -15.34906 -4.95626  2.64387   1.000 36.07703  ? 3   TYR A CD1 1 
ATOM   22  C  CD2 . TYR A 1 3  ? -13.71951 -6.68049  2.60164   1.000 35.51828  ? 3   TYR A CD2 1 
ATOM   23  C  CE1 . TYR A 1 3  ? -15.77019 -5.37628  3.88187   1.000 36.36589  ? 3   TYR A CE1 1 
ATOM   24  C  CE2 . TYR A 1 3  ? -14.13724 -7.11144  3.84367   1.000 35.34722  ? 3   TYR A CE2 1 
ATOM   25  C  CZ  . TYR A 1 3  ? -15.16158 -6.45381  4.48112   1.000 39.46858  ? 3   TYR A CZ  1 
ATOM   26  O  OH  . TYR A 1 3  ? -15.58150 -6.87910  5.72464   1.000 43.69824  ? 3   TYR A OH  1 
ATOM   27  N  N   . VAL A 1 4  ? -11.51689 -4.08433  -1.29393  1.000 37.56116  ? 4   VAL A N   1 
ATOM   28  C  CA  . VAL A 1 4  ? -11.09760 -3.74724  -2.64650  1.000 36.18283  ? 4   VAL A CA  1 
ATOM   29  C  C   . VAL A 1 4  ? -11.02502 -5.02563  -3.46504  1.000 42.14426  ? 4   VAL A C   1 
ATOM   30  O  O   . VAL A 1 4  ? -10.97083 -6.13382  -2.92817  1.000 38.93624  ? 4   VAL A O   1 
ATOM   31  C  CB  . VAL A 1 4  ? -9.74037  -3.01474  -2.67946  1.000 32.86797  ? 4   VAL A CB  1 
ATOM   32  C  CG1 . VAL A 1 4  ? -9.84288  -1.70352  -1.94551  1.000 34.04608  ? 4   VAL A CG1 1 
ATOM   33  C  CG2 . VAL A 1 4  ? -8.64478  -3.88073  -2.06946  1.000 30.59409  ? 4   VAL A CG2 1 
ATOM   34  N  N   . ARG A 1 5  ? -11.03500 -4.85713  -4.78492  1.000 35.55304  ? 5   ARG A N   1 
ATOM   35  C  CA  . ARG A 1 5  ? -10.84780 -5.95379  -5.72416  1.000 32.52630  ? 5   ARG A CA  1 
ATOM   36  C  C   . ARG A 1 5  ? -9.67079  -5.62500  -6.63107  1.000 39.80943  ? 5   ARG A C   1 
ATOM   37  O  O   . ARG A 1 5  ? -9.56982  -4.50471  -7.13823  1.000 41.58318  ? 5   ARG A O   1 
ATOM   38  C  CB  . ARG A 1 5  ? -12.10938 -6.20069  -6.55323  1.000 33.71123  ? 5   ARG A CB  1 
ATOM   39  C  CG  . ARG A 1 5  ? -11.91467 -7.22959  -7.65766  1.000 41.55521  ? 5   ARG A CG  1 
ATOM   40  C  CD  . ARG A 1 5  ? -13.23532 -7.71727  -8.24067  1.000 41.17786  ? 5   ARG A CD  1 
ATOM   41  N  NE  . ARG A 1 5  ? -14.00152 -6.64814  -8.87013  1.000 54.68996  ? 5   ARG A NE  1 
ATOM   42  C  CZ  . ARG A 1 5  ? -15.25172 -6.77223  -9.29719  1.000 61.86572  ? 5   ARG A CZ  1 
ATOM   43  N  NH1 . ARG A 1 5  ? -15.91075 -7.91574  -9.18953  1.000 59.64604  ? 5   ARG A NH1 1 
ATOM   44  N  NH2 . ARG A 1 5  ? -15.85916 -5.72031  -9.83858  1.000 65.64562  ? 5   ARG A NH2 1 
ATOM   45  N  N   . ALA A 1 6  ? -8.78589  -6.59683  -6.83101  1.000 40.54598  ? 6   ALA A N   1 
ATOM   46  C  CA  . ALA A 1 6  ? -7.55725  -6.36528  -7.57566  1.000 33.41353  ? 6   ALA A CA  1 
ATOM   47  C  C   . ALA A 1 6  ? -7.85417  -6.29871  -9.06490  1.000 34.13980  ? 6   ALA A C   1 
ATOM   48  O  O   . ALA A 1 6  ? -8.58914  -7.13729  -9.59184  1.000 36.92329  ? 6   ALA A O   1 
ATOM   49  C  CB  . ALA A 1 6  ? -6.54621  -7.47578  -7.29285  1.000 32.30411  ? 6   ALA A CB  1 
ATOM   50  N  N   . LEU A 1 7  ? -7.27134  -5.30551  -9.74264  1.000 35.26018  ? 7   LEU A N   1 
ATOM   51  C  CA  . LEU A 1 7  ? -7.42086  -5.13681  -11.18319 1.000 30.24420  ? 7   LEU A CA  1 
ATOM   52  C  C   . LEU A 1 7  ? -6.35122  -5.86369  -11.98265 1.000 30.28207  ? 7   LEU A C   1 
ATOM   53  O  O   . LEU A 1 7  ? -6.53830  -6.09376  -13.18211 1.000 40.79458  ? 7   LEU A O   1 
ATOM   54  C  CB  . LEU A 1 7  ? -7.37382  -3.65116  -11.54512 1.000 33.13910  ? 7   LEU A CB  1 
ATOM   55  C  CG  . LEU A 1 7  ? -8.45089  -2.75869  -10.93998 1.000 35.75844  ? 7   LEU A CG  1 
ATOM   56  C  CD1 . LEU A 1 7  ? -8.05794  -1.30323  -11.06751 1.000 40.26417  ? 7   LEU A CD1 1 
ATOM   57  C  CD2 . LEU A 1 7  ? -9.75944  -3.00773  -11.64380 1.000 32.90965  ? 7   LEU A CD2 1 
ATOM   58  N  N   . PHE A 1 8  ? -5.23173  -6.20581  -11.35539 1.000 34.28196  ? 8   PHE A N   1 
ATOM   59  C  CA  . PHE A 1 8  ? -4.14279  -6.89839  -12.02010 1.000 38.09932  ? 8   PHE A CA  1 
ATOM   60  C  C   . PHE A 1 8  ? -3.57629  -7.93923  -11.07188 1.000 32.08259  ? 8   PHE A C   1 
ATOM   61  O  O   . PHE A 1 8  ? -3.74763  -7.85463  -9.85578  1.000 35.69829  ? 8   PHE A O   1 
ATOM   62  C  CB  . PHE A 1 8  ? -3.00658  -5.95011  -12.43044 1.000 35.09031  ? 8   PHE A CB  1 
ATOM   63  C  CG  . PHE A 1 8  ? -3.44849  -4.75868  -13.22332 1.000 34.88716  ? 8   PHE A CG  1 
ATOM   64  C  CD1 . PHE A 1 8  ? -3.80792  -3.58571  -12.58573 1.000 32.03940  ? 8   PHE A CD1 1 
ATOM   65  C  CD2 . PHE A 1 8  ? -3.46861  -4.79526  -14.60719 1.000 40.96094  ? 8   PHE A CD2 1 
ATOM   66  C  CE1 . PHE A 1 8  ? -4.20066  -2.47460  -13.31083 1.000 37.42638  ? 8   PHE A CE1 1 
ATOM   67  C  CE2 . PHE A 1 8  ? -3.86296  -3.68426  -15.33965 1.000 37.08333  ? 8   PHE A CE2 1 
ATOM   68  C  CZ  . PHE A 1 8  ? -4.22684  -2.52248  -14.68930 1.000 33.35659  ? 8   PHE A CZ  1 
ATOM   69  N  N   . ASP A 1 9  ? -2.88079  -8.91665  -11.64088 1.000 39.61485  ? 9   ASP A N   1 
ATOM   70  C  CA  . ASP A 1 9  ? -2.01947  -9.76356  -10.83450 1.000 31.68753  ? 9   ASP A CA  1 
ATOM   71  C  C   . ASP A 1 9  ? -0.87024  -8.93331  -10.28049 1.000 36.60990  ? 9   ASP A C   1 
ATOM   72  O  O   . ASP A 1 9  ? -0.42432  -7.96174  -10.89661 1.000 44.93565  ? 9   ASP A O   1 
ATOM   73  C  CB  . ASP A 1 9  ? -1.47470  -10.92754 -11.66301 1.000 38.50741  ? 9   ASP A CB  1 
ATOM   74  C  CG  . ASP A 1 9  ? -2.57371  -11.78465 -12.26408 1.000 46.06693  ? 9   ASP A CG  1 
ATOM   75  O  OD1 . ASP A 1 9  ? -3.60511  -11.99845 -11.59265 1.000 58.30371  ? 9   ASP A OD1 1 
ATOM   76  O  OD2 . ASP A 1 9  ? -2.40806  -12.24169 -13.41480 1.000 63.71759  ? 9   ASP A OD2 1 
ATOM   77  N  N   . HIS A 1 10 ? -0.39448  -9.31368  -9.09881  1.000 38.79559  ? 10  HIS A N   1 
ATOM   78  C  CA  . HIS A 1 10 ? 0.71487   -8.61228  -8.46866  1.000 28.43525  ? 10  HIS A CA  1 
ATOM   79  C  C   . HIS A 1 10 ? 1.62487   -9.61532  -7.77886  1.000 42.76497  ? 10  HIS A C   1 
ATOM   80  O  O   . HIS A 1 10 ? 1.15570   -10.46742 -7.01782  1.000 41.07121  ? 10  HIS A O   1 
ATOM   81  C  CB  . HIS A 1 10 ? 0.21833   -7.56973  -7.46311  1.000 27.24078  ? 10  HIS A CB  1 
ATOM   82  C  CG  . HIS A 1 10 ? 1.32068   -6.82056  -6.78557  1.000 36.38574  ? 10  HIS A CG  1 
ATOM   83  N  ND1 . HIS A 1 10 ? 1.71597   -7.08703  -5.49250  1.000 47.37159  ? 10  HIS A ND1 1 
ATOM   84  C  CD2 . HIS A 1 10 ? 2.12590   -5.82615  -7.22836  1.000 34.65502  ? 10  HIS A CD2 1 
ATOM   85  C  CE1 . HIS A 1 10 ? 2.71044   -6.28182  -5.16377  1.000 44.28639  ? 10  HIS A CE1 1 
ATOM   86  N  NE2 . HIS A 1 10 ? 2.97879   -5.50750  -6.19949  1.000 48.96168  ? 10  HIS A NE2 1 
ATOM   87  N  N   . THR A 1 11 ? 2.92199   -9.50798  -8.04889  1.000 36.72496  ? 11  THR A N   1 
ATOM   88  C  CA  . THR A 1 11 ? 3.91912   -10.38476 -7.45409  1.000 36.72263  ? 11  THR A CA  1 
ATOM   89  C  C   . THR A 1 11 ? 4.43046   -9.78799  -6.15055  1.000 36.15759  ? 11  THR A C   1 
ATOM   90  O  O   . THR A 1 11 ? 4.79901   -8.61099  -6.10168  1.000 45.07004  ? 11  THR A O   1 
ATOM   91  C  CB  . THR A 1 11 ? 5.08214   -10.60406 -8.41739  1.000 43.77180  ? 11  THR A CB  1 
ATOM   92  O  OG1 . THR A 1 11 ? 4.62918   -11.36642 -9.54055  1.000 49.08417  ? 11  THR A OG1 1 
ATOM   93  C  CG2 . THR A 1 11 ? 6.20818   -11.34559 -7.72097  1.000 53.10060  ? 11  THR A CG2 1 
ATOM   94  N  N   . GLY A 1 12 ? 4.45609   -10.60450 -5.10074  1.000 45.75757  ? 12  GLY A N   1 
ATOM   95  C  CA  . GLY A 1 12 ? 4.90394   -10.12518 -3.80908  1.000 43.16125  ? 12  GLY A CA  1 
ATOM   96  C  C   . GLY A 1 12 ? 6.36003   -9.70476  -3.82302  1.000 46.17793  ? 12  GLY A C   1 
ATOM   97  O  O   . GLY A 1 12 ? 7.15633   -10.12904 -4.66087  1.000 61.32027  ? 12  GLY A O   1 
ATOM   98  N  N   . HIS A 1 13 ? 6.70450   -8.84443  -2.86403  1.000 44.04454  ? 13  HIS A N   1 
ATOM   99  C  CA  . HIS A 1 13 ? 8.05914   -8.31991  -2.74386  1.000 45.88136  ? 13  HIS A CA  1 
ATOM   100 C  C   . HIS A 1 13 ? 8.15411   -7.37171  -1.55486  1.000 46.41178  ? 13  HIS A C   1 
ATOM   101 O  O   . HIS A 1 13 ? 7.17517   -7.18844  -0.82440  1.000 47.85160  ? 13  HIS A O   1 
ATOM   102 C  CB  . HIS A 1 13 ? 8.47370   -7.60734  -4.03108  1.000 45.04875  ? 13  HIS A CB  1 
ATOM   103 C  CG  . HIS A 1 13 ? 7.66624   -6.38463  -4.32218  1.000 45.21030  ? 13  HIS A CG  1 
ATOM   104 N  ND1 . HIS A 1 13 ? 8.01511   -5.13642  -3.85534  1.000 46.97738  ? 13  HIS A ND1 1 
ATOM   105 C  CD2 . HIS A 1 13 ? 6.51179   -6.22147  -5.00997  1.000 49.36027  ? 13  HIS A CD2 1 
ATOM   106 C  CE1 . HIS A 1 13 ? 7.11644   -4.25398  -4.25316  1.000 56.90526  ? 13  HIS A CE1 1 
ATOM   107 N  NE2 . HIS A 1 13 ? 6.19296   -4.88667  -4.95462  1.000 52.44681  ? 13  HIS A NE2 1 
ATOM   108 N  N   . ASP A 1 14 ? 9.31898   -6.75858  -1.35845  1.000 55.49620  ? 14  ASP A N   1 
ATOM   109 C  CA  . ASP A 1 14 ? 9.56664   -5.88442  -0.22127  1.000 53.93719  ? 14  ASP A CA  1 
ATOM   110 C  C   . ASP A 1 14 ? 9.61323   -4.41983  -0.64187  1.000 48.10029  ? 14  ASP A C   1 
ATOM   111 O  O   . ASP A 1 14 ? 9.89122   -4.07697  -1.79515  1.000 52.99620  ? 14  ASP A O   1 
ATOM   112 C  CB  . ASP A 1 14 ? 10.88145  -6.24741  0.48344   1.000 53.32719  ? 14  ASP A CB  1 
ATOM   113 C  CG  . ASP A 1 14 ? 10.82280  -7.59138  1.18430   1.000 79.86534  ? 14  ASP A CG  1 
ATOM   114 O  OD1 . ASP A 1 14 ? 9.72096   -8.00218  1.60717   1.000 74.79950  ? 14  ASP A OD1 1 
ATOM   115 O  OD2 . ASP A 1 14 ? 11.88597  -8.23267  1.32114   1.000 99.57506  ? 14  ASP A OD2 1 
ATOM   116 N  N   . GLU A 1 15 ? 9.32340   -3.55644  0.32506   1.000 46.87131  ? 15  GLU A N   1 
ATOM   117 C  CA  . GLU A 1 15 ? 9.58561   -2.13094  0.22147   1.000 52.34704  ? 15  GLU A CA  1 
ATOM   118 C  C   . GLU A 1 15 ? 10.26137  -1.69284  1.50899   1.000 47.88045  ? 15  GLU A C   1 
ATOM   119 O  O   . GLU A 1 15 ? 10.07583  -2.31161  2.56019   1.000 52.16165  ? 15  GLU A O   1 
ATOM   120 C  CB  . GLU A 1 15 ? 8.30551   -1.31585  -0.01191  1.000 47.33915  ? 15  GLU A CB  1 
ATOM   121 C  CG  . GLU A 1 15 ? 7.46839   -1.80090  -1.18482  1.000 73.18439  ? 15  GLU A CG  1 
ATOM   122 C  CD  . GLU A 1 15 ? 6.89182   -0.66507  -2.01084  1.000 82.72106  ? 15  GLU A CD  1 
ATOM   123 O  OE1 . GLU A 1 15 ? 7.50213   -0.30576  -3.03940  1.000 106.46453 ? 15  GLU A OE1 1 
ATOM   124 O  OE2 . GLU A 1 15 ? 5.82848   -0.13014  -1.63340  1.000 114.22659 ? 15  GLU A OE2 1 
ATOM   125 N  N   . GLN A 1 16 ? 11.05374  -0.63156  1.42810   1.000 48.51956  ? 16  GLN A N   1 
ATOM   126 C  CA  . GLN A 1 16 ? 11.84166  -0.19745  2.57139   1.000 49.71629  ? 16  GLN A CA  1 
ATOM   127 C  C   . GLN A 1 16 ? 11.18841  0.99028   3.26657   1.000 52.09112  ? 16  GLN A C   1 
ATOM   128 O  O   . GLN A 1 16 ? 10.57396  1.84543   2.62292   1.000 49.29323  ? 16  GLN A O   1 
ATOM   129 C  CB  . GLN A 1 16 ? 13.27025  0.14989   2.15169   1.000 49.55841  ? 16  GLN A CB  1 
ATOM   130 C  CG  . GLN A 1 16 ? 13.37880  1.03055   0.92756   1.000 76.43374  ? 16  GLN A CG  1 
ATOM   131 C  CD  . GLN A 1 16 ? 14.82144  1.31887   0.55877   1.000 94.92088  ? 16  GLN A CD  1 
ATOM   132 O  OE1 . GLN A 1 16 ? 15.70213  0.48001   0.75378   1.000 82.01331  ? 16  GLN A OE1 1 
ATOM   133 N  NE2 . GLN A 1 16 ? 15.07250  2.51339   0.03283   1.000 76.70016  ? 16  GLN A NE2 1 
ATOM   134 N  N   . GLU A 1 17 ? 11.30588  1.01919   4.59098   1.000 43.41673  ? 17  GLU A N   1 
ATOM   135 C  CA  . GLU A 1 17 ? 10.84404  2.13641   5.39931   1.000 33.93431  ? 17  GLU A CA  1 
ATOM   136 C  C   . GLU A 1 17 ? 12.01532  3.05709   5.69824   1.000 34.87004  ? 17  GLU A C   1 
ATOM   137 O  O   . GLU A 1 17 ? 13.08225  2.59607   6.11593   1.000 52.63965  ? 17  GLU A O   1 
ATOM   138 C  CB  . GLU A 1 17 ? 10.21652  1.65656   6.70589   1.000 35.90923  ? 17  GLU A CB  1 
ATOM   139 C  CG  . GLU A 1 17 ? 8.79632   1.17788   6.57376   1.000 40.76629  ? 17  GLU A CG  1 
ATOM   140 C  CD  . GLU A 1 17 ? 8.05198   1.27114   7.88434   1.000 58.70424  ? 17  GLU A CD  1 
ATOM   141 O  OE1 . GLU A 1 17 ? 8.32978   2.21297   8.65730   1.000 70.53064  ? 17  GLU A OE1 1 
ATOM   142 O  OE2 . GLU A 1 17 ? 7.19877   0.40113   8.14791   1.000 77.02068  ? 17  GLU A OE2 1 
ATOM   143 N  N   . LEU A 1 18 ? 11.81202  4.34906   5.48570   1.000 39.89824  ? 18  LEU A N   1 
ATOM   144 C  CA  . LEU A 1 18 ? 12.86523  5.31597   5.73839   1.000 35.47504  ? 18  LEU A CA  1 
ATOM   145 C  C   . LEU A 1 18 ? 13.30038  5.25275   7.19426   1.000 37.60690  ? 18  LEU A C   1 
ATOM   146 O  O   . LEU A 1 18 ? 12.44775  5.21158   8.09035   1.000 44.37436  ? 18  LEU A O   1 
ATOM   147 C  CB  . LEU A 1 18 ? 12.39029  6.72902   5.42648   1.000 36.78674  ? 18  LEU A CB  1 
ATOM   148 C  CG  . LEU A 1 18 ? 12.47770  7.17677   3.98258   1.000 44.09854  ? 18  LEU A CG  1 
ATOM   149 C  CD1 . LEU A 1 18 ? 12.18545  8.65780   3.93077   1.000 40.26769  ? 18  LEU A CD1 1 
ATOM   150 C  CD2 . LEU A 1 18 ? 13.85677  6.86306   3.43369   1.000 44.10287  ? 18  LEU A CD2 1 
ATOM   151 N  N   . PRO A 1 19 ? 14.59361  5.25096   7.47416   1.000 39.34156  ? 19  PRO A N   1 
ATOM   152 C  CA  . PRO A 1 19 ? 15.04654  5.61350   8.81322   1.000 40.42048  ? 19  PRO A CA  1 
ATOM   153 C  C   . PRO A 1 19 ? 15.01663  7.12254   8.96822   1.000 40.77794  ? 19  PRO A C   1 
ATOM   154 O  O   . PRO A 1 19 ? 15.23386  7.87355   8.01541   1.000 44.61399  ? 19  PRO A O   1 
ATOM   155 C  CB  . PRO A 1 19 ? 16.48016  5.07534   8.85500   1.000 40.66534  ? 19  PRO A CB  1 
ATOM   156 C  CG  . PRO A 1 19 ? 16.92982  5.16447   7.44982   1.000 40.87253  ? 19  PRO A CG  1 
ATOM   157 C  CD  . PRO A 1 19 ? 15.71632  4.91918   6.58273   1.000 42.75704  ? 19  PRO A CD  1 
ATOM   158 N  N   . PHE A 1 20 ? 14.72348  7.56993   10.18336  1.000 35.35106  ? 20  PHE A N   1 
ATOM   159 C  CA  . PHE A 1 20 ? 14.76187  9.00167   10.42864  1.000 36.24532  ? 20  PHE A CA  1 
ATOM   160 C  C   . PHE A 1 20 ? 14.98788  9.26104   11.90752  1.000 33.80214  ? 20  PHE A C   1 
ATOM   161 O  O   . PHE A 1 20 ? 14.83067  8.37344   12.74795  1.000 37.88945  ? 20  PHE A O   1 
ATOM   162 C  CB  . PHE A 1 20 ? 13.48980  9.69875   9.93276   1.000 34.37294  ? 20  PHE A CB  1 
ATOM   163 C  CG  . PHE A 1 20 ? 12.20628  9.07280   10.41213  1.000 35.39912  ? 20  PHE A CG  1 
ATOM   164 C  CD1 . PHE A 1 20 ? 11.69656  9.36881   11.66405  1.000 40.22547  ? 20  PHE A CD1 1 
ATOM   165 C  CD2 . PHE A 1 20 ? 11.48582  8.22403   9.58998   1.000 37.91294  ? 20  PHE A CD2 1 
ATOM   166 C  CE1 . PHE A 1 20 ? 10.50554  8.81106   12.09286  1.000 34.85070  ? 20  PHE A CE1 1 
ATOM   167 C  CE2 . PHE A 1 20 ? 10.29563  7.66651   10.01353  1.000 35.88666  ? 20  PHE A CE2 1 
ATOM   168 C  CZ  . PHE A 1 20 ? 9.80613   7.95928   11.26669  1.000 36.36232  ? 20  PHE A CZ  1 
ATOM   169 N  N   . LYS A 1 21 ? 15.37454  10.49665  12.20355  1.000 38.45929  ? 21  LYS A N   1 
ATOM   170 C  CA  . LYS A 1 21 ? 15.69116  10.94368  13.54825  1.000 38.50165  ? 21  LYS A CA  1 
ATOM   171 C  C   . LYS A 1 21 ? 14.58778  11.84946  14.07134  1.000 40.33240  ? 21  LYS A C   1 
ATOM   172 O  O   . LYS A 1 21 ? 13.89458  12.51731  13.29996  1.000 43.96732  ? 21  LYS A O   1 
ATOM   173 C  CB  . LYS A 1 21 ? 17.02518  11.69338  13.57212  1.000 35.11761  ? 21  LYS A CB  1 
ATOM   174 C  CG  . LYS A 1 21 ? 18.22397  10.80542  13.32465  1.000 40.97076  ? 21  LYS A CG  1 
ATOM   175 C  CD  . LYS A 1 21 ? 18.35585  9.77717   14.43681  1.000 57.87795  ? 21  LYS A CD  1 
ATOM   176 C  CE  . LYS A 1 21 ? 19.61912  8.94883   14.29637  1.000 82.52595  ? 21  LYS A CE  1 
ATOM   177 N  NZ  . LYS A 1 21 ? 19.81414  8.07962   15.49093  1.000 72.79627  ? 21  LYS A NZ  1 
ATOM   178 N  N   . LYS A 1 22 ? 14.43248  11.86844  15.39328  1.000 39.55749  ? 22  LYS A N   1 
ATOM   179 C  CA  . LYS A 1 22 ? 13.45051  12.74756  16.01051  1.000 38.73161  ? 22  LYS A CA  1 
ATOM   180 C  C   . LYS A 1 22 ? 13.67712  14.17910  15.54887  1.000 37.80960  ? 22  LYS A C   1 
ATOM   181 O  O   . LYS A 1 22 ? 14.80576  14.67539  15.55769  1.000 38.18496  ? 22  LYS A O   1 
ATOM   182 C  CB  . LYS A 1 22 ? 13.53919  12.66459  17.53634  1.000 34.16281  ? 22  LYS A CB  1 
ATOM   183 C  CG  . LYS A 1 22 ? 12.38091  13.35140  18.22901  1.000 46.35270  ? 22  LYS A CG  1 
ATOM   184 C  CD  . LYS A 1 22 ? 12.81039  14.14454  19.44568  1.000 65.42815  ? 22  LYS A CD  1 
ATOM   185 C  CE  . LYS A 1 22 ? 11.69488  15.09485  19.86651  1.000 54.72575  ? 22  LYS A CE  1 
ATOM   186 N  NZ  . LYS A 1 22 ? 12.18985  16.14266  20.79718  1.000 72.46886  ? 22  LYS A NZ  1 
ATOM   187 N  N   . GLY A 1 23 ? 12.59829  14.83480  15.12813  1.000 39.37177  ? 23  GLY A N   1 
ATOM   188 C  CA  . GLY A 1 23 ? 12.65875  16.20734  14.67694  1.000 37.82126  ? 23  GLY A CA  1 
ATOM   189 C  C   . GLY A 1 23 ? 12.96979  16.39072  13.20875  1.000 36.42506  ? 23  GLY A C   1 
ATOM   190 O  O   . GLY A 1 23 ? 12.91213  17.52375  12.71761  1.000 40.00616  ? 23  GLY A O   1 
ATOM   191 N  N   . GLU A 1 24 ? 13.29088  15.31910  12.49487  1.000 35.64558  ? 24  GLU A N   1 
ATOM   192 C  CA  . GLU A 1 24 ? 13.64762  15.41862  11.08917  1.000 38.20610  ? 24  GLU A CA  1 
ATOM   193 C  C   . GLU A 1 24 ? 12.42600  15.77340  10.24816  1.000 39.98893  ? 24  GLU A C   1 
ATOM   194 O  O   . GLU A 1 24 ? 11.29990  15.37501  10.55126  1.000 34.86812  ? 24  GLU A O   1 
ATOM   195 C  CB  . GLU A 1 24 ? 14.25450  14.09778  10.62233  1.000 39.73116  ? 24  GLU A CB  1 
ATOM   196 C  CG  . GLU A 1 24 ? 14.76435  14.07572  9.20086   1.000 42.63211  ? 24  GLU A CG  1 
ATOM   197 C  CD  . GLU A 1 24 ? 15.50730  12.78846  8.88878   1.000 61.33872  ? 24  GLU A CD  1 
ATOM   198 O  OE1 . GLU A 1 24 ? 15.97184  12.12149  9.84020   1.000 48.16056  ? 24  GLU A OE1 1 
ATOM   199 O  OE2 . GLU A 1 24 ? 15.62547  12.43852  7.69662   1.000 58.37097  ? 24  GLU A OE2 1 
ATOM   200 N  N   . ILE A 1 25 ? 12.65784  16.53660  9.17923   1.000 37.93280  ? 25  ILE A N   1 
ATOM   201 C  CA  . ILE A 1 25 ? 11.59849  16.97869  8.27689   1.000 32.94685  ? 25  ILE A CA  1 
ATOM   202 C  C   . ILE A 1 25 ? 11.57095  16.07062  7.05902   1.000 33.26904  ? 25  ILE A C   1 
ATOM   203 O  O   . ILE A 1 25 ? 12.61982  15.67422  6.53830   1.000 43.42262  ? 25  ILE A O   1 
ATOM   204 C  CB  . ILE A 1 25 ? 11.79713  18.44571  7.85834   1.000 35.84617  ? 25  ILE A CB  1 
ATOM   205 C  CG1 . ILE A 1 25 ? 11.63542  19.36747  9.06096   1.000 42.91852  ? 25  ILE A CG1 1 
ATOM   206 C  CG2 . ILE A 1 25 ? 10.82289  18.82399  6.75846   1.000 33.98001  ? 25  ILE A CG2 1 
ATOM   207 C  CD1 . ILE A 1 25 ? 12.01966  20.79782  8.75971   1.000 67.86465  ? 25  ILE A CD1 1 
ATOM   208 N  N   . LEU A 1 26 ? 10.36900  15.74849  6.59497   1.000 33.17197  ? 26  LEU A N   1 
ATOM   209 C  CA  . LEU A 1 26 ? 10.19025  14.85510  5.46216   1.000 37.28241  ? 26  LEU A CA  1 
ATOM   210 C  C   . LEU A 1 26 ? 9.10469   15.40632  4.55656   1.000 37.06490  ? 26  LEU A C   1 
ATOM   211 O  O   . LEU A 1 26 ? 8.11772   15.97182  5.03639   1.000 37.55872  ? 26  LEU A O   1 
ATOM   212 C  CB  . LEU A 1 26 ? 9.80258   13.44297  5.91510   1.000 38.97143  ? 26  LEU A CB  1 
ATOM   213 C  CG  . LEU A 1 26 ? 10.73994  12.77871  6.91578   1.000 36.39562  ? 26  LEU A CG  1 
ATOM   214 C  CD1 . LEU A 1 26 ? 10.08615  11.54474  7.49739   1.000 39.00108  ? 26  LEU A CD1 1 
ATOM   215 C  CD2 . LEU A 1 26 ? 12.03645  12.42328  6.23071   1.000 36.94709  ? 26  LEU A CD2 1 
ATOM   216 N  N   . ARG A 1 27 ? 9.28746   15.22954  3.25114   1.000 35.42058  ? 27  ARG A N   1 
ATOM   217 C  CA  . ARG A 1 27 ? 8.29242   15.61510  2.26222   1.000 34.87548  ? 27  ARG A CA  1 
ATOM   218 C  C   . ARG A 1 27 ? 7.46443   14.39155  1.90289   1.000 37.44573  ? 27  ARG A C   1 
ATOM   219 O  O   . ARG A 1 27 ? 8.01662   13.30884  1.69091   1.000 35.55431  ? 27  ARG A O   1 
ATOM   220 C  CB  . ARG A 1 27 ? 8.94395   16.19230  1.00442   1.000 35.65808  ? 27  ARG A CB  1 
ATOM   221 C  CG  . ARG A 1 27 ? 7.92372   16.68595  -0.00378  1.000 39.14047  ? 27  ARG A CG  1 
ATOM   222 C  CD  . ARG A 1 27 ? 8.55905   17.31534  -1.23609  1.000 44.41881  ? 27  ARG A CD  1 
ATOM   223 N  NE  . ARG A 1 27 ? 9.20329   16.31680  -2.07795  1.000 53.22830  ? 27  ARG A NE  1 
ATOM   224 C  CZ  . ARG A 1 27 ? 8.55643   15.49799  -2.89473  1.000 44.39688  ? 27  ARG A CZ  1 
ATOM   225 N  NH1 . ARG A 1 27 ? 7.24156   15.54937  -3.02610  1.000 48.45252  ? 27  ARG A NH1 1 
ATOM   226 N  NH2 . ARG A 1 27 ? 9.24556   14.59728  -3.58852  1.000 54.77494  ? 27  ARG A NH2 1 
ATOM   227 N  N   . ILE A 1 28 ? 6.14875   14.56550  1.83849   1.000 36.86798  ? 28  ILE A N   1 
ATOM   228 C  CA  . ILE A 1 28 ? 5.24525   13.47712  1.48563   1.000 36.35271  ? 28  ILE A CA  1 
ATOM   229 C  C   . ILE A 1 28 ? 5.15835   13.37561  -0.03187  1.000 37.52838  ? 28  ILE A C   1 
ATOM   230 O  O   . ILE A 1 28 ? 4.95355   14.37888  -0.72238  1.000 47.43852  ? 28  ILE A O   1 
ATOM   231 C  CB  . ILE A 1 28 ? 3.86038   13.70463  2.11102   1.000 34.02752  ? 28  ILE A CB  1 
ATOM   232 C  CG1 . ILE A 1 28 ? 3.98509   13.82969  3.62446   1.000 32.93857  ? 28  ILE A CG1 1 
ATOM   233 C  CG2 . ILE A 1 28 ? 2.92429   12.57328  1.76391   1.000 33.60122  ? 28  ILE A CG2 1 
ATOM   234 C  CD1 . ILE A 1 28 ? 4.62175   12.62280  4.28041   1.000 39.84695  ? 28  ILE A CD1 1 
ATOM   235 N  N   . ARG A 1 29 ? 5.33909   12.16773  -0.55765  1.000 37.35788  ? 29  ARG A N   1 
ATOM   236 C  CA  . ARG A 1 29 ? 5.17437   11.91038  -1.98096  1.000 35.42741  ? 29  ARG A CA  1 
ATOM   237 C  C   . ARG A 1 29 ? 3.70762   11.58393  -2.23217  1.000 48.52519  ? 29  ARG A C   1 
ATOM   238 O  O   . ARG A 1 29 ? 3.18834   10.59917  -1.69589  1.000 50.00025  ? 29  ARG A O   1 
ATOM   239 C  CB  . ARG A 1 29 ? 6.07641   10.76275  -2.43860  1.000 42.32770  ? 29  ARG A CB  1 
ATOM   240 C  CG  . ARG A 1 29 ? 7.57604   11.05454  -2.39726  1.000 38.72917  ? 29  ARG A CG  1 
ATOM   241 C  CD  . ARG A 1 29 ? 8.28550   10.40180  -3.59223  1.000 59.41127  ? 29  ARG A CD  1 
ATOM   242 N  NE  . ARG A 1 29 ? 7.66741   10.78726  -4.85872  1.000 82.34993  ? 29  ARG A NE  1 
ATOM   243 C  CZ  . ARG A 1 29 ? 8.18345   11.64790  -5.72742  1.000 65.63839  ? 29  ARG A CZ  1 
ATOM   244 N  NH1 . ARG A 1 29 ? 9.37659   12.18532  -5.54360  1.000 71.33908  ? 29  ARG A NH1 1 
ATOM   245 N  NH2 . ARG A 1 29 ? 7.48148   11.98081  -6.80717  1.000 51.65053  ? 29  ARG A NH2 1 
ATOM   246 N  N   . ASP A 1 30 ? 3.04003   12.40489  -3.04288  1.000 51.25598  ? 30  ASP A N   1 
ATOM   247 C  CA  . ASP A 1 30 ? 1.59041   12.33713  -3.18213  1.000 61.91589  ? 30  ASP A CA  1 
ATOM   248 C  C   . ASP A 1 30 ? 1.12482   11.87580  -4.56141  1.000 53.18308  ? 30  ASP A C   1 
ATOM   249 O  O   . ASP A 1 30 ? -0.07772  11.91967  -4.84005  1.000 62.23312  ? 30  ASP A O   1 
ATOM   250 C  CB  . ASP A 1 30 ? 0.96855   13.69599  -2.84497  1.000 49.92414  ? 30  ASP A CB  1 
ATOM   251 C  CG  . ASP A 1 30 ? 1.57034   14.83079  -3.64812  1.000 77.26346  ? 30  ASP A CG  1 
ATOM   252 O  OD1 . ASP A 1 30 ? 2.48782   14.57570  -4.45978  1.000 103.19930 ? 30  ASP A OD1 1 
ATOM   253 O  OD2 . ASP A 1 30 ? 1.12121   15.98235  -3.46691  1.000 105.59694 ? 30  ASP A OD2 1 
ATOM   254 N  N   . LYS A 1 31 ? 2.02578   11.42598  -5.42521  1.000 47.18700  ? 31  LYS A N   1 
ATOM   255 C  CA  . LYS A 1 31 ? 1.58065   10.88948  -6.70158  1.000 41.17675  ? 31  LYS A CA  1 
ATOM   256 C  C   . LYS A 1 31 ? 0.73816   9.63633   -6.46798  1.000 46.75299  ? 31  LYS A C   1 
ATOM   257 O  O   . LYS A 1 31 ? 1.02962   8.84940   -5.56109  1.000 46.90291  ? 31  LYS A O   1 
ATOM   258 C  CB  . LYS A 1 31 ? 2.77382   10.57188  -7.60035  1.000 44.33729  ? 31  LYS A CB  1 
ATOM   259 C  CG  . LYS A 1 31 ? 3.51855   11.80959  -8.06272  1.000 64.70028  ? 31  LYS A CG  1 
ATOM   260 C  CD  . LYS A 1 31 ? 4.65365   11.46524  -9.00275  1.000 56.90356  ? 31  LYS A CD  1 
ATOM   261 C  CE  . LYS A 1 31 ? 5.38512   12.72134  -9.44132  1.000 54.19783  ? 31  LYS A CE  1 
ATOM   262 N  NZ  . LYS A 1 31 ? 6.52735   12.40328  -10.33393 1.000 106.44320 ? 31  LYS A NZ  1 
ATOM   263 N  N   . PRO A 1 32 ? -0.31260  9.42375   -7.25794  1.000 45.26050  ? 32  PRO A N   1 
ATOM   264 C  CA  . PRO A 1 32 ? -1.18775  8.26187   -7.01985  1.000 46.22307  ? 32  PRO A CA  1 
ATOM   265 C  C   . PRO A 1 32 ? -0.45670  6.92924   -6.97351  1.000 40.74861  ? 32  PRO A C   1 
ATOM   266 O  O   . PRO A 1 32 ? -0.72782  6.11323   -6.08395  1.000 47.05346  ? 32  PRO A O   1 
ATOM   267 C  CB  . PRO A 1 32 ? -2.16885  8.33264   -8.19774  1.000 39.88975  ? 32  PRO A CB  1 
ATOM   268 C  CG  . PRO A 1 32 ? -2.18800  9.76755   -8.57149  1.000 47.76245  ? 32  PRO A CG  1 
ATOM   269 C  CD  . PRO A 1 32 ? -0.79131  10.26266  -8.36530  1.000 38.04177  ? 32  PRO A CD  1 
ATOM   270 N  N   . GLU A 1 33 ? 0.46923   6.68341   -7.89966  1.000 43.77345  ? 33  GLU A N   1 
ATOM   271 C  CA  . GLU A 1 33 ? 1.14866   5.39393   -7.93298  1.000 40.52623  ? 33  GLU A CA  1 
ATOM   272 C  C   . GLU A 1 33 ? 2.05247   5.16616   -6.73082  1.000 36.74535  ? 33  GLU A C   1 
ATOM   273 O  O   . GLU A 1 33 ? 2.61717   4.07557   -6.60628  1.000 41.68058  ? 33  GLU A O   1 
ATOM   274 C  CB  . GLU A 1 33 ? 1.95916   5.25063   -9.22649  1.000 41.57458  ? 33  GLU A CB  1 
ATOM   275 C  CG  . GLU A 1 33 ? 3.00728   6.32828   -9.45822  1.000 47.49842  ? 33  GLU A CG  1 
ATOM   276 C  CD  . GLU A 1 33 ? 2.46990   7.52296   -10.22242 1.000 60.29910  ? 33  GLU A CD  1 
ATOM   277 O  OE1 . GLU A 1 33 ? 1.27414   7.85203   -10.06499 1.000 53.00184  ? 33  GLU A OE1 1 
ATOM   278 O  OE2 . GLU A 1 33 ? 3.24756   8.12901   -10.98982 1.000 70.68783  ? 33  GLU A OE2 1 
ATOM   279 N  N   . GLU A 1 34 ? 2.20973   6.14795   -5.84715  1.000 43.74189  ? 34  GLU A N   1 
ATOM   280 C  CA  . GLU A 1 34 ? 3.03440   5.98443   -4.65878  1.000 40.83065  ? 34  GLU A CA  1 
ATOM   281 C  C   . GLU A 1 34 ? 2.21417   5.77703   -3.39496  1.000 39.17815  ? 34  GLU A C   1 
ATOM   282 O  O   . GLU A 1 34 ? 2.78813   5.70517   -2.30497  1.000 45.94600  ? 34  GLU A O   1 
ATOM   283 C  CB  . GLU A 1 34 ? 3.96560   7.19184   -4.48858  1.000 42.86607  ? 34  GLU A CB  1 
ATOM   284 C  CG  . GLU A 1 34 ? 5.17996   7.15924   -5.42604  1.000 46.25549  ? 34  GLU A CG  1 
ATOM   285 C  CD  . GLU A 1 34 ? 5.88734   8.49724   -5.55309  1.000 82.89893  ? 34  GLU A CD  1 
ATOM   286 O  OE1 . GLU A 1 34 ? 5.21477   9.49520   -5.88626  1.000 80.65468  ? 34  GLU A OE1 1 
ATOM   287 O  OE2 . GLU A 1 34 ? 7.11781   8.55356   -5.32748  1.000 81.17784  ? 34  GLU A OE2 1 
ATOM   288 N  N   . GLN A 1 35 ? 0.89545   5.67218   -3.51120  1.000 40.64250  ? 35  GLN A N   1 
ATOM   289 C  CA  . GLN A 1 35 ? 0.03066   5.50104   -2.35429  1.000 43.65156  ? 35  GLN A CA  1 
ATOM   290 C  C   . GLN A 1 35 ? -0.19454  4.02492   -2.06581  1.000 37.57624  ? 35  GLN A C   1 
ATOM   291 O  O   . GLN A 1 35 ? -0.42335  3.22496   -2.97709  1.000 39.05882  ? 35  GLN A O   1 
ATOM   292 C  CB  . GLN A 1 35 ? -1.30321  6.20673   -2.58562  1.000 39.11802  ? 35  GLN A CB  1 
ATOM   293 C  CG  . GLN A 1 35 ? -1.12618  7.67650   -2.88411  1.000 49.23880  ? 35  GLN A CG  1 
ATOM   294 C  CD  . GLN A 1 35 ? -0.02012  8.30015   -2.04592  1.000 72.73645  ? 35  GLN A CD  1 
ATOM   295 O  OE1 . GLN A 1 35 ? 0.14175   7.97770   -0.86717  1.000 71.93290  ? 35  GLN A OE1 1 
ATOM   296 N  NE2 . GLN A 1 35 ? 0.75504   9.18894   -2.65676  1.000 62.29045  ? 35  GLN A NE2 1 
ATOM   297 N  N   . LEU A 1 36 ? -0.12950  3.66718   -0.79026  1.000 36.20931  ? 36  LEU A N   1 
ATOM   298 C  CA  . LEU A 1 36 ? -0.30561  2.28703   -0.38673  1.000 37.96770  ? 36  LEU A CA  1 
ATOM   299 C  C   . LEU A 1 36 ? -1.33037  2.19190   0.72803   1.000 35.59777  ? 36  LEU A C   1 
ATOM   300 O  O   . LEU A 1 36 ? -1.56865  3.15053   1.46626   1.000 47.12230  ? 36  LEU A O   1 
ATOM   301 C  CB  . LEU A 1 36 ? 1.01387   1.66556   0.06228   1.000 38.18785  ? 36  LEU A CB  1 
ATOM   302 C  CG  . LEU A 1 36 ? 2.02988   1.51911   -1.07058  1.000 48.89976  ? 36  LEU A CG  1 
ATOM   303 C  CD1 . LEU A 1 36 ? 3.00998   2.67815   -1.07272  1.000 48.90300  ? 36  LEU A CD1 1 
ATOM   304 C  CD2 . LEU A 1 36 ? 2.74884   0.17769   -0.99464  1.000 47.16363  ? 36  LEU A CD2 1 
ATOM   305 N  N   . TRP A 1 37 ? -1.94521  1.02008   0.82057   1.000 38.09784  ? 37  TRP A N   1 
ATOM   306 C  CA  . TRP A 1 37 ? -2.81880  0.65220   1.91816   1.000 32.87998  ? 37  TRP A CA  1 
ATOM   307 C  C   . TRP A 1 37 ? -2.31492  -0.62943  2.55356   1.000 36.37546  ? 37  TRP A C   1 
ATOM   308 O  O   . TRP A 1 37 ? -1.62416  -1.43396  1.92128   1.000 39.37403  ? 37  TRP A O   1 
ATOM   309 C  CB  . TRP A 1 37 ? -4.25675  0.42570   1.45497   1.000 32.95164  ? 37  TRP A CB  1 
ATOM   310 C  CG  . TRP A 1 37 ? -5.00889  1.65794   1.17425   1.000 42.62144  ? 37  TRP A CG  1 
ATOM   311 C  CD1 . TRP A 1 37 ? -4.86338  2.86576   1.78409   1.000 62.12299  ? 37  TRP A CD1 1 
ATOM   312 C  CD2 . TRP A 1 37 ? -6.03464  1.81944   0.19690   1.000 38.09489  ? 37  TRP A CD2 1 
ATOM   313 N  NE1 . TRP A 1 37 ? -5.74250  3.77328   1.24852   1.000 55.97668  ? 37  TRP A NE1 1 
ATOM   314 C  CE2 . TRP A 1 37 ? -6.47344  3.15362   0.27059   1.000 42.12235  ? 37  TRP A CE2 1 
ATOM   315 C  CE3 . TRP A 1 37 ? -6.62356  0.96582   -0.73670  1.000 40.37954  ? 37  TRP A CE3 1 
ATOM   316 C  CZ2 . TRP A 1 37 ? -7.47312  3.65354   -0.55130  1.000 53.93538  ? 37  TRP A CZ2 1 
ATOM   317 C  CZ3 . TRP A 1 37 ? -7.61697  1.46451   -1.55258  1.000 48.25223  ? 37  TRP A CZ3 1 
ATOM   318 C  CH2 . TRP A 1 37 ? -8.03292  2.79459   -1.45490  1.000 48.89417  ? 37  TRP A CH2 1 
ATOM   319 N  N   . ASN A 1 38 ? -2.69073  -0.81829  3.81195   1.000 45.36065  ? 38  ASN A N   1 
ATOM   320 C  CA  . ASN A 1 38 ? -2.51159  -2.09294  4.48315   1.000 37.30806  ? 38  ASN A CA  1 
ATOM   321 C  C   . ASN A 1 38 ? -3.73050  -2.95792  4.21274   1.000 33.56338  ? 38  ASN A C   1 
ATOM   322 O  O   . ASN A 1 38 ? -4.86543  -2.49087  4.34221   1.000 35.84272  ? 38  ASN A O   1 
ATOM   323 C  CB  . ASN A 1 38 ? -2.31646  -1.89080  5.98113   1.000 35.65026  ? 38  ASN A CB  1 
ATOM   324 C  CG  . ASN A 1 38 ? -0.91084  -2.17728  6.40865   1.000 41.01420  ? 38  ASN A CG  1 
ATOM   325 O  OD1 . ASN A 1 38 ? -0.35650  -3.22039  6.07181   1.000 55.95185  ? 38  ASN A OD1 1 
ATOM   326 N  ND2 . ASN A 1 38 ? -0.30684  -1.24397  7.12988   1.000 63.88686  ? 38  ASN A ND2 1 
ATOM   327 N  N   . ALA A 1 39 ? -3.49737  -4.20910  3.82325   1.000 32.70080  ? 39  ALA A N   1 
ATOM   328 C  CA  . ALA A 1 39 ? -4.58918  -5.09110  3.44736   1.000 32.66119  ? 39  ALA A CA  1 
ATOM   329 C  C   . ALA A 1 39 ? -4.36984  -6.48205  4.02588   1.000 35.55059  ? 39  ALA A C   1 
ATOM   330 O  O   . ALA A 1 39 ? -3.27444  -6.83657  4.46889   1.000 40.07860  ? 39  ALA A O   1 
ATOM   331 C  CB  . ALA A 1 39 ? -4.74386  -5.16533  1.92457   1.000 32.50039  ? 39  ALA A CB  1 
ATOM   332 N  N   . GLU A 1 40 ? -5.44819  -7.26101  4.02431   1.000 37.12792  ? 40  GLU A N   1 
ATOM   333 C  CA  . GLU A 1 40 ? -5.45730  -8.65046  4.45146   1.000 32.68288  ? 40  GLU A CA  1 
ATOM   334 C  C   . GLU A 1 40 ? -6.19280  -9.45256  3.38719   1.000 36.17559  ? 40  GLU A C   1 
ATOM   335 O  O   . GLU A 1 40 ? -7.21596  -9.00085  2.86509   1.000 39.45022  ? 40  GLU A O   1 
ATOM   336 C  CB  . GLU A 1 40 ? -6.14153  -8.79825  5.82831   1.000 33.21839  ? 40  GLU A CB  1 
ATOM   337 C  CG  . GLU A 1 40 ? -5.88311  -10.11997 6.54335   1.000 40.28340  ? 40  GLU A CG  1 
ATOM   338 C  CD  . GLU A 1 40 ? -6.42857  -10.14230 7.96967   1.000 60.10542  ? 40  GLU A CD  1 
ATOM   339 O  OE1 . GLU A 1 40 ? -7.10047  -9.17033  8.37242   1.000 80.20617  ? 40  GLU A OE1 1 
ATOM   340 O  OE2 . GLU A 1 40 ? -6.18796  -11.13428 8.69024   1.000 64.42812  ? 40  GLU A OE2 1 
ATOM   341 N  N   . ASN A 1 41 ? -5.67201  -10.62774 3.04452   1.000 37.63584  ? 41  ASN A N   1 
ATOM   342 C  CA  . ASN A 1 41 ? -6.29316  -11.42817 2.00232   1.000 37.50977  ? 41  ASN A CA  1 
ATOM   343 C  C   . ASN A 1 41 ? -7.15629  -12.53229 2.61426   1.000 39.52685  ? 41  ASN A C   1 
ATOM   344 O  O   . ASN A 1 41 ? -7.29120  -12.66004 3.83431   1.000 36.13093  ? 41  ASN A O   1 
ATOM   345 C  CB  . ASN A 1 41 ? -5.23948  -11.99868 1.04640   1.000 36.26895  ? 41  ASN A CB  1 
ATOM   346 C  CG  . ASN A 1 41 ? -4.32139  -13.01522 1.70376   1.000 44.84630  ? 41  ASN A CG  1 
ATOM   347 O  OD1 . ASN A 1 41 ? -4.57018  -13.48163 2.81435   1.000 44.94479  ? 41  ASN A OD1 1 
ATOM   348 N  ND2 . ASN A 1 41 ? -3.24890  -13.36777 1.00560   1.000 40.61846  ? 41  ASN A ND2 1 
ATOM   349 N  N   . VAL A 1 42 ? -7.75219  -13.33850 1.73192   1.000 49.59451  ? 42  VAL A N   1 
ATOM   350 C  CA  . VAL A 1 42 ? -8.70220  -14.36829 2.14216   1.000 38.57004  ? 42  VAL A CA  1 
ATOM   351 C  C   . VAL A 1 42 ? -8.08893  -15.33196 3.14513   1.000 44.10564  ? 42  VAL A C   1 
ATOM   352 O  O   . VAL A 1 42 ? -8.80317  -15.92376 3.96216   1.000 53.88942  ? 42  VAL A O   1 
ATOM   353 C  CB  . VAL A 1 42 ? -9.22323  -15.12358 0.90539   1.000 34.03135  ? 42  VAL A CB  1 
ATOM   354 C  CG1 . VAL A 1 42 ? -8.06794  -15.76672 0.15473   1.000 55.79200  ? 42  VAL A CG1 1 
ATOM   355 C  CG2 . VAL A 1 42 ? -10.23337 -16.16573 1.32233   1.000 67.86927  ? 42  VAL A CG2 1 
ATOM   356 N  N   . GLU A 1 43 ? -6.77410  -15.52412 3.09840   1.000 51.00464  ? 43  GLU A N   1 
ATOM   357 C  CA  . GLU A 1 43 ? -6.10592  -16.49289 3.95508   1.000 39.14775  ? 43  GLU A CA  1 
ATOM   358 C  C   . GLU A 1 43 ? -5.47941  -15.85800 5.18762   1.000 47.41166  ? 43  GLU A C   1 
ATOM   359 O  O   . GLU A 1 43 ? -4.72232  -16.52474 5.89809   1.000 46.38140  ? 43  GLU A O   1 
ATOM   360 C  CB  . GLU A 1 43 ? -5.04982  -17.25468 3.15591   1.000 43.51329  ? 43  GLU A CB  1 
ATOM   361 C  CG  . GLU A 1 43 ? -5.64463  -18.09296 2.03640   1.000 68.20342  ? 43  GLU A CG  1 
ATOM   362 C  CD  . GLU A 1 43 ? -4.59599  -18.81922 1.22198   1.000 93.89216  ? 43  GLU A CD  1 
ATOM   363 O  OE1 . GLU A 1 43 ? -3.39232  -18.59388 1.46465   1.000 120.51770 ? 43  GLU A OE1 1 
ATOM   364 O  OE2 . GLU A 1 43 ? -4.97507  -19.61721 0.33834   1.000 103.26110 ? 43  GLU A OE2 1 
ATOM   365 N  N   . GLY A 1 44 ? -5.77952  -14.59203 5.46295   1.000 50.24071  ? 44  GLY A N   1 
ATOM   366 C  CA  . GLY A 1 44 ? -5.25679  -13.94323 6.64296   1.000 36.02242  ? 44  GLY A CA  1 
ATOM   367 C  C   . GLY A 1 44 ? -3.87323  -13.35486 6.49749   1.000 40.56871  ? 44  GLY A C   1 
ATOM   368 O  O   . GLY A 1 44 ? -3.32623  -12.85365 7.48598   1.000 47.89964  ? 44  GLY A O   1 
ATOM   369 N  N   . LYS A 1 45 ? -3.28485  -13.39599 5.30878   1.000 38.83502  ? 45  LYS A N   1 
ATOM   370 C  CA  . LYS A 1 45 ? -1.97631  -12.79851 5.10736   1.000 40.55579  ? 45  LYS A CA  1 
ATOM   371 C  C   . LYS A 1 45 ? -2.12159  -11.28525 5.00992   1.000 44.17139  ? 45  LYS A C   1 
ATOM   372 O  O   . LYS A 1 45 ? -3.01607  -10.78188 4.32429   1.000 39.72000  ? 45  LYS A O   1 
ATOM   373 C  CB  . LYS A 1 45 ? -1.32266  -13.36326 3.85010   1.000 40.68391  ? 45  LYS A CB  1 
ATOM   374 C  CG  . LYS A 1 45 ? 0.11871   -12.92391 3.64728   1.000 58.06125  ? 45  LYS A CG  1 
ATOM   375 C  CD  . LYS A 1 45 ? 0.74123   -13.65838 2.46650   1.000 78.11302  ? 45  LYS A CD  1 
ATOM   376 C  CE  . LYS A 1 45 ? 2.20606   -13.29270 2.26672   1.000 78.18993  ? 45  LYS A CE  1 
ATOM   377 N  NZ  . LYS A 1 45 ? 2.81859   -14.08532 1.15853   1.000 72.36262  ? 45  LYS A NZ  1 
ATOM   378 N  N   . ARG A 1 46 ? -1.25557  -10.56410 5.71372   1.000 43.15472  ? 46  ARG A N   1 
ATOM   379 C  CA  . ARG A 1 46 ? -1.28785  -9.11198  5.76973   1.000 34.24547  ? 46  ARG A CA  1 
ATOM   380 C  C   . ARG A 1 46 ? -0.11022  -8.53736  4.99604   1.000 36.72980  ? 46  ARG A C   1 
ATOM   381 O  O   . ARG A 1 46 ? 0.96563   -9.13805  4.93882   1.000 48.68174  ? 46  ARG A O   1 
ATOM   382 C  CB  . ARG A 1 46 ? -1.24935  -8.62277  7.21908   1.000 33.30506  ? 46  ARG A CB  1 
ATOM   383 C  CG  . ARG A 1 46 ? -2.38677  -9.16249  8.05568   1.000 39.47114  ? 46  ARG A CG  1 
ATOM   384 C  CD  . ARG A 1 46 ? -2.28479  -8.74873  9.51284   1.000 49.42145  ? 46  ARG A CD  1 
ATOM   385 N  NE  . ARG A 1 46 ? -3.47792  -9.13988  10.25522  1.000 76.48793  ? 46  ARG A NE  1 
ATOM   386 C  CZ  . ARG A 1 46 ? -3.69545  -8.85948  11.53258  1.000 85.10622  ? 46  ARG A CZ  1 
ATOM   387 N  NH1 . ARG A 1 46 ? -2.81170  -8.18823  12.25272  1.000 82.34337  ? 46  ARG A NH1 1 
ATOM   388 N  NH2 . ARG A 1 46 ? -4.82925  -9.26184  12.10118  1.000 73.27035  ? 46  ARG A NH2 1 
ATOM   389 N  N   . GLY A 1 47 ? -0.32082  -7.37088  4.39976   1.000 39.74149  ? 47  GLY A N   1 
ATOM   390 C  CA  . GLY A 1 47 ? 0.72672   -6.74465  3.61342   1.000 36.84710  ? 47  GLY A CA  1 
ATOM   391 C  C   . GLY A 1 47 ? 0.21897   -5.48793  2.94163   1.000 35.92771  ? 47  GLY A C   1 
ATOM   392 O  O   . GLY A 1 47 ? -0.96760  -5.15193  3.00617   1.000 39.77888  ? 47  GLY A O   1 
ATOM   393 N  N   . LEU A 1 48 ? 1.14944   -4.79456  2.29101   1.000 41.91365  ? 48  LEU A N   1 
ATOM   394 C  CA  . LEU A 1 48 ? 0.85097   -3.54105  1.61892   1.000 35.80198  ? 48  LEU A CA  1 
ATOM   395 C  C   . LEU A 1 48 ? 0.36116   -3.80426  0.20419   1.000 31.13453  ? 48  LEU A C   1 
ATOM   396 O  O   . LEU A 1 48 ? 0.72901   -4.79802  -0.42725  1.000 41.73209  ? 48  LEU A O   1 
ATOM   397 C  CB  . LEU A 1 48 ? 2.08511   -2.64243  1.58419   1.000 38.85300  ? 48  LEU A CB  1 
ATOM   398 C  CG  . LEU A 1 48 ? 2.62679   -2.24295  2.95543   1.000 40.59871  ? 48  LEU A CG  1 
ATOM   399 C  CD1 . LEU A 1 48 ? 3.88496   -1.41208  2.81641   1.000 44.69291  ? 48  LEU A CD1 1 
ATOM   400 C  CD2 . LEU A 1 48 ? 1.56794   -1.48709  3.72833   1.000 46.84696  ? 48  LEU A CD2 1 
ATOM   401 N  N   . ILE A 1 49 ? -0.49260  -2.90754  -0.28120  1.000 33.66250  ? 49  ILE A N   1 
ATOM   402 C  CA  . ILE A 1 49 ? -0.98223  -2.95686  -1.64891  1.000 33.67121  ? 49  ILE A CA  1 
ATOM   403 C  C   . ILE A 1 49 ? -0.96007  -1.55160  -2.22430  1.000 37.01129  ? 49  ILE A C   1 
ATOM   404 O  O   . ILE A 1 49 ? -1.13223  -0.56209  -1.50663  1.000 40.46585  ? 49  ILE A O   1 
ATOM   405 C  CB  . ILE A 1 49 ? -2.39765  -3.54658  -1.73145  1.000 31.46848  ? 49  ILE A CB  1 
ATOM   406 C  CG1 . ILE A 1 49 ? -3.39325  -2.62692  -1.03236  1.000 31.59113  ? 49  ILE A CG1 1 
ATOM   407 C  CG2 . ILE A 1 49 ? -2.42195  -4.91647  -1.11036  1.000 33.22014  ? 49  ILE A CG2 1 
ATOM   408 C  CD1 . ILE A 1 49 ? -4.82085  -3.04374  -1.24685  1.000 32.47522  ? 49  ILE A CD1 1 
ATOM   409 N  N   . HIS A 1 50 ? -0.74227  -1.47051  -3.53290  1.000 35.84560  ? 50  HIS A N   1 
ATOM   410 C  CA  . HIS A 1 50 ? -0.78990  -0.19469  -4.22812  1.000 34.92800  ? 50  HIS A CA  1 
ATOM   411 C  C   . HIS A 1 50 ? -2.22356  0.14210   -4.59544  1.000 34.25687  ? 50  HIS A C   1 
ATOM   412 O  O   . HIS A 1 50 ? -2.92104  -0.66373  -5.21944  1.000 34.40841  ? 50  HIS A O   1 
ATOM   413 C  CB  . HIS A 1 50 ? 0.07917   -0.22682  -5.48265  1.000 41.45439  ? 50  HIS A CB  1 
ATOM   414 C  CG  . HIS A 1 50 ? 1.53564   -0.06375  -5.20007  1.000 42.53187  ? 50  HIS A CG  1 
ATOM   415 N  ND1 . HIS A 1 50 ? 2.12811   1.17158   -5.05384  1.000 46.83563  ? 50  HIS A ND1 1 
ATOM   416 C  CD2 . HIS A 1 50 ? 2.51655   -0.97796  -5.01842  1.000 48.31148  ? 50  HIS A CD2 1 
ATOM   417 C  CE1 . HIS A 1 50 ? 3.41389   1.01185   -4.79744  1.000 49.35662  ? 50  HIS A CE1 1 
ATOM   418 N  NE2 . HIS A 1 50 ? 3.67557   -0.28260  -4.77116  1.000 56.25768  ? 50  HIS A NE2 1 
ATOM   419 N  N   . VAL A 1 51 ? -2.65079  1.34650   -4.21733  1.000 33.80428  ? 51  VAL A N   1 
ATOM   420 C  CA  . VAL A 1 51 ? -4.02098  1.77089   -4.47605  1.000 34.81759  ? 51  VAL A CA  1 
ATOM   421 C  C   . VAL A 1 51 ? -4.34874  1.66518   -5.95933  1.000 37.26151  ? 51  VAL A C   1 
ATOM   422 O  O   . VAL A 1 51 ? -5.43799  1.21557   -6.33404  1.000 42.73682  ? 51  VAL A O   1 
ATOM   423 C  CB  . VAL A 1 51 ? -4.23960  3.19998   -3.95260  1.000 38.85314  ? 51  VAL A CB  1 
ATOM   424 C  CG1 . VAL A 1 51 ? -5.64395  3.65508   -4.27306  1.000 42.78680  ? 51  VAL A CG1 1 
ATOM   425 C  CG2 . VAL A 1 51 ? -3.98198  3.25882   -2.45570  1.000 36.28881  ? 51  VAL A CG2 1 
ATOM   426 N  N   . VAL A 1 52 ? -3.42147  2.07590   -6.82672  1.000 33.41852  ? 52  VAL A N   1 
ATOM   427 C  CA  . VAL A 1 52 ? -3.71856  2.11389   -8.25514  1.000 30.85589  ? 52  VAL A CA  1 
ATOM   428 C  C   . VAL A 1 52 ? -3.92450  0.73381   -8.86114  1.000 34.55736  ? 52  VAL A C   1 
ATOM   429 O  O   . VAL A 1 52 ? -4.43188  0.63458   -9.98275  1.000 41.08590  ? 52  VAL A O   1 
ATOM   430 C  CB  . VAL A 1 52 ? -2.61679  2.86676   -9.03094  1.000 30.63931  ? 52  VAL A CB  1 
ATOM   431 C  CG1 . VAL A 1 52 ? -2.58110  4.31604   -8.60327  1.000 35.20072  ? 52  VAL A CG1 1 
ATOM   432 C  CG2 . VAL A 1 52 ? -1.26457  2.22844   -8.80464  1.000 32.59729  ? 52  VAL A CG2 1 
ATOM   433 N  N   . LEU A 1 53 ? -3.57130  -0.33552  -8.15386  1.000 36.40341  ? 53  LEU A N   1 
ATOM   434 C  CA  . LEU A 1 53 ? -3.73797  -1.67740  -8.69239  1.000 33.53234  ? 53  LEU A CA  1 
ATOM   435 C  C   . LEU A 1 53 ? -5.04676  -2.33352  -8.27703  1.000 31.73522  ? 53  LEU A C   1 
ATOM   436 O  O   . LEU A 1 53 ? -5.28185  -3.48878  -8.64134  1.000 37.26323  ? 53  LEU A O   1 
ATOM   437 C  CB  . LEU A 1 53 ? -2.56769  -2.57049  -8.27144  1.000 29.74459  ? 53  LEU A CB  1 
ATOM   438 C  CG  . LEU A 1 53 ? -1.19982  -2.20793  -8.84389  1.000 33.51079  ? 53  LEU A CG  1 
ATOM   439 C  CD1 . LEU A 1 53 ? -0.15507  -3.23255  -8.42925  1.000 32.28980  ? 53  LEU A CD1 1 
ATOM   440 C  CD2 . LEU A 1 53 ? -1.26000  -2.07783  -10.35623 1.000 34.50569  ? 53  LEU A CD2 1 
ATOM   441 N  N   . VAL A 1 54 ? -5.90342  -1.63909  -7.52944  1.000 36.42939  ? 54  VAL A N   1 
ATOM   442 C  CA  . VAL A 1 54 ? -7.15570  -2.20700  -7.04559  1.000 38.89085  ? 54  VAL A CA  1 
ATOM   443 C  C   . VAL A 1 54 ? -8.26608  -1.17937  -7.22069  1.000 32.29764  ? 54  VAL A C   1 
ATOM   444 O  O   . VAL A 1 54 ? -8.03264  -0.02926  -7.59053  1.000 41.57823  ? 54  VAL A O   1 
ATOM   445 C  CB  . VAL A 1 54 ? -7.07037  -2.65861  -5.56864  1.000 35.78493  ? 54  VAL A CB  1 
ATOM   446 C  CG1 . VAL A 1 54 ? -5.91968  -3.62496  -5.36703  1.000 30.86868  ? 54  VAL A CG1 1 
ATOM   447 C  CG2 . VAL A 1 54 ? -6.91835  -1.46617  -4.64888  1.000 31.57819  ? 54  VAL A CG2 1 
ATOM   448 N  N   . GLU A 1 55 ? -9.49014  -1.61424  -6.94506  1.000 40.84001  ? 55  GLU A N   1 
ATOM   449 C  CA  . GLU A 1 55 ? -10.66260 -0.75948  -7.02355  1.000 39.17897  ? 55  GLU A CA  1 
ATOM   450 C  C   . GLU A 1 55 ? -11.54086 -1.02157  -5.81113  1.000 38.04274  ? 55  GLU A C   1 
ATOM   451 O  O   . GLU A 1 55 ? -11.49788 -2.10428  -5.22013  1.000 38.22017  ? 55  GLU A O   1 
ATOM   452 C  CB  . GLU A 1 55 ? -11.46347 -1.00948  -8.30926  1.000 39.52855  ? 55  GLU A CB  1 
ATOM   453 C  CG  . GLU A 1 55 ? -12.00564 -2.42762  -8.42593  1.000 45.61519  ? 55  GLU A CG  1 
ATOM   454 C  CD  . GLU A 1 55 ? -12.73198 -2.68157  -9.73602  1.000 69.96498  ? 55  GLU A CD  1 
ATOM   455 O  OE1 . GLU A 1 55 ? -12.85180 -1.74193  -10.55168 1.000 67.76232  ? 55  GLU A OE1 1 
ATOM   456 O  OE2 . GLU A 1 55 ? -13.18374 -3.82745  -9.94986  1.000 62.94800  ? 55  GLU A OE2 1 
ATOM   457 N  N   . LYS A 1 56 ? -12.33479 -0.01805  -5.44107  1.000 48.23161  ? 56  LYS A N   1 
ATOM   458 C  CA  . LYS A 1 56 ? -13.26932 -0.18687  -4.33823  1.000 48.12466  ? 56  LYS A CA  1 
ATOM   459 C  C   . LYS A 1 56 ? -14.26434 -1.28907  -4.66913  1.000 55.61915  ? 56  LYS A C   1 
ATOM   460 O  O   . LYS A 1 56 ? -14.88473 -1.28854  -5.73698  1.000 51.00171  ? 56  LYS A O   1 
ATOM   461 C  CB  . LYS A 1 56 ? -14.00766 1.12009   -4.03890  1.000 47.38009  ? 56  LYS A CB  1 
ATOM   462 C  CG  . LYS A 1 56 ? -13.24145 2.10491   -3.15943  1.000 69.18080  ? 56  LYS A CG  1 
ATOM   463 C  CD  . LYS A 1 56 ? -14.13970 3.26388   -2.72474  1.000 97.92104  ? 56  LYS A CD  1 
ATOM   464 C  CE  . LYS A 1 56 ? -13.40918 4.26127   -1.83085  1.000 83.25172  ? 56  LYS A CE  1 
ATOM   465 N  NZ  . LYS A 1 56 ? -12.29966 4.95889   -2.53992  1.000 63.28627  ? 56  LYS A NZ  1 
ATOM   466 N  N   . TYR A 1 57 ? -14.38900 -2.24610  -3.75549  1.000 57.32613  ? 57  TYR A N   1 
ATOM   467 C  CA  . TYR A 1 57 ? -15.35976 -3.32706  -3.84475  1.000 52.96455  ? 57  TYR A CA  1 
ATOM   468 C  C   . TYR A 1 57 ? -16.49079 -3.14157  -2.85071  1.000 50.47603  ? 57  TYR A C   1 
ATOM   469 O  O   . TYR A 1 57 ? -17.66441 -3.14756  -3.23296  1.000 59.82421  ? 57  TYR A O   1 
ATOM   470 C  CB  . TYR A 1 57 ? -14.66193 -4.67085  -3.59618  1.000 36.94993  ? 57  TYR A CB  1 
ATOM   471 C  CG  . TYR A 1 57 ? -15.37882 -5.86445  -4.16310  1.000 38.06233  ? 57  TYR A CG  1 
ATOM   472 C  CD1 . TYR A 1 57 ? -15.77918 -5.88873  -5.48699  1.000 51.15375  ? 57  TYR A CD1 1 
ATOM   473 C  CD2 . TYR A 1 57 ? -15.62982 -6.98103  -3.38327  1.000 55.46227  ? 57  TYR A CD2 1 
ATOM   474 C  CE1 . TYR A 1 57 ? -16.42607 -6.98408  -6.01857  1.000 47.35603  ? 57  TYR A CE1 1 
ATOM   475 C  CE2 . TYR A 1 57 ? -16.27841 -8.08410  -3.90591  1.000 58.32011  ? 57  TYR A CE2 1 
ATOM   476 C  CZ  . TYR A 1 57 ? -16.67199 -8.07842  -5.22689  1.000 59.02243  ? 57  TYR A CZ  1 
ATOM   477 O  OH  . TYR A 1 57 ? -17.31657 -9.16750  -5.76340  1.000 74.91315  ? 57  TYR A OH  1 
ATOM   478 N  N   . GLY A 1 58 ? -16.14595 -2.96662  -1.57730  1.000 81.86619  ? 58  GLY A N   1 
ATOM   479 C  CA  . GLY A 1 58 ? -17.08154 -2.59985  -0.53080  1.000 100.91923 ? 58  GLY A CA  1 
ATOM   480 C  C   . GLY A 1 58 ? -16.36989 -1.83053  0.57207   1.000 82.21199  ? 58  GLY A C   1 
ATOM   481 O  O   . GLY A 1 58 ? -16.99236 -1.26452  1.47304   1.000 87.12336  ? 58  GLY A O   1 
HETATM 482 CU CU  . CU  B 2 .  ? 4.48229   -4.10839  -5.99153  1.000 75.37710  ? 101 CU  A CU  1 
HETATM 483 CU CU  . CU  C 2 .  ? 5.65041   -0.92351  -4.67280  1.000 160.26866 ? 102 CU  A CU  1 
HETATM 484 C  C1  . EDO D 3 .  ? -18.51312 -6.18077  0.31345   1.000 54.60638  ? 103 EDO A C1  1 
HETATM 485 O  O1  . EDO D 3 .  ? -18.74138 -6.43799  -1.05398  1.000 66.45660  ? 103 EDO A O1  1 
HETATM 486 C  C2  . EDO D 3 .  ? -19.57670 -5.22299  0.78126   1.000 57.02739  ? 103 EDO A C2  1 
HETATM 487 O  O2  . EDO D 3 .  ? -19.57753 -5.08871  2.18683   1.000 81.57160  ? 103 EDO A O2  1 
HETATM 488 H  H11 . EDO D 3 .  ? -17.63828 -5.79046  0.46582   1.000 65.78432  ? 103 EDO A H11 1 
HETATM 489 H  H12 . EDO D 3 .  ? -18.55332 -6.99151  0.84447   1.000 65.78432  ? 103 EDO A H12 1 
HETATM 490 H  HO1 . EDO D 3 .  ? -18.13720 -6.96946  -1.32789  1.000 80.00459  ? 103 EDO A HO1 1 
HETATM 491 H  H21 . EDO D 3 .  ? -20.42545 -5.55442  0.44858   1.000 68.68953  ? 103 EDO A H21 1 
HETATM 492 H  H22 . EDO D 3 .  ? -19.41388 -4.37642  0.33664   1.000 68.68953  ? 103 EDO A H22 1 
HETATM 493 H  HO2 . EDO D 3 .  ? -18.87529 -4.66618  2.41230   1.000 98.14259  ? 103 EDO A HO2 1 
HETATM 494 C  C1  . EDO E 3 .  ? -6.55125  0.80062   -14.12166 1.000 65.24685  ? 104 EDO A C1  1 
HETATM 495 O  O1  . EDO E 3 .  ? -7.43998  1.66638   -13.45211 1.000 61.87282  ? 104 EDO A O1  1 
HETATM 496 C  C2  . EDO E 3 .  ? -6.58297  1.00894   -15.61876 1.000 62.11017  ? 104 EDO A C2  1 
HETATM 497 O  O2  . EDO E 3 .  ? -6.06861  2.27346   -15.98601 1.000 46.67171  ? 104 EDO A O2  1 
HETATM 498 H  H11 . EDO E 3 .  ? -6.77045  -0.12672  -13.94035 1.000 78.55288  ? 104 EDO A H11 1 
HETATM 499 H  H12 . EDO E 3 .  ? -5.64073  0.93701   -13.81627 1.000 78.55288  ? 104 EDO A H12 1 
HETATM 500 H  HO1 . EDO E 3 .  ? -7.34696  1.54626   -12.61580 1.000 74.50405  ? 104 EDO A HO1 1 
HETATM 501 H  H21 . EDO E 3 .  ? -7.50387  0.89692   -15.90213 1.000 74.78887  ? 104 EDO A H21 1 
HETATM 502 H  H22 . EDO E 3 .  ? -6.07783  0.28329   -16.01773 1.000 74.78887  ? 104 EDO A H22 1 
HETATM 503 H  HO2 . EDO E 3 .  ? -5.25511  2.30876   -15.74215 1.000 56.26271  ? 104 EDO A HO2 1 
HETATM 504 O  O   . HOH F 4 .  ? 15.62429  10.17253  6.92017   1.000 41.66341  ? 201 HOH A O   1 
HETATM 505 O  O   . HOH F 4 .  ? -8.01221  -12.65502 -0.69245  1.000 43.89477  ? 202 HOH A O   1 
HETATM 506 O  O   . HOH F 4 .  ? 2.20064   8.85964   0.42581   1.000 43.07283  ? 203 HOH A O   1 
HETATM 507 O  O   . HOH F 4 .  ? 16.92479  14.12680  16.96508  1.000 50.45663  ? 204 HOH A O   1 
HETATM 508 O  O   . HOH F 4 .  ? 0.53175   -3.45946  -4.74664  1.000 40.87579  ? 205 HOH A O   1 
HETATM 509 O  O   . HOH F 4 .  ? -4.74834  -14.27448 -12.48192 1.000 53.00718  ? 206 HOH A O   1 
HETATM 510 O  O   . HOH F 4 .  ? -8.03876  -12.13994 10.39401  1.000 63.55747  ? 207 HOH A O   1 
HETATM 511 O  O   . HOH F 4 .  ? -5.41313  -7.50012  -15.21154 1.000 42.69236  ? 208 HOH A O   1 
HETATM 512 O  O   . HOH F 4 .  ? 0.05683   5.94024   0.95398   1.000 46.41550  ? 209 HOH A O   1 
HETATM 513 O  O   . HOH F 4 .  ? -0.88051  3.14418   -5.75952  1.000 38.07158  ? 210 HOH A O   1 
HETATM 514 O  O   . HOH F 4 .  ? 5.11941   -7.06130  -8.44896  1.000 54.18140  ? 211 HOH A O   1 
HETATM 515 O  O   . HOH F 4 .  ? -8.71545  2.19792   -9.34925  1.000 50.25796  ? 212 HOH A O   1 
HETATM 516 O  O   . HOH F 4 .  ? -15.82084 -4.40254  7.33718   1.000 40.41149  ? 213 HOH A O   1 
HETATM 517 O  O   . HOH F 4 .  ? -1.79995  -15.96776 0.97119   1.000 49.80862  ? 214 HOH A O   1 
HETATM 518 O  O   . HOH F 4 .  ? 12.24452  16.45142  -1.94259  1.000 34.13736  ? 215 HOH A O   1 
HETATM 519 O  O   . HOH F 4 .  ? 4.35291   -13.70099 -5.46848  1.000 42.19407  ? 216 HOH A O   1 
HETATM 520 O  O   . HOH F 4 .  ? -11.84709 2.78789   -7.08231  1.000 46.45961  ? 217 HOH A O   1 
HETATM 521 O  O   . HOH F 4 .  ? -3.45681  6.35425   0.70432   1.000 59.19090  ? 218 HOH A O   1 
HETATM 522 O  O   . HOH F 4 .  ? -9.42361  2.96265   -5.38201  1.000 49.77122  ? 219 HOH A O   1 
HETATM 523 O  O   . HOH F 4 .  ? -4.84846  7.40217   -1.81140  1.000 59.84232  ? 220 HOH A O   1 
# 
loop_
_atom_site_anisotrop.id 
_atom_site_anisotrop.type_symbol 
_atom_site_anisotrop.pdbx_label_atom_id 
_atom_site_anisotrop.pdbx_label_alt_id 
_atom_site_anisotrop.pdbx_label_comp_id 
_atom_site_anisotrop.pdbx_label_asym_id 
_atom_site_anisotrop.pdbx_label_seq_id 
_atom_site_anisotrop.pdbx_PDB_ins_code 
_atom_site_anisotrop.U[1][1] 
_atom_site_anisotrop.U[2][2] 
_atom_site_anisotrop.U[3][3] 
_atom_site_anisotrop.U[1][2] 
_atom_site_anisotrop.U[1][3] 
_atom_site_anisotrop.U[2][3] 
_atom_site_anisotrop.pdbx_auth_seq_id 
_atom_site_anisotrop.pdbx_auth_comp_id 
_atom_site_anisotrop.pdbx_auth_asym_id 
_atom_site_anisotrop.pdbx_auth_atom_id 
1   N N   . ALA A 1  ? 0.96880 1.17393 1.14064 0.06446  0.08573  0.02284  1  ALA A N   
2   C CA  . ALA A 1  ? 1.17430 1.38287 1.35182 0.07019  0.09804  0.02259  1  ALA A CA  
3   C C   . ALA A 1  ? 1.01620 1.20896 1.17648 0.06139  0.09396  0.01091  1  ALA A C   
4   O O   . ALA A 1  ? 0.96272 1.13325 1.11212 0.06548  0.10043  -0.00253 1  ALA A O   
5   C CB  . ALA A 1  ? 0.98499 1.22545 1.18184 0.07074  0.10040  0.04008  1  ALA A CB  
6   N N   . GLU A 2  ? 0.84627 1.05115 1.00438 0.04911  0.08328  0.01641  2  GLU A N   
7   C CA  . GLU A 2  ? 0.41204 0.60344 0.55400 0.03943  0.07772  0.00673  2  GLU A CA  
8   C C   . GLU A 2  ? 0.40209 0.58104 0.52822 0.02697  0.06208  0.00099  2  GLU A C   
9   O O   . GLU A 2  ? 0.47997 0.63763 0.58925 0.02214  0.05904  -0.01152 2  GLU A O   
10  C CB  . GLU A 2  ? 0.65631 0.86864 0.80632 0.03425  0.07788  0.01620  2  GLU A CB  
11  C CG  . GLU A 2  ? 0.83917 1.06391 1.00422 0.04598  0.09369  0.02189  2  GLU A CG  
12  C CD  . GLU A 2  ? 1.13587 1.34140 1.29093 0.05071  0.10366  0.00875  2  GLU A CD  
13  O OE1 . GLU A 2  ? 1.08247 1.27671 1.22304 0.04175  0.09752  0.00069  2  GLU A OE1 
14  O OE2 . GLU A 2  ? 1.08324 1.28506 1.24487 0.06324  0.11777  0.00656  2  GLU A OE2 
15  N N   . TYR A 3  ? 0.35415 0.54574 0.48513 0.02175  0.05242  0.00985  3  TYR A N   
16  C CA  . TYR A 3  ? 0.34699 0.52850 0.46353 0.00916  0.03743  0.00548  3  TYR A CA  
17  C C   . TYR A 3  ? 0.35708 0.53662 0.47496 0.01199  0.03341  0.00700  3  TYR A C   
18  O O   . TYR A 3  ? 0.45541 0.65106 0.58915 0.02057  0.03920  0.01673  3  TYR A O   
19  C CB  . TYR A 3  ? 0.36667 0.56763 0.48598 -0.00400 0.02707  0.01536  3  TYR A CB  
20  C CG  . TYR A 3  ? 0.33601 0.54188 0.45601 -0.00644 0.03135  0.01563  3  TYR A CG  
21  C CD1 . TYR A 3  ? 0.33575 0.56225 0.47276 0.00103  0.04163  0.02553  3  TYR A CD1 
22  C CD2 . TYR A 3  ? 0.35200 0.54180 0.45573 -0.01590 0.02549  0.00618  3  TYR A CD2 
23  C CE1 . TYR A 3  ? 0.33771 0.56879 0.47524 -0.00098 0.04576  0.02580  3  TYR A CE1 
24  C CE2 . TYR A 3  ? 0.34800 0.54263 0.45240 -0.01798 0.02948  0.00664  3  TYR A CE2 
25  C CZ  . TYR A 3  ? 0.38773 0.60300 0.50889 -0.01055 0.03956  0.01632  3  TYR A CZ  
26  O OH  . TYR A 3  ? 0.43945 0.65973 0.56116 -0.01252 0.04371  0.01685  3  TYR A OH  
27  N N   . VAL A 4  ? 0.38876 0.54843 0.48996 0.00488  0.02369  -0.00249 4  VAL A N   
28  C CA  . VAL A 4  ? 0.37296 0.52890 0.47292 0.00606  0.01844  -0.00207 4  VAL A CA  
29  C C   . VAL A 4  ? 0.45276 0.60724 0.54129 -0.00911 0.00262  -0.00205 4  VAL A C   
30  O O   . VAL A 4  ? 0.41738 0.56633 0.49569 -0.01957 -0.00349 -0.00589 4  VAL A O   
31  C CB  . VAL A 4  ? 0.34323 0.47218 0.43341 0.01487  0.02417  -0.01545 4  VAL A CB  
32  C CG1 . VAL A 4  ? 0.35373 0.48429 0.45556 0.02968  0.04016  -0.01531 4  VAL A CG1 
33  C CG2 . VAL A 4  ? 0.32988 0.43292 0.39963 0.00804  0.01988  -0.02993 4  VAL A CG2 
34  N N   . ARG A 5  ? 0.36694 0.52655 0.45736 -0.01024 -0.00375 0.00249  5  ARG A N   
35  C CA  . ARG A 5  ? 0.33381 0.48973 0.41231 -0.02397 -0.01839 0.00147  5  ARG A CA  
36  C C   . ARG A 5  ? 0.43677 0.57147 0.50434 -0.02084 -0.02088 -0.00757 5  ARG A C   
37  O O   . ARG A 5  ? 0.45531 0.59287 0.53179 -0.00981 -0.01461 -0.00498 5  ARG A O   
38  C CB  . ARG A 5  ? 0.33472 0.52045 0.42570 -0.03060 -0.02544 0.01697  5  ARG A CB  
39  C CG  . ARG A 5  ? 0.43932 0.62151 0.51808 -0.04457 -0.04026 0.01593  5  ARG A CG  
40  C CD  . ARG A 5  ? 0.42094 0.63322 0.51041 -0.05406 -0.04807 0.03072  5  ARG A CD  
41  N NE  . ARG A 5  ? 0.57778 0.81408 0.68613 -0.04510 -0.04344 0.04361  5  ARG A NE  
42  C CZ  . ARG A 5  ? 0.65395 0.92065 0.77601 -0.05007 -0.04750 0.05860  5  ARG A CZ  
43  N NH1 . ARG A 5  ? 0.62329 0.90055 0.74244 -0.06436 -0.05652 0.06261  5  ARG A NH1 
44  N NH2 . ARG A 5  ? 0.68913 0.97650 0.82861 -0.04046 -0.04220 0.07015  5  ARG A NH2 
45  N N   . ALA A 6  ? 0.45950 0.57294 0.50812 -0.03031 -0.02968 -0.01789 6  ALA A N   
46  C CA  . ALA A 6  ? 0.38086 0.47137 0.41734 -0.02757 -0.03182 -0.02782 6  ALA A CA  
47  C C   . ALA A 6  ? 0.38521 0.48710 0.42483 -0.03082 -0.03979 -0.02044 6  ALA A C   
48  O O   . ALA A 6  ? 0.41555 0.53205 0.45531 -0.04252 -0.04954 -0.01321 6  ALA A O   
49  C CB  . ALA A 6  ? 0.38243 0.44713 0.39785 -0.03684 -0.03850 -0.04055 6  ALA A CB  
50  N N   . LEU A 7  ? 0.40088 0.49607 0.44278 -0.02074 -0.03564 -0.02236 7  LEU A N   
51  C CA  . LEU A 7  ? 0.33351 0.43785 0.37778 -0.02251 -0.04250 -0.01613 7  LEU A CA  
52  C C   . LEU A 7  ? 0.34819 0.42962 0.37277 -0.03029 -0.05220 -0.02629 7  LEU A C   
53  O O   . LEU A 7  ? 0.47926 0.56833 0.50242 -0.03609 -0.06074 -0.02152 7  LEU A O   
54  C CB  . LEU A 7  ? 0.36381 0.47364 0.42168 -0.00710 -0.03259 -0.01206 7  LEU A CB  
55  C CG  . LEU A 7  ? 0.38195 0.51555 0.46115 0.00233  -0.02194 -0.00065 7  LEU A CG  
56  C CD1 . LEU A 7  ? 0.43713 0.56675 0.52598 0.01854  -0.01020 -0.00100 7  LEU A CD1 
57  C CD2 . LEU A 7  ? 0.33121 0.49624 0.42297 -0.00404 -0.02839 0.01518  7  LEU A CD2 
58  N N   . PHE A 8  ? 0.41303 0.46698 0.42255 -0.03032 -0.05081 -0.03996 8  PHE A N   
59  C CA  . PHE A 8  ? 0.47563 0.50589 0.46607 -0.03698 -0.05902 -0.05017 8  PHE A CA  
60  C C   . PHE A 8  ? 0.41068 0.42198 0.38635 -0.04451 -0.06110 -0.06010 8  PHE A C   
61  O O   . PHE A 8  ? 0.45493 0.46695 0.43450 -0.04124 -0.05411 -0.06140 8  PHE A O   
62  C CB  . PHE A 8  ? 0.44497 0.45651 0.43179 -0.02564 -0.05366 -0.05794 8  PHE A CB  
63  C CG  . PHE A 8  ? 0.43174 0.45981 0.43400 -0.01569 -0.04922 -0.04887 8  PHE A CG  
64  C CD1 . PHE A 8  ? 0.38721 0.42485 0.40529 -0.00263 -0.03682 -0.04474 8  PHE A CD1 
65  C CD2 . PHE A 8  ? 0.50741 0.54078 0.50813 -0.01910 -0.05699 -0.04467 8  PHE A CD2 
66  C CE1 . PHE A 8  ? 0.44557 0.49805 0.47841 0.00705  -0.03208 -0.03602 8  PHE A CE1 
67  C CE2 . PHE A 8  ? 0.44817 0.49727 0.46356 -0.00954 -0.05267 -0.03580 8  PHE A CE2 
68  C CZ  . PHE A 8  ? 0.39237 0.45092 0.42411 0.00370  -0.04009 -0.03131 8  PHE A CZ  
69  N N   . ASP A 9  ? 0.51754 0.51157 0.47607 -0.05443 -0.07049 -0.06707 9  ASP A N   
70  C CA  . ASP A 9  ? 0.43016 0.40076 0.37307 -0.05925 -0.07139 -0.07828 9  ASP A CA  
71  C C   . ASP A 9  ? 0.50053 0.45063 0.43984 -0.04706 -0.06224 -0.08839 9  ASP A C   
72  O O   . ASP A 9  ? 0.60601 0.55259 0.54875 -0.03768 -0.05854 -0.08936 9  ASP A O   
73  C CB  . ASP A 9  ? 0.52739 0.48288 0.45284 -0.07174 -0.08279 -0.08344 9  ASP A CB  
74  C CG  . ASP A 9  ? 0.61592 0.59073 0.54368 -0.08494 -0.09229 -0.07415 9  ASP A CG  
75  O OD1 . ASP A 9  ? 0.76128 0.75498 0.69902 -0.08813 -0.09115 -0.06661 9  ASP A OD1 
76  O OD2 . ASP A 9  ? 0.84344 0.81467 0.76288 -0.09232 -0.10088 -0.07439 9  ASP A OD2 
77  N N   . HIS A 10 ? 0.53486 0.47186 0.46734 -0.04733 -0.05847 -0.09578 10 HIS A N   
78  C CA  . HIS A 10 ? 0.41169 0.32908 0.33964 -0.03699 -0.05004 -0.10590 10 HIS A CA  
79  C C   . HIS A 10 ? 0.60622 0.50137 0.51729 -0.04344 -0.05278 -0.11616 10 HIS A C   
80  O O   . HIS A 10 ? 0.58377 0.48357 0.49318 -0.05103 -0.05472 -0.11463 10 HIS A O   
81  C CB  . HIS A 10 ? 0.38764 0.31707 0.33030 -0.02610 -0.03803 -0.10284 10 HIS A CB  
82  C CG  . HIS A 10 ? 0.51140 0.42154 0.44955 -0.01599 -0.02906 -0.11334 10 HIS A CG  
83  N ND1 . HIS A 10 ? 0.65567 0.55611 0.58811 -0.01588 -0.02436 -0.12014 10 HIS A ND1 
84  C CD2 . HIS A 10 ? 0.49324 0.39206 0.43144 -0.00604 -0.02410 -0.11825 10 HIS A CD2 
85  C CE1 . HIS A 10 ? 0.62308 0.50744 0.55216 -0.00655 -0.01697 -0.12887 10 HIS A CE1 
86  N NE2 . HIS A 10 ? 0.68167 0.56441 0.61424 -0.00043 -0.01659 -0.12798 10 HIS A NE2 
87  N N   . THR A 11 ? 0.54005 0.41449 0.44084 -0.04037 -0.05080 -0.12408 11 THR A N   
88  C CA  . THR A 11 ? 0.53779 0.41578 0.44172 -0.04442 -0.04063 -0.12240 11 THR A CA  
89  C C   . THR A 11 ? 0.53264 0.40487 0.43632 -0.03823 -0.02877 -0.12198 11 THR A C   
90  O O   . THR A 11 ? 0.64966 0.51219 0.55061 -0.02948 -0.02238 -0.12137 11 THR A O   
91  C CB  . THR A 11 ? 0.62308 0.50604 0.53401 -0.04306 -0.03562 -0.11872 11 THR A CB  
92  O OG1 . THR A 11 ? 0.68942 0.57685 0.59870 -0.04908 -0.04601 -0.11775 11 THR A OG1 
93  C CG2 . THR A 11 ? 0.73357 0.62684 0.65715 -0.04088 -0.02768 -0.11608 11 THR A CG2 
94  N N   . GLY A 12 ? 0.56462 0.53286 0.64111 -0.01913 0.03538  0.05123  12 GLY A N   
95  C CA  . GLY A 12 ? 0.52269 0.50643 0.61081 -0.02044 0.03723  0.03931  12 GLY A CA  
96  C C   . GLY A 12 ? 0.55230 0.55557 0.64668 -0.02202 0.04010  0.03455  12 GLY A C   
97  O O   . GLY A 12 ? 0.74603 0.75332 0.83054 -0.01959 0.04043  0.03936  12 GLY A O   
98  N N   . HIS A 13 ? 0.51550 0.53116 0.62684 -0.02629 0.04227  0.02472  13 HIS A N   
99  C CA  . HIS A 13 ? 0.52948 0.56446 0.64934 -0.02849 0.04517  0.01900  13 HIS A CA  
100 C C   . HIS A 13 ? 0.52624 0.57198 0.66522 -0.03329 0.04714  0.00802  13 HIS A C   
101 O O   . HIS A 13 ? 0.54513 0.58336 0.68965 -0.03452 0.04625  0.00485  13 HIS A O   
102 C CB  . HIS A 13 ? 0.51710 0.54985 0.64469 -0.03437 0.04678  0.02610  13 HIS A CB  
103 C CG  . HIS A 13 ? 0.51624 0.53816 0.66339 -0.04335 0.04741  0.02830  13 HIS A CG  
104 N ND1 . HIS A 13 ? 0.52812 0.55964 0.69718 -0.05070 0.05004  0.02144  13 HIS A ND1 
105 C CD2 . HIS A 13 ? 0.57500 0.57718 0.72328 -0.04610 0.04558  0.03643  13 HIS A CD2 
106 C CE1 . HIS A 13 ? 0.65371 0.67184 0.83659 -0.05760 0.04977  0.02528  13 HIS A CE1 
107 N NE2 . HIS A 13 ? 0.60726 0.60746 0.77803 -0.05498 0.04705  0.03437  13 HIS A NE2 
108 N N   . ASP A 14 ? 0.63202 0.69526 0.78132 -0.03615 0.04989  0.00210  14 ASP A N   
109 C CA  . ASP A 14 ? 0.60235 0.67779 0.76923 -0.04044 0.05192  -0.00878 14 ASP A CA  
110 C C   . ASP A 14 ? 0.52072 0.59624 0.71064 -0.05042 0.05439  -0.00859 14 ASP A C   
111 O O   . ASP A 14 ? 0.58324 0.65509 0.77529 -0.05378 0.05513  -0.00136 14 ASP A O   
112 C CB  . ASP A 14 ? 0.58902 0.68566 0.75151 -0.03627 0.05314  -0.01703 14 ASP A CB  
113 C CG  . ASP A 14 ? 0.93145 1.02955 1.07353 -0.02685 0.05062  -0.01947 14 ASP A CG  
114 O OD1 . ASP A 14 ? 0.87330 0.95903 1.00971 -0.02477 0.04850  -0.01871 14 ASP A OD1 
115 O OD2 . ASP A 14 ? 1.17995 1.29167 1.31178 -0.02159 0.05072  -0.02228 14 ASP A OD2 
116 N N   . GLU A 15 ? 0.49807 0.57764 0.70519 -0.05522 0.05563  -0.01675 15 GLU A N   
117 C CA  . GLU A 15 ? 0.55807 0.64246 0.78842 -0.06441 0.05829  -0.01945 15 GLU A CA  
118 C C   . GLU A 15 ? 0.49193 0.59446 0.73284 -0.06539 0.06031  -0.03185 15 GLU A C   
119 O O   . GLU A 15 ? 0.54741 0.65355 0.78095 -0.06047 0.05929  -0.03807 15 GLU A O   
120 C CB  . GLU A 15 ? 0.49576 0.56309 0.73982 -0.07088 0.05760  -0.01587 15 GLU A CB  
121 C CG  . GLU A 15 ? 0.83331 0.88095 1.06642 -0.06962 0.05514  -0.00377 15 GLU A CG  
122 C CD  . GLU A 15 ? 0.95242 0.98824 1.20236 -0.07835 0.05548  0.00185  15 GLU A CD  
123 O OE1 . GLU A 15 ? 1.25212 1.28898 1.50406 -0.08161 0.05649  0.00744  15 GLU A OE1 
124 O OE2 . GLU A 15 ? 1.35115 1.37658 1.61236 -0.08204 0.05470  0.00060  15 GLU A OE2 
125 N N   . GLN A 16 ? 0.49060 0.60446 0.74846 -0.07179 0.06312  -0.03544 16 GLN A N   
126 C CA  . GLN A 16 ? 0.49624 0.62865 0.76411 -0.07283 0.06519  -0.04702 16 GLN A CA  
127 C C   . GLN A 16 ? 0.51972 0.65000 0.80950 -0.08033 0.06642  -0.05287 16 GLN A C   
128 O O   . GLN A 16 ? 0.48370 0.60290 0.78632 -0.08697 0.06671  -0.04808 16 GLN A O   
129 C CB  . GLN A 16 ? 0.48743 0.63624 0.75933 -0.07451 0.06766  -0.04844 16 GLN A CB  
130 C CG  . GLN A 16 ? 0.82602 0.96931 1.10880 -0.08164 0.06905  -0.04122 16 GLN A CG  
131 C CD  . GLN A 16 ? 1.05345 1.21369 1.33942 -0.08304 0.07163  -0.04309 16 GLN A CD  
132 O OE1 . GLN A 16 ? 0.89039 1.06249 1.16324 -0.07663 0.07160  -0.04556 16 GLN A OE1 
133 N NE2 . GLN A 16 ? 0.81635 0.97789 1.12001 -0.09149 0.07383  -0.04208 16 GLN A NE2 
134 N N   . GLU A 17 ? 0.57287 0.59344 0.48332 -0.03543 -0.00168 -0.04955 17 GLU A N   
135 C CA  . GLU A 17 ? 0.45236 0.46590 0.37109 -0.03514 -0.00762 -0.04564 17 GLU A CA  
136 C C   . GLU A 17 ? 0.46016 0.47934 0.38540 -0.03878 -0.00561 -0.04405 17 GLU A C   
137 O O   . GLU A 17 ? 0.68078 0.70863 0.61066 -0.03678 -0.00027 -0.04883 17 GLU A O   
138 C CB  . GLU A 17 ? 0.47587 0.48521 0.40331 -0.02679 -0.00998 -0.05006 17 GLU A CB  
139 C CG  . GLU A 17 ? 0.54179 0.54233 0.46480 -0.02365 -0.01435 -0.04972 17 GLU A CG  
140 C CD  . GLU A 17 ? 0.76799 0.76176 0.70075 -0.01738 -0.01857 -0.05156 17 GLU A CD  
141 O OE1 . GLU A 17 ? 0.91530 0.90771 0.85683 -0.01798 -0.02053 -0.04980 17 GLU A OE1 
142 O OE2 . GLU A 17 ? 1.00167 0.99148 0.93327 -0.01194 -0.01980 -0.05489 17 GLU A OE2 
143 N N   . LEU A 18 ? 0.52529 0.53952 0.45115 -0.04410 -0.00996 -0.03732 18 LEU A N   
144 C CA  . LEU A 18 ? 0.46570 0.48464 0.39754 -0.04794 -0.00850 -0.03523 18 LEU A CA  
145 C C   . LEU A 18 ? 0.48779 0.50889 0.43221 -0.04202 -0.00779 -0.03980 18 LEU A C   
146 O O   . LEU A 18 ? 0.57390 0.58815 0.52397 -0.03692 -0.01187 -0.04095 18 LEU A O   
147 C CB  . LEU A 18 ? 0.48477 0.49652 0.41644 -0.05376 -0.01426 -0.02725 18 LEU A CB  
148 C CG  . LEU A 18 ? 0.58098 0.59306 0.50152 -0.06207 -0.01416 -0.02159 18 LEU A CG  
149 C CD1 . LEU A 18 ? 0.53360 0.53942 0.45697 -0.06724 -0.01973 -0.01411 18 LEU A CD1 
150 C CD2 . LEU A 18 ? 0.57843 0.60167 0.49560 -0.06545 -0.00683 -0.02403 18 LEU A CD2 
151 N N   . PRO A 19 ? 0.50517 0.53536 0.45427 -0.04265 -0.00283 -0.04242 19 PRO A N   
152 C CA  . PRO A 19 ? 0.51440 0.54563 0.47575 -0.03907 -0.00334 -0.04464 19 PRO A CA  
153 C C   . PRO A 19 ? 0.51909 0.54570 0.48459 -0.04386 -0.00757 -0.03835 19 PRO A C   
154 O O   . PRO A 19 ? 0.56941 0.59637 0.52935 -0.05076 -0.00785 -0.03301 19 PRO A O   
155 C CB  . PRO A 19 ? 0.51273 0.55582 0.47654 -0.03897 0.00365  -0.04912 19 PRO A CB  
156 C CG  . PRO A 19 ? 0.51726 0.56461 0.47111 -0.04573 0.00684  -0.04623 19 PRO A CG  
157 C CD  . PRO A 19 ? 0.54700 0.58698 0.49059 -0.04684 0.00358  -0.04353 19 PRO A CD  
158 N N   . PHE A 20 ? 0.44863 0.47063 0.42392 -0.04026 -0.01094 -0.03898 20 PHE A N   
159 C CA  . PHE A 20 ? 0.45961 0.47758 0.43997 -0.04456 -0.01462 -0.03346 20 PHE A CA  
160 C C   . PHE A 20 ? 0.42494 0.44214 0.41724 -0.04027 -0.01556 -0.03640 20 PHE A C   
161 O O   . PHE A 20 ? 0.47531 0.49285 0.47147 -0.03381 -0.01466 -0.04208 20 PHE A O   
162 C CB  . PHE A 20 ? 0.44074 0.44807 0.41721 -0.04720 -0.02088 -0.02746 20 PHE A CB  
163 C CG  . PHE A 20 ? 0.45622 0.45554 0.43325 -0.04127 -0.02445 -0.02976 20 PHE A CG  
164 C CD1 . PHE A 20 ? 0.51614 0.50950 0.50275 -0.03692 -0.02775 -0.03124 20 PHE A CD1 
165 C CD2 . PHE A 20 ? 0.49181 0.48916 0.45955 -0.04039 -0.02458 -0.03026 20 PHE A CD2 
166 C CE1 . PHE A 20 ? 0.45041 0.43622 0.43754 -0.03165 -0.03095 -0.03336 20 PHE A CE1 
167 C CE2 . PHE A 20 ? 0.46845 0.45833 0.43675 -0.03504 -0.02793 -0.03224 20 PHE A CE2 
168 C CZ  . PHE A 20 ? 0.47313 0.45725 0.45121 -0.03062 -0.03108 -0.03382 20 PHE A CZ  
169 N N   . LYS A 21 ? 0.48241 0.49858 0.48028 -0.04422 -0.01737 -0.03238 21 LYS A N   
170 C CA  . LYS A 21 ? 0.47946 0.49497 0.48846 -0.04153 -0.01827 -0.03433 21 LYS A CA  
171 C C   . LYS A 21 ? 0.50491 0.50918 0.51835 -0.04147 -0.02457 -0.03071 21 LYS A C   
172 O O   . LYS A 21 ? 0.55439 0.55275 0.56342 -0.04556 -0.02814 -0.02505 21 LYS A O   
173 C CB  . LYS A 21 ? 0.43279 0.45582 0.44571 -0.04606 -0.01534 -0.03276 21 LYS A CB  
174 C CG  . LYS A 21 ? 0.50357 0.53815 0.51497 -0.04538 -0.00882 -0.03722 21 LYS A CG  
175 C CD  . LYS A 21 ? 0.71491 0.75187 0.73232 -0.03804 -0.00709 -0.04428 21 LYS A CD  
176 C CE  . LYS A 21 ? 1.02306 1.07172 1.04083 -0.03728 -0.00069 -0.04874 21 LYS A CE  
177 N NZ  . LYS A 21 ? 0.89669 0.94756 0.92167 -0.03047 0.00049  -0.05515 21 LYS A NZ  
178 N N   . LYS A 22 ? 0.49314 0.49437 0.51550 -0.03697 -0.02591 -0.03403 22 LYS A N   
179 C CA  . LYS A 22 ? 0.48435 0.47508 0.51221 -0.03680 -0.03142 -0.03117 22 LYS A CA  
180 C C   . LYS A 22 ? 0.47285 0.46187 0.50186 -0.04377 -0.03360 -0.02425 22 LYS A C   
181 O O   . LYS A 22 ? 0.47458 0.47036 0.50593 -0.04714 -0.03090 -0.02338 22 LYS A O   
182 C CB  . LYS A 22 ? 0.42372 0.41296 0.46135 -0.03198 -0.03162 -0.03585 22 LYS A CB  
183 C CG  . LYS A 22 ? 0.58010 0.55786 0.62322 -0.03083 -0.03696 -0.03409 22 LYS A CG  
184 C CD  . LYS A 22 ? 0.81872 0.79529 0.87196 -0.03092 -0.03757 -0.03485 22 LYS A CD  
185 C CE  . LYS A 22 ? 0.68535 0.65040 0.74358 -0.03167 -0.04286 -0.03155 22 LYS A CE  
186 N NZ  . LYS A 22 ? 0.90741 0.87141 0.97466 -0.03376 -0.04349 -0.03067 22 LYS A NZ  
187 N N   . GLY A 23 ? 0.49618 0.47612 0.52365 -0.04599 -0.03856 -0.01925 23 GLY A N   
188 C CA  . GLY A 23 ? 0.47707 0.45418 0.50578 -0.05252 -0.04132 -0.01232 23 GLY A CA  
189 C C   . GLY A 23 ? 0.46134 0.44217 0.48048 -0.05860 -0.04042 -0.00749 23 GLY A C   
190 O O   . GLY A 23 ? 0.50766 0.48547 0.52692 -0.06435 -0.04321 -0.00117 23 GLY A O   
191 N N   . GLU A 24 ? 0.45214 0.43924 0.46300 -0.05769 -0.03660 -0.01026 24 GLU A N   
192 C CA  . GLU A 24 ? 0.48653 0.47758 0.48755 -0.06370 -0.03515 -0.00618 24 GLU A CA  
193 C C   . GLU A 24 ? 0.51401 0.49613 0.50925 -0.06644 -0.04045 -0.00056 24 GLU A C   
194 O O   . GLU A 24 ? 0.45135 0.42614 0.44734 -0.06224 -0.04375 -0.00171 24 GLU A O   
195 C CB  . GLU A 24 ? 0.50526 0.50496 0.49938 -0.06154 -0.02944 -0.01131 24 GLU A CB  
196 C CG  . GLU A 24 ? 0.54376 0.54868 0.52739 -0.06772 -0.02682 -0.00812 24 GLU A CG  
197 C CD  . GLU A 24 ? 0.77925 0.79349 0.75785 -0.06535 -0.02041 -0.01396 24 GLU A CD  
198 O OE1 . GLU A 24 ? 0.60881 0.62735 0.59373 -0.05983 -0.01750 -0.02004 24 GLU A OE1 
199 O OE2 . GLU A 24 ? 0.74408 0.76126 0.71249 -0.06915 -0.01828 -0.01251 24 GLU A OE2 
200 N N   . ILE A 25 ? 0.48967 0.47240 0.47920 -0.07372 -0.04134 0.00567  25 ILE A N   
201 C CA  . ILE A 25 ? 0.43114 0.40582 0.41488 -0.07745 -0.04659 0.01191  25 ILE A CA  
202 C C   . ILE A 25 ? 0.43833 0.41648 0.40926 -0.07921 -0.04423 0.01167  25 ILE A C   
203 O O   . ILE A 25 ? 0.56564 0.55292 0.53130 -0.08149 -0.03879 0.00984  25 ILE A O   
204 C CB  . ILE A 25 ? 0.46807 0.44040 0.45352 -0.08475 -0.04968 0.01944  25 ILE A CB  
205 C CG1 . ILE A 25 ? 0.55501 0.52243 0.55326 -0.08296 -0.05261 0.01990  25 ILE A CG1 
206 C CG2 . ILE A 25 ? 0.44927 0.41443 0.42738 -0.08935 -0.05476 0.02614  25 ILE A CG2 
207 C CD1 . ILE A 25 ? 0.87038 0.83680 0.87136 -0.08988 -0.05485 0.02663  25 ILE A CD1 
208 N N   . LEU A 26 ? 0.44121 0.41198 0.40720 -0.07831 -0.04824 0.01352  26 LEU A N   
209 C CA  . LEU A 26 ? 0.49672 0.46959 0.45025 -0.07979 -0.04649 0.01328  26 LEU A CA  
210 C C   . LEU A 26 ? 0.49878 0.46290 0.44662 -0.08431 -0.05269 0.02045  26 LEU A C   
211 O O   . LEU A 26 ? 0.50589 0.46097 0.46019 -0.08278 -0.05843 0.02315  26 LEU A O   
212 C CB  . LEU A 26 ? 0.51813 0.49188 0.47073 -0.07215 -0.04419 0.00609  26 LEU A CB  
213 C CG  . LEU A 26 ? 0.48076 0.46236 0.43974 -0.06676 -0.03864 -0.00141 26 LEU A CG  
214 C CD1 . LEU A 26 ? 0.51413 0.49400 0.47373 -0.05892 -0.03805 -0.00767 26 LEU A CD1 
215 C CD2 . LEU A 26 ? 0.48611 0.47862 0.43909 -0.07026 -0.03215 -0.00303 26 LEU A CD2 
216 N N   . ARG A 27 ? 0.48106 0.44781 0.41695 -0.08998 -0.05149 0.02348  27 ARG A N   
217 C CA  . ARG A 27 ? 0.47911 0.43812 0.40788 -0.09468 -0.05716 0.03024  27 ARG A CA  
218 C C   . ARG A 27 ? 0.51490 0.47161 0.43626 -0.09085 -0.05724 0.02715  27 ARG A C   
219 O O   . ARG A 27 ? 0.49053 0.45438 0.40599 -0.08877 -0.05148 0.02168  27 ARG A O   
220 C CB  . ARG A 27 ? 0.49098 0.45360 0.41027 -0.10386 -0.05619 0.03585  27 ARG A CB  
221 C CG  . ARG A 27 ? 0.54022 0.49447 0.45248 -0.10927 -0.06266 0.04351  27 ARG A CG  
222 C CD  . ARG A 27 ? 0.60921 0.56659 0.51191 -0.11883 -0.06200 0.04938  27 ARG A CD  
223 N NE  . ARG A 27 ? 0.72224 0.68726 0.61293 -0.12064 -0.05584 0.04591  27 ARG A NE  
224 C CZ  . ARG A 27 ? 0.61470 0.57752 0.49466 -0.12121 -0.05640 0.04587  27 ARG A CZ  
225 N NH1 . ARG A 27 ? 0.66943 0.62270 0.54885 -0.12025 -0.06304 0.04939  27 ARG A NH1 
226 N NH2 . ARG A 27 ? 0.74699 0.71739 0.61682 -0.12279 -0.05005 0.04211  27 ARG A NH2 
227 N N   . ILE A 28 ? 0.51067 0.45745 0.43270 -0.08991 -0.06370 0.03062  28 ILE A N   
228 C CA  . ILE A 28 ? 0.50750 0.45104 0.42270 -0.08646 -0.06456 0.02831  28 ILE A CA  
229 C C   . ILE A 28 ? 0.52705 0.47087 0.42798 -0.09360 -0.06510 0.03306  28 ILE A C   
230 O O   . ILE A 28 ? 0.65474 0.59447 0.55324 -0.10047 -0.06949 0.04066  28 ILE A O   
231 C CB  . ILE A 28 ? 0.47917 0.41183 0.40191 -0.08225 -0.07127 0.02983  28 ILE A CB  
232 C CG1 . ILE A 28 ? 0.46089 0.39324 0.39739 -0.07567 -0.07044 0.02499  28 ILE A CG1 
233 C CG2 . ILE A 28 ? 0.47718 0.40649 0.39303 -0.07856 -0.07218 0.02738  28 ILE A CG2 
234 C CD1 . ILE A 28 ? 0.54570 0.48563 0.48266 -0.06920 -0.06394 0.01607  28 ILE A CD1 
235 N N   . ARG A 29 ? 0.52646 0.47518 0.41780 -0.09223 -0.06055 0.02859  29 ARG A N   
236 C CA  . ARG A 29 ? 0.50685 0.45547 0.38375 -0.09859 -0.06080 0.03234  29 ARG A CA  
237 C C   . ARG A 29 ? 0.67688 0.61597 0.55088 -0.09669 -0.06687 0.03462  29 ARG A C   
238 O O   . ARG A 29 ? 0.69534 0.63339 0.57104 -0.08955 -0.06597 0.02905  29 ARG A O   
239 C CB  . ARG A 29 ? 0.59391 0.55234 0.46201 -0.09822 -0.05270 0.02626  29 ARG A CB  
240 C CG  . ARG A 29 ? 0.54457 0.51292 0.41405 -0.10117 -0.04639 0.02441  29 ARG A CG  
241 C CD  . ARG A 29 ? 0.80872 0.78415 0.66449 -0.10641 -0.04061 0.02330  29 ARG A CD  
242 N NE  . ARG A 29 ? 1.10493 1.07487 0.94913 -0.11406 -0.04489 0.03045  29 ARG A NE  
243 C CZ  . ARG A 29 ? 0.89485 0.86599 0.73312 -0.12290 -0.04521 0.03631  29 ARG A CZ  
244 N NH1 . ARG A 29 ? 0.96342 0.94160 0.80554 -0.12545 -0.04100 0.03572  29 ARG A NH1 
245 N NH2 . ARG A 29 ? 0.72310 0.68813 0.55126 -0.12946 -0.05001 0.04300  29 ARG A NH2 
246 N N   . ASP A 30 ? 0.71520 0.64729 0.58501 -0.10310 -0.07315 0.04284  30 ASP A N   
247 C CA  . ASP A 30 ? 0.85368 0.77562 0.72323 -0.10156 -0.08011 0.04611  30 ASP A CA  
248 C C   . ASP A 30 ? 0.74877 0.66879 0.60316 -0.10698 -0.08161 0.04967  30 ASP A C   
249 O O   . ASP A 30 ? 0.86669 0.77800 0.71989 -0.10702 -0.08798 0.05358  30 ASP A O   
250 C CB  . ASP A 30 ? 0.70129 0.61486 0.58073 -0.10370 -0.08751 0.05300  30 ASP A CB  
251 C CG  . ASP A 30 ? 1.04840 0.96315 0.92410 -0.11304 -0.08890 0.06027  30 ASP A CG  
252 O OD1 . ASP A 30 ? 1.37790 1.29999 1.24321 -0.11800 -0.08398 0.05988  30 ASP A OD1 
253 O OD2 . ASP A 30 ? 1.40687 1.31511 1.29022 -0.11552 -0.09488 0.06633  30 ASP A OD2 
254 N N   . LYS A 31 ? 0.67409 0.60183 0.51697 -0.11161 -0.07589 0.04836  31 LYS A N   
255 C CA  . LYS A 31 ? 0.60354 0.52951 0.43148 -0.11655 -0.07685 0.05105  31 LYS A CA  
256 C C   . LYS A 31 ? 0.67562 0.59915 0.50163 -0.10949 -0.07665 0.04579  31 LYS A C   
257 O O   . LYS A 31 ? 0.67406 0.60197 0.50606 -0.10177 -0.07199 0.03799  31 LYS A O   
258 C CB  . LYS A 31 ? 0.64435 0.57959 0.46067 -0.12251 -0.06978 0.04961  31 LYS A CB  
259 C CG  . LYS A 31 ? 0.90188 0.83882 0.71762 -0.13080 -0.07051 0.05578  31 LYS A CG  
260 C CD  . LYS A 31 ? 0.80421 0.74998 0.60789 -0.13700 -0.06341 0.05429  31 LYS A CD  
261 C CE  . LYS A 31 ? 0.76957 0.71685 0.57285 -0.14527 -0.06424 0.06049  31 LYS A CE  
262 N NZ  . LYS A 31 ? 1.43215 1.38815 1.22407 -0.15142 -0.05694 0.05877  31 LYS A NZ  
263 N N   . PRO A 32 ? 0.60912 0.51604 0.59453 -0.01573 -0.03834 0.05898  32 PRO A N   
264 C CA  . PRO A 32 ? 0.61652 0.53477 0.60498 -0.01542 -0.03481 0.05942  32 PRO A CA  
265 C C   . PRO A 32 ? 0.54392 0.46736 0.53698 -0.02130 -0.03698 0.06002  32 PRO A C   
266 O O   . PRO A 32 ? 0.62444 0.54927 0.61410 -0.02196 -0.03553 0.05925  32 PRO A O   
267 C CB  . PRO A 32 ? 0.52954 0.45965 0.52644 -0.01229 -0.03152 0.06132  32 PRO A CB  
268 C CG  . PRO A 32 ? 0.63300 0.55510 0.62666 -0.00846 -0.03189 0.06122  32 PRO A CG  
269 C CD  . PRO A 32 ? 0.51526 0.42503 0.50514 -0.01228 -0.03688 0.06044  32 PRO A CD  
270 N N   . GLU A 33 ? 0.57887 0.50500 0.57932 -0.02547 -0.04030 0.06145  33 GLU A N   
271 C CA  . GLU A 33 ? 0.53435 0.46589 0.53957 -0.03077 -0.04223 0.06216  33 GLU A CA  
272 C C   . GLU A 33 ? 0.49239 0.41410 0.48967 -0.03354 -0.04535 0.06044  33 GLU A C   
273 O O   . GLU A 33 ? 0.55280 0.47809 0.55278 -0.03759 -0.04690 0.06092  33 GLU A O   
274 C CB  . GLU A 33 ? 0.54283 0.47924 0.55757 -0.03427 -0.04506 0.06409  33 GLU A CB  
275 C CG  . GLU A 33 ? 0.62194 0.54810 0.63468 -0.03538 -0.04904 0.06383  33 GLU A CG  
276 C CD  . GLU A 33 ? 0.78419 0.70910 0.79780 -0.03122 -0.04746 0.06449  33 GLU A CD  
277 O OE1 . GLU A 33 ? 0.69182 0.61902 0.70299 -0.02627 -0.04349 0.06416  33 GLU A OE1 
278 O OE2 . GLU A 33 ? 0.91576 0.83752 0.93253 -0.03282 -0.05011 0.06544  33 GLU A OE2 
279 N N   . GLU A 34 ? 0.58839 0.49779 0.57582 -0.03137 -0.04637 0.05842  34 GLU A N   
280 C CA  . GLU A 34 ? 0.55744 0.45730 0.53664 -0.03364 -0.04947 0.05655  34 GLU A CA  
281 C C   . GLU A 34 ? 0.54047 0.43752 0.51061 -0.03050 -0.04630 0.05496  34 GLU A C   
282 O O   . GLU A 34 ? 0.63177 0.52028 0.59369 -0.03164 -0.04856 0.05322  34 GLU A O   
283 C CB  . GLU A 34 ? 0.58920 0.47629 0.56322 -0.03420 -0.05357 0.05510  34 GLU A CB  
284 C CG  . GLU A 34 ? 0.62916 0.51742 0.61092 -0.03900 -0.05790 0.05640  34 GLU A CG  
285 C CD  . GLU A 34 ? 1.09803 0.97521 1.07654 -0.03913 -0.06100 0.05541  34 GLU A CD  
286 O OE1 . GLU A 34 ? 1.07109 0.94544 1.04798 -0.03511 -0.05872 0.05539  34 GLU A OE1 
287 O OE2 . GLU A 34 ? 1.07847 0.94980 1.05612 -0.04327 -0.06569 0.05464  34 GLU A OE2 
288 N N   . GLN A 35 ? 0.55618 0.46042 0.52763 -0.02657 -0.04115 0.05553  35 GLN A N   
289 C CA  . GLN A 35 ? 0.59770 0.49997 0.56089 -0.02328 -0.03757 0.05420  35 GLN A CA  
290 C C   . GLN A 35 ? 0.51698 0.42772 0.48303 -0.02583 -0.03573 0.05514  35 GLN A C   
291 O O   . GLN A 35 ? 0.52861 0.45084 0.50460 -0.02784 -0.03451 0.05707  35 GLN A O   
292 C CB  . GLN A 35 ? 0.53926 0.44489 0.50216 -0.01743 -0.03275 0.05427  35 GLN A CB  
293 C CG  . GLN A 35 ? 0.67151 0.56821 0.63113 -0.01457 -0.03424 0.05345  35 GLN A CG  
294 C CD  . GLN A 35 ? 0.97713 0.85896 0.92756 -0.01625 -0.03881 0.05130  35 GLN A CD  
295 O OE1 . GLN A 35 ? 0.97161 0.84768 0.91383 -0.01660 -0.03924 0.04967  35 GLN A OE1 
296 N NE2 . GLN A 35 ? 0.84644 0.72207 0.79823 -0.01742 -0.04227 0.05127  35 GLN A NE2 
297 N N   . LEU A 36 ? 0.50471 0.40939 0.46170 -0.02571 -0.03551 0.05375  36 LEU A N   
298 C CA  . LEU A 36 ? 0.52444 0.43546 0.48270 -0.02805 -0.03371 0.05461  36 LEU A CA  
299 C C   . LEU A 36 ? 0.49771 0.40720 0.44765 -0.02423 -0.02908 0.05361  36 LEU A C   
300 O O   . LEU A 36 ? 0.64971 0.55024 0.59048 -0.02038 -0.02860 0.05179  36 LEU A O   
301 C CB  . LEU A 36 ? 0.52980 0.43546 0.48571 -0.03269 -0.03855 0.05433  36 LEU A CB  
302 C CG  . LEU A 36 ? 0.66120 0.57028 0.62650 -0.03694 -0.04275 0.05565  36 LEU A CG  
303 C CD1 . LEU A 36 ? 0.66592 0.56449 0.62768 -0.03732 -0.04756 0.05427  36 LEU A CD1 
304 C CD2 . LEU A 36 ? 0.63696 0.54975 0.60530 -0.04155 -0.04461 0.05672  36 LEU A CD2 
305 N N   . TRP A 37 ? 0.52527 0.44367 0.47860 -0.02536 -0.02552 0.05486  37 TRP A N   
306 C CA  . TRP A 37 ? 0.46182 0.37967 0.40780 -0.02274 -0.02103 0.05427  37 TRP A CA  
307 C C   . TRP A 37 ? 0.50679 0.42455 0.45075 -0.02656 -0.02170 0.05485  37 TRP A C   
308 O O   . TRP A 37 ? 0.54091 0.46317 0.49195 -0.03103 -0.02419 0.05618  37 TRP A O   
309 C CB  . TRP A 37 ? 0.45670 0.38646 0.40886 -0.02012 -0.01499 0.05537  37 TRP A CB  
310 C CG  . TRP A 37 ? 0.57961 0.50883 0.53098 -0.01494 -0.01305 0.05464  37 TRP A CG  
311 C CD1 . TRP A 37 ? 0.83362 0.75126 0.77551 -0.01122 -0.01431 0.05273  37 TRP A CD1 
312 C CD2 . TRP A 37 ? 0.51552 0.45616 0.47575 -0.01268 -0.00952 0.05577  37 TRP A CD2 
313 N NE1 . TRP A 37 ? 0.75395 0.67481 0.69810 -0.00660 -0.01162 0.05272  37 TRP A NE1 
314 C CE2 . TRP A 37 ? 0.56992 0.50516 0.52538 -0.00732 -0.00871 0.05460  37 TRP A CE2 
315 C CE3 . TRP A 37 ? 0.53588 0.49081 0.50755 -0.01462 -0.00707 0.05757  37 TRP A CE3 
316 C CZ2 . TRP A 37 ? 0.71458 0.65842 0.67630 -0.00361 -0.00553 0.05531  37 TRP A CZ2 
317 C CZ3 . TRP A 37 ? 0.63052 0.59429 0.60854 -0.01115 -0.00407 0.05812  37 TRP A CZ3 
318 C CH2 . TRP A 37 ? 0.64211 0.60047 0.61518 -0.00558 -0.00331 0.05708  37 TRP A CH2 
319 N N   . ASN A 38 ? 0.62567 0.53820 0.55962 -0.02451 -0.01926 0.05392  38 ASN A N   
320 C CA  . ASN A 38 ? 0.52423 0.43761 0.45570 -0.02726 -0.01838 0.05473  38 ASN A CA  
321 C C   . ASN A 38 ? 0.47072 0.39610 0.40844 -0.02712 -0.01220 0.05636  38 ASN A C   
322 O O   . ASN A 38 ? 0.49881 0.42744 0.43563 -0.02312 -0.00759 0.05603  38 ASN A O   
323 C CB  . ASN A 38 ? 0.51184 0.41360 0.42911 -0.02508 -0.01867 0.05301  38 ASN A CB  
324 C CG  . ASN A 38 ? 0.58398 0.47758 0.49678 -0.02838 -0.02456 0.05246  38 ASN A CG  
325 O OD1 . ASN A 38 ? 0.76998 0.66788 0.68806 -0.03250 -0.02604 0.05398  38 ASN A OD1 
326 N ND2 . ASN A 38 ? 0.88080 0.76263 0.78398 -0.02659 -0.02810 0.05022  38 ASN A ND2 
327 N N   . ALA A 39 ? 0.45542 0.38745 0.39961 -0.03148 -0.01209 0.05807  39 ALA A N   
328 C CA  . ALA A 39 ? 0.44856 0.39252 0.39990 -0.03219 -0.00656 0.05958  39 ALA A CA  
329 C C   . ALA A 39 ? 0.48572 0.42996 0.43507 -0.03563 -0.00542 0.06073  39 ALA A C   
330 O O   . ALA A 39 ? 0.54716 0.48392 0.49173 -0.03790 -0.00949 0.06064  39 ALA A O   
331 C CB  . ALA A 39 ? 0.43829 0.39334 0.40324 -0.03410 -0.00700 0.06074  39 ALA A CB  
332 N N   . GLU A 40 ? 0.50152 0.45458 0.45459 -0.03591 0.00031  0.06183  40 GLU A N   
333 C CA  . GLU A 40 ? 0.44482 0.39969 0.39730 -0.03925 0.00254  0.06320  40 GLU A CA  
334 C C   . GLU A 40 ? 0.48027 0.44889 0.44534 -0.04202 0.00580  0.06466  40 GLU A C   
335 O O   . GLU A 40 ? 0.51708 0.49399 0.48786 -0.03985 0.00913  0.06450  40 GLU A O   
336 C CB  . GLU A 40 ? 0.45677 0.40689 0.39849 -0.03649 0.00716  0.06288  40 GLU A CB  
337 C CG  . GLU A 40 ? 0.54844 0.49620 0.48594 -0.03954 0.00855  0.06419  40 GLU A CG  
338 C CD  . GLU A 40 ? 0.80565 0.74704 0.73104 -0.03644 0.01261  0.06383  40 GLU A CD  
339 O OE1 . GLU A 40 ? 1.06224 1.00206 0.98318 -0.03191 0.01477  0.06256  40 GLU A OE1 
340 O OE2 . GLU A 40 ? 0.86338 0.80116 0.78345 -0.03835 0.01374  0.06488  40 GLU A OE2 
341 N N   . ASN A 41 ? 0.49645 0.46760 0.46593 -0.04670 0.00474  0.06599  41 ASN A N   
342 C CA  . ASN A 41 ? 0.48669 0.47044 0.46807 -0.04972 0.00741  0.06718  41 ASN A CA  
343 C C   . ASN A 41 ? 0.51135 0.49896 0.49153 -0.05119 0.01336  0.06818  41 ASN A C   
344 O O   . ASN A 41 ? 0.47405 0.45465 0.44411 -0.04962 0.01558  0.06809  41 ASN A O   
345 C CB  . ASN A 41 ? 0.46816 0.45338 0.45652 -0.05401 0.00268  0.06798  41 ASN A CB  
346 C CG  . ASN A 41 ? 0.58109 0.55912 0.56376 -0.05703 0.00083  0.06881  41 ASN A CG  
347 O OD1 . ASN A 41 ? 0.58674 0.55986 0.56109 -0.05647 0.00369  0.06904  41 ASN A OD1 
348 N ND2 . ASN A 41 ? 0.52625 0.50372 0.51336 -0.06010 -0.00393 0.06934  41 ASN A ND2 
349 N N   . VAL A 42 ? 0.63157 0.63051 0.62228 -0.05433 0.01599  0.06912  42 VAL A N   
350 C CA  . VAL A 42 ? 0.48988 0.49422 0.48139 -0.05612 0.02209  0.07006  42 VAL A CA  
351 C C   . VAL A 42 ? 0.56590 0.56122 0.54869 -0.05828 0.02221  0.07101  42 VAL A C   
352 O O   . VAL A 42 ? 0.69125 0.68659 0.66971 -0.05835 0.02740  0.07165  42 VAL A O   
353 C CB  . VAL A 42 ? 0.42361 0.44101 0.42842 -0.05992 0.02371  0.07074  42 VAL A CB  
354 C CG1 . VAL A 42 ? 0.69834 0.71416 0.70735 -0.06399 0.01877  0.07139  42 VAL A CG1 
355 C CG2 . VAL A 42 ? 0.84988 0.87298 0.85587 -0.06209 0.03016  0.07161  42 VAL A CG2 
356 N N   . GLU A 43 ? 0.65669 0.64447 0.63679 -0.05999 0.01669  0.07121  43 GLU A N   
357 C CA  . GLU A 43 ? 0.51189 0.49139 0.48416 -0.06203 0.01631  0.07225  43 GLU A CA  
358 C C   . GLU A 43 ? 0.62529 0.59203 0.58411 -0.05862 0.01397  0.07146  43 GLU A C   
359 O O   . GLU A 43 ? 0.61736 0.57607 0.56885 -0.05981 0.01243  0.07219  43 GLU A O   
360 C CB  . GLU A 43 ? 0.56531 0.54495 0.54305 -0.06617 0.01190  0.07309  43 GLU A CB  
361 C CG  . GLU A 43 ? 0.87004 0.86142 0.85996 -0.06999 0.01447  0.07388  43 GLU A CG  
362 C CD  . GLU A 43 ? 1.19365 1.18504 1.18878 -0.07377 0.01013  0.07464  43 GLU A CD  
363 O OE1 . GLU A 43 ? 1.53537 1.51835 1.52542 -0.07331 0.00491  0.07455  43 GLU A OE1 
364 O OE2 . GLU A 43 ? 1.30641 1.30632 1.31072 -0.07720 0.01192  0.07525  43 GLU A OE2 
365 N N   . GLY A 44 ? 0.66305 0.62762 0.61824 -0.05429 0.01364  0.06994  44 GLY A N   
366 C CA  . GLY A 44 ? 0.49132 0.44384 0.43352 -0.05094 0.01154  0.06891  44 GLY A CA  
367 C C   . GLY A 44 ? 0.55230 0.49709 0.49203 -0.05096 0.00409  0.06797  44 GLY A C   
368 O O   . GLY A 44 ? 0.65229 0.58665 0.58102 -0.04851 0.00171  0.06694  44 GLY A O   
369 N N   . LYS A 45 ? 0.52546 0.47511 0.47499 -0.05366 0.00032  0.06824  45 LYS A N   
370 C CA  . LYS A 45 ? 0.54991 0.49300 0.49802 -0.05386 -0.00667 0.06739  45 LYS A CA  
371 C C   . LYS A 45 ? 0.59687 0.53776 0.54367 -0.05013 -0.00829 0.06555  45 LYS A C   
372 O O   . LYS A 45 ? 0.53569 0.48426 0.48922 -0.04876 -0.00556 0.06537  45 LYS A O   
373 C CB  . LYS A 45 ? 0.54580 0.49510 0.50492 -0.05792 -0.00979 0.06842  45 LYS A CB  
374 C CG  . LYS A 45 ? 0.76831 0.71129 0.72645 -0.05873 -0.01695 0.06783  45 LYS A CG  
375 C CD  . LYS A 45 ? 1.01669 0.96598 0.98527 -0.06279 -0.01942 0.06909  45 LYS A CD  
376 C CE  . LYS A 45 ? 1.01973 0.96336 0.98777 -0.06381 -0.02640 0.06867  45 LYS A CE  
377 N NZ  . LYS A 45 ? 0.94065 0.89037 0.91843 -0.06760 -0.02853 0.07002  45 LYS A NZ  
378 N N   . ARG A 46 ? 0.59052 0.52077 0.52841 -0.04839 -0.01271 0.06417  46 ARG A N   
379 C CA  . ARG A 46 ? 0.48016 0.40605 0.41497 -0.04483 -0.01454 0.06226  46 ARG A CA  
380 C C   . ARG A 46 ? 0.51087 0.43457 0.45012 -0.04653 -0.02112 0.06172  46 ARG A C   
381 O O   . ARG A 46 ? 0.66292 0.58415 0.60261 -0.04959 -0.02518 0.06229  46 ARG A O   
382 C CB  . ARG A 46 ? 0.47672 0.39150 0.39722 -0.04137 -0.01444 0.06074  46 ARG A CB  
383 C CG  . ARG A 46 ? 0.55602 0.47239 0.47132 -0.03949 -0.00776 0.06136  46 ARG A CG  
384 C CD  . ARG A 46 ? 0.69076 0.59577 0.59126 -0.03606 -0.00777 0.05994  46 ARG A CD  
385 N NE  . ARG A 46 ? 1.03437 0.94151 0.93032 -0.03385 -0.00085 0.06055  46 ARG A NE  
386 C CZ  . ARG A 46 ? 1.15054 1.04937 1.03376 -0.03038 0.00084  0.05956  46 ARG A CZ  
387 N NH1 . ARG A 46 ? 1.12261 1.01016 0.99591 -0.02869 -0.00401 0.05772  46 ARG A NH1 
388 N NH2 . ARG A 46 ? 1.00050 0.90257 0.88088 -0.02861 0.00760  0.06039  46 ARG A NH2 
389 N N   . GLY A 47 ? 0.54761 0.47224 0.49015 -0.04445 -0.02201 0.06069  47 GLY A N   
390 C CA  . GLY A 47 ? 0.51003 0.43283 0.45716 -0.04603 -0.02781 0.06025  47 GLY A CA  
391 C C   . GLY A 47 ? 0.49656 0.42119 0.44734 -0.04325 -0.02738 0.05939  47 GLY A C   
392 O O   . GLY A 47 ? 0.54413 0.47252 0.49476 -0.04008 -0.02257 0.05921  47 GLY A O   
393 N N   . LEU A 48 ? 0.57217 0.49410 0.52625 -0.04443 -0.03243 0.05894  48 LEU A N   
394 C CA  . LEU A 48 ? 0.49366 0.41588 0.45077 -0.04195 -0.03273 0.05820  48 LEU A CA  
395 C C   . LEU A 48 ? 0.42619 0.36060 0.39618 -0.04318 -0.03094 0.05989  48 LEU A C   
396 O O   . LEU A 48 ? 0.55586 0.49666 0.53311 -0.04691 -0.03172 0.06140  48 LEU A O   
397 C CB  . LEU A 48 ? 0.53617 0.44941 0.49066 -0.04281 -0.03888 0.05695  48 LEU A CB  
398 C CG  . LEU A 48 ? 0.56678 0.46748 0.50831 -0.04151 -0.04131 0.05490  48 LEU A CG  
399 C CD1 . LEU A 48 ? 0.62163 0.51452 0.56199 -0.04306 -0.04760 0.05366  48 LEU A CD1 
400 C CD2 . LEU A 48 ? 0.65001 0.54661 0.58335 -0.03647 -0.03730 0.05346  48 LEU A CD2 
401 N N   . ILE A 49 ? 0.45635 0.39387 0.42880 -0.03978 -0.02849 0.05959  49 ILE A N   
402 C CA  . ILE A 49 ? 0.44884 0.39753 0.43298 -0.04026 -0.02705 0.06098  49 ILE A CA  
403 C C   . ILE A 49 ? 0.49189 0.43756 0.47682 -0.03742 -0.02862 0.06030  49 ILE A C   
404 O O   . ILE A 49 ? 0.54128 0.47845 0.51779 -0.03385 -0.02847 0.05872  49 ILE A O   
405 C CB  . ILE A 49 ? 0.41629 0.37527 0.40410 -0.03874 -0.02087 0.06171  49 ILE A CB  
406 C CG1 . ILE A 49 ? 0.42122 0.37702 0.40208 -0.03335 -0.01729 0.06042  49 ILE A CG1 
407 C CG2 . ILE A 49 ? 0.43833 0.39923 0.42466 -0.04162 -0.01907 0.06241  49 ILE A CG2 
408 C CD1 . ILE A 49 ? 0.42705 0.39412 0.41274 -0.03154 -0.01125 0.06112  49 ILE A CD1 
409 N N   . HIS A 50 ? 0.47161 0.42395 0.46642 -0.03895 -0.03008 0.06154  50 HIS A N   
410 C CA  . HIS A 50 ? 0.46000 0.41054 0.45656 -0.03626 -0.03113 0.06129  50 HIS A CA  
411 C C   . HIS A 50 ? 0.44788 0.40633 0.44739 -0.03200 -0.02604 0.06156  50 HIS A C   
412 O O   . HIS A 50 ? 0.44326 0.41347 0.45063 -0.03288 -0.02313 0.06278  50 HIS A O   
413 C CB  . HIS A 50 ? 0.53845 0.49260 0.54403 -0.03953 -0.03482 0.06263  50 HIS A CB  
414 C CG  . HIS A 50 ? 0.55631 0.50113 0.55857 -0.04267 -0.04032 0.06210  50 HIS A CG  
415 N ND1 . HIS A 50 ? 0.61577 0.55057 0.61320 -0.04140 -0.04335 0.06096  50 HIS A ND1 
416 C CD2 . HIS A 50 ? 0.62951 0.57355 0.63255 -0.04700 -0.04335 0.06251  50 HIS A CD2 
417 C CE1 . HIS A 50 ? 0.65028 0.57901 0.64603 -0.04501 -0.04809 0.06061  50 HIS A CE1 
418 N NE2 . HIS A 50 ? 0.73472 0.66902 0.73379 -0.04827 -0.04821 0.06158  50 HIS A NE2 
419 N N   . VAL A 51 ? 0.44640 0.39839 0.43962 -0.02734 -0.02508 0.06033  51 VAL A N   
420 C CA  . VAL A 51 ? 0.45630 0.41518 0.45143 -0.02258 -0.02025 0.06046  51 VAL A CA  
421 C C   . VAL A 51 ? 0.47938 0.45002 0.48636 -0.02303 -0.01976 0.06217  51 VAL A C   
422 O O   . VAL A 51 ? 0.54309 0.52506 0.55566 -0.02163 -0.01567 0.06285  51 VAL A O   
423 C CB  . VAL A 51 ? 0.51371 0.46239 0.50013 -0.01747 -0.02007 0.05892  51 VAL A CB  
424 C CG1 . VAL A 51 ? 0.56022 0.51653 0.54896 -0.01220 -0.01513 0.05916  51 VAL A CG1 
425 C CG2 . VAL A 51 ? 0.48902 0.42646 0.46333 -0.01685 -0.02038 0.05706  51 VAL A CG2 
426 N N   . VAL A 52 ? 0.43010 0.39851 0.44113 -0.02499 -0.02385 0.06286  52 VAL A N   
427 C CA  . VAL A 52 ? 0.39074 0.36946 0.41220 -0.02484 -0.02349 0.06446  52 VAL A CA  
428 C C   . VAL A 52 ? 0.43041 0.42166 0.46096 -0.02860 -0.02234 0.06572  52 VAL A C   
429 O O   . VAL A 52 ? 0.50671 0.50842 0.54595 -0.02807 -0.02116 0.06687  52 VAL A O   
430 C CB  . VAL A 52 ? 0.38929 0.36220 0.41266 -0.02624 -0.02809 0.06504  52 VAL A CB  
431 C CG1 . VAL A 52 ? 0.45360 0.41501 0.46886 -0.02213 -0.02871 0.06385  52 VAL A CG1 
432 C CG2 . VAL A 52 ? 0.41590 0.38380 0.43885 -0.03175 -0.03244 0.06508  52 VAL A CG2 
433 N N   . LEU A 53 ? 0.45473 0.44515 0.48329 -0.03225 -0.02256 0.06550  53 LEU A N   
434 C CA  . LEU A 53 ? 0.41202 0.41337 0.44868 -0.03602 -0.02143 0.06661  53 LEU A CA  
435 C C   . LEU A 53 ? 0.38624 0.39590 0.42366 -0.03464 -0.01608 0.06641  53 LEU A C   
436 O O   . LEU A 53 ? 0.45118 0.46975 0.49490 -0.03787 -0.01470 0.06716  53 LEU A O   
437 C CB  . LEU A 53 ? 0.36633 0.36263 0.40121 -0.04105 -0.02473 0.06675  53 LEU A CB  
438 C CG  . LEU A 53 ? 0.41532 0.40607 0.45186 -0.04357 -0.03011 0.06724  53 LEU A CG  
439 C CD1 . LEU A 53 ? 0.40128 0.38885 0.43672 -0.04833 -0.03292 0.06746  53 LEU A CD1 
440 C CD2 . LEU A 53 ? 0.42157 0.42120 0.46828 -0.04387 -0.03067 0.06863  53 LEU A CD2 
441 N N   . VAL A 54 ? 0.44866 0.45564 0.47987 -0.03003 -0.01294 0.06539  54 VAL A N   
442 C CA  . VAL A 54 ? 0.47718 0.49180 0.50869 -0.02857 -0.00760 0.06517  54 VAL A CA  
443 C C   . VAL A 54 ? 0.39250 0.41071 0.42395 -0.02260 -0.00445 0.06477  54 VAL A C   
444 O O   . VAL A 54 ? 0.51225 0.52545 0.54210 -0.01953 -0.00639 0.06459  54 VAL A O   
445 C CB  . VAL A 54 ? 0.44369 0.45044 0.46553 -0.02918 -0.00628 0.06428  54 VAL A CB  
446 C CG1 . VAL A 54 ? 0.38305 0.38553 0.40428 -0.03464 -0.00965 0.06473  54 VAL A CG1 
447 C CG2 . VAL A 54 ? 0.39820 0.39250 0.40913 -0.02500 -0.00702 0.06286  54 VAL A CG2 
448 N N   . GLU A 55 ? 0.49716 0.52418 0.53039 -0.02097 0.00057  0.06466  55 GLU A N   
449 C CA  . GLU A 55 ? 0.47451 0.50629 0.50783 -0.01508 0.00416  0.06428  55 GLU A CA  
450 C C   . GLU A 55 ? 0.46217 0.49388 0.48940 -0.01306 0.00891  0.06347  55 GLU A C   
451 O O   . GLU A 55 ? 0.46435 0.49706 0.49078 -0.01678 0.01026  0.06358  55 GLU A O   
452 C CB  . GLU A 55 ? 0.46981 0.51710 0.51500 -0.01477 0.00580  0.06523  55 GLU A CB  
453 C CG  . GLU A 55 ? 0.54068 0.59963 0.59286 -0.01894 0.00857  0.06568  55 GLU A CG  
454 C CD  . GLU A 55 ? 0.84001 0.91430 0.90403 -0.01895 0.00967  0.06640  55 GLU A CD  
455 O OE1 . GLU A 55 ? 0.81063 0.88676 0.87728 -0.01531 0.00845  0.06669  55 GLU A OE1 
456 O OE2 . GLU A 55 ? 0.74561 0.82998 0.81615 -0.02261 0.01176  0.06665  55 GLU A OE2 
457 N N   . LYS A 56 ? 0.59323 0.62345 0.61590 -0.00701 0.01157  0.06271  56 LYS A N   
458 C CA  . LYS A 56 ? 0.59343 0.62448 0.61061 -0.00445 0.01655  0.06200  56 LYS A CA  
459 C C   . LYS A 56 ? 0.68011 0.72676 0.70640 -0.00660 0.02077  0.06275  56 LYS A C   
460 O O   . LYS A 56 ? 0.61434 0.67314 0.65034 -0.00588 0.02168  0.06336  56 LYS A O   
461 C CB  . LYS A 56 ? 0.58683 0.61485 0.59854 0.00288  0.01877  0.06113  56 LYS A CB  
462 C CG  . LYS A 56 ? 0.87288 0.88358 0.87209 0.00533  0.01616  0.05985  56 LYS A CG  
463 C CD  . LYS A 56 ? 1.23972 1.24792 1.23292 0.01282  0.01937  0.05890  56 LYS A CD  
464 C CE  . LYS A 56 ? 1.06412 1.05463 1.04443 0.01529  0.01682  0.05737  56 LYS A CE  
465 N NZ  . LYS A 56 ? 0.81384 0.79626 0.79450 0.01395  0.01123  0.05743  56 LYS A NZ  
466 N N   . TYR A 57 ? 0.70300 0.74909 0.72604 -0.00942 0.02327  0.06270  57 TYR A N   
467 C CA  . TYR A 57 ? 0.64088 0.70037 0.67115 -0.01173 0.02784  0.06327  57 TYR A CA  
468 C C   . TYR A 57 ? 0.61039 0.67182 0.63565 -0.00757 0.03358  0.06270  57 TYR A C   
469 O O   . TYR A 57 ? 0.72228 0.79649 0.75427 -0.00534 0.03759  0.06284  57 TYR A O   
470 C CB  . TYR A 57 ? 0.43843 0.49622 0.46926 -0.01849 0.02674  0.06388  57 TYR A CB  
471 C CG  . TYR A 57 ? 0.44425 0.51645 0.48549 -0.02247 0.02982  0.06464  57 TYR A CG  
472 C CD1 . TYR A 57 ? 0.60213 0.68669 0.65478 -0.02293 0.02930  0.06501  57 TYR A CD1 
473 C CD2 . TYR A 57 ? 0.66491 0.73803 0.70438 -0.02594 0.03315  0.06496  57 TYR A CD2 
474 C CE1 . TYR A 57 ? 0.54649 0.64417 0.60866 -0.02682 0.03191  0.06545  57 TYR A CE1 
475 C CE2 . TYR A 57 ? 0.69366 0.77957 0.74266 -0.02996 0.03598  0.06553  57 TYR A CE2 
476 C CZ  . TYR A 57 ? 0.69465 0.79286 0.75507 -0.03046 0.03525  0.06567  57 TYR A CZ  
477 O OH  . TYR A 57 ? 0.88848 0.99944 0.95844 -0.03462 0.03788  0.06602  57 TYR A OH  
478 N N   . GLY A 58 ? 1.01600 1.06507 1.02946 -0.00640 0.03399  0.06203  58 GLY A N   
479 C CA  . GLY A 58 ? 1.25994 1.30809 1.26644 -0.00169 0.03904  0.06137  58 GLY A CA  
480 C C   . GLY A 58 ? 1.03341 1.06444 1.02583 0.00110  0.03703  0.06024  58 GLY A C   
481 O O   . GLY A 58 ? 1.09945 1.12678 1.08405 0.00597  0.04044  0.05943  58 GLY A O   
# 
